data_3DPJ
#
_entry.id   3DPJ
#
_cell.length_a   60.523
_cell.length_b   93.072
_cell.length_c   93.397
_cell.angle_alpha   89.35
_cell.angle_beta   71.02
_cell.angle_gamma   71.04
#
_symmetry.space_group_name_H-M   'P 1'
#
loop_
_entity.id
_entity.type
_entity.pdbx_description
1 polymer 'Transcription regulator, TetR family'
2 non-polymer '2-(N-MORPHOLINO)-ETHANESULFONIC ACID'
3 non-polymer 1,2-ETHANEDIOL
4 water water
#
_entity_poly.entity_id   1
_entity_poly.type   'polypeptide(L)'
_entity_poly.pdbx_seq_one_letter_code
;SNA(MSE)VQAQTRDQIVAAADELFYRQGFAQTSFVDISAAVGISRGNFYYHFKTKDEILAEVIRLRLARTAQ(MSE)LA
DWQGTGDSPRARIASFIDL(MSE)I(MSE)NRAKITRYGCPVGSLCTELSKLDHAAQGQANGLFTLFRDWLQRQFAEAGC
TTEAPALA(MSE)HLLARSQGAATLAQSFHDEGFLRSEVAD(MSE)HRWLDNTLP(MSE)TT
;
_entity_poly.pdbx_strand_id   A,B,C,D,E,F,G,H
#
# COMPACT_ATOMS: atom_id res chain seq x y z
N SER A 1 61.84 39.54 -18.44
CA SER A 1 60.78 40.06 -17.58
C SER A 1 59.46 40.09 -18.34
N ASN A 2 58.45 39.45 -17.77
CA ASN A 2 57.18 39.26 -18.45
C ASN A 2 57.41 38.43 -19.70
N ALA A 3 58.42 37.57 -19.65
CA ALA A 3 58.74 36.71 -20.77
C ALA A 3 57.79 35.53 -20.80
N VAL A 5 55.16 35.33 -18.05
CA VAL A 5 53.96 35.63 -17.28
C VAL A 5 53.04 36.50 -18.11
N GLN A 6 53.55 36.97 -19.24
CA GLN A 6 52.77 37.80 -20.15
C GLN A 6 51.66 36.98 -20.82
N ALA A 7 51.86 35.67 -20.88
CA ALA A 7 50.84 34.75 -21.40
C ALA A 7 49.80 34.44 -20.34
N GLN A 8 50.14 34.69 -19.08
CA GLN A 8 49.19 34.59 -17.98
C GLN A 8 48.68 35.99 -17.65
N THR A 9 49.39 36.99 -18.14
CA THR A 9 48.92 38.37 -18.11
C THR A 9 47.76 38.43 -19.08
N ARG A 10 48.00 37.99 -20.31
CA ARG A 10 46.97 37.88 -21.34
C ARG A 10 45.71 37.16 -20.83
N ASP A 11 45.91 35.99 -20.23
CA ASP A 11 44.79 35.22 -19.71
C ASP A 11 43.93 36.04 -18.76
N GLN A 12 44.60 36.81 -17.89
CA GLN A 12 43.91 37.69 -16.94
C GLN A 12 42.97 38.65 -17.67
N ILE A 13 43.39 39.11 -18.85
CA ILE A 13 42.57 39.94 -19.73
C ILE A 13 41.37 39.17 -20.30
N VAL A 14 41.63 38.02 -20.90
CA VAL A 14 40.56 37.22 -21.47
C VAL A 14 39.64 36.73 -20.38
N ALA A 15 40.21 36.41 -19.22
CA ALA A 15 39.39 36.01 -18.09
C ALA A 15 38.55 37.19 -17.60
N ALA A 16 39.19 38.33 -17.31
CA ALA A 16 38.47 39.55 -16.96
C ALA A 16 37.35 39.92 -17.95
N ALA A 17 37.65 39.85 -19.24
CA ALA A 17 36.69 40.15 -20.30
C ALA A 17 35.54 39.14 -20.32
N ASP A 18 35.87 37.87 -20.12
CA ASP A 18 34.85 36.82 -20.03
C ASP A 18 33.69 37.26 -19.13
N GLU A 19 34.02 37.62 -17.89
CA GLU A 19 33.00 37.98 -16.89
C GLU A 19 32.27 39.28 -17.24
N LEU A 20 33.04 40.30 -17.63
CA LEU A 20 32.49 41.63 -17.99
C LEU A 20 31.58 41.56 -19.20
N PHE A 21 31.99 40.78 -20.20
CA PHE A 21 31.16 40.59 -21.39
C PHE A 21 29.81 40.03 -20.97
N TYR A 22 29.82 39.09 -20.03
CA TYR A 22 28.58 38.44 -19.56
C TYR A 22 27.71 39.40 -18.79
N ARG A 23 28.30 40.08 -17.80
CA ARG A 23 27.53 41.00 -16.95
C ARG A 23 27.03 42.24 -17.70
N GLN A 24 27.89 42.80 -18.55
CA GLN A 24 27.65 44.07 -19.23
C GLN A 24 27.18 43.94 -20.69
N GLY A 25 27.61 42.87 -21.36
CA GLY A 25 27.47 42.77 -22.80
C GLY A 25 28.82 43.01 -23.47
N PHE A 26 28.92 42.65 -24.75
CA PHE A 26 30.18 42.77 -25.48
C PHE A 26 30.36 44.19 -26.01
N ALA A 27 29.33 44.70 -26.68
CA ALA A 27 29.32 46.09 -27.10
C ALA A 27 29.64 47.09 -25.97
N GLN A 28 29.06 46.89 -24.79
CA GLN A 28 29.24 47.82 -23.66
C GLN A 28 30.62 47.81 -23.03
N THR A 29 31.23 46.64 -22.96
CA THR A 29 32.52 46.50 -22.32
C THR A 29 33.59 47.18 -23.18
N SER A 30 34.16 48.27 -22.64
CA SER A 30 35.14 49.05 -23.38
C SER A 30 36.52 48.56 -23.00
N PHE A 31 37.53 48.91 -23.82
CA PHE A 31 38.92 48.64 -23.46
C PHE A 31 39.23 49.16 -22.05
N VAL A 32 38.68 50.33 -21.71
CA VAL A 32 38.89 50.91 -20.37
C VAL A 32 38.35 49.98 -19.29
N ASP A 33 37.11 49.54 -19.46
CA ASP A 33 36.53 48.55 -18.55
C ASP A 33 37.53 47.43 -18.30
N ILE A 34 37.99 46.78 -19.36
CA ILE A 34 38.84 45.59 -19.21
C ILE A 34 40.24 45.91 -18.67
N SER A 35 40.78 47.09 -19.00
CA SER A 35 42.10 47.48 -18.51
C SER A 35 42.05 47.90 -17.04
N ALA A 36 40.95 48.52 -16.64
CA ALA A 36 40.70 48.88 -15.24
C ALA A 36 40.47 47.63 -14.39
N ALA A 37 39.82 46.63 -14.97
CA ALA A 37 39.61 45.37 -14.29
C ALA A 37 40.96 44.68 -14.02
N VAL A 38 41.74 44.48 -15.08
CA VAL A 38 43.03 43.80 -14.94
C VAL A 38 44.05 44.66 -14.19
N GLY A 39 43.93 45.97 -14.34
CA GLY A 39 44.81 46.89 -13.65
C GLY A 39 46.21 46.89 -14.23
N ILE A 40 46.31 47.23 -15.52
CA ILE A 40 47.60 47.31 -16.18
C ILE A 40 47.78 48.60 -16.98
N SER A 41 49.00 48.85 -17.42
CA SER A 41 49.28 50.01 -18.23
C SER A 41 48.60 49.94 -19.59
N ARG A 42 48.31 51.12 -20.15
CA ARG A 42 47.78 51.25 -21.50
C ARG A 42 48.64 50.43 -22.44
N GLY A 43 49.96 50.57 -22.27
CA GLY A 43 50.92 49.95 -23.16
C GLY A 43 51.00 48.45 -23.05
N ASN A 44 50.83 47.94 -21.83
CA ASN A 44 50.89 46.50 -21.64
C ASN A 44 49.63 45.78 -22.14
N PHE A 45 48.48 46.43 -22.01
CA PHE A 45 47.23 45.85 -22.49
C PHE A 45 47.28 45.74 -24.01
N TYR A 46 47.75 46.81 -24.64
CA TYR A 46 47.74 46.89 -26.09
C TYR A 46 48.73 45.92 -26.79
N TYR A 47 49.68 45.39 -26.04
CA TYR A 47 50.59 44.40 -26.61
C TYR A 47 49.84 43.11 -26.94
N HIS A 48 48.86 42.76 -26.11
CA HIS A 48 48.15 41.50 -26.29
C HIS A 48 47.02 41.59 -27.33
N PHE A 49 46.11 42.55 -27.14
CA PHE A 49 45.01 42.72 -28.09
C PHE A 49 44.84 44.13 -28.62
N LYS A 50 44.51 44.21 -29.89
CA LYS A 50 44.35 45.49 -30.55
C LYS A 50 42.86 45.84 -30.67
N THR A 51 42.04 44.84 -30.95
CA THR A 51 40.61 45.08 -31.15
C THR A 51 39.75 44.46 -30.06
N LYS A 52 38.51 44.93 -29.98
CA LYS A 52 37.47 44.30 -29.21
C LYS A 52 37.23 42.92 -29.81
N ASP A 53 37.37 42.85 -31.13
CA ASP A 53 37.13 41.60 -31.86
C ASP A 53 38.11 40.52 -31.47
N GLU A 54 39.38 40.88 -31.38
CA GLU A 54 40.42 39.91 -31.03
C GLU A 54 40.16 39.33 -29.67
N ILE A 55 39.72 40.19 -28.74
CA ILE A 55 39.50 39.77 -27.37
C ILE A 55 38.27 38.84 -27.26
N LEU A 56 37.21 39.22 -27.96
CA LEU A 56 36.01 38.38 -28.04
C LEU A 56 36.39 37.00 -28.55
N ALA A 57 36.99 36.94 -29.74
CA ALA A 57 37.38 35.67 -30.31
C ALA A 57 38.09 34.78 -29.28
N GLU A 58 38.84 35.40 -28.36
CA GLU A 58 39.55 34.65 -27.31
C GLU A 58 38.61 34.24 -26.18
N VAL A 59 37.71 35.14 -25.82
CA VAL A 59 36.69 34.86 -24.82
C VAL A 59 35.97 33.57 -25.17
N ILE A 60 35.55 33.46 -26.43
CA ILE A 60 34.73 32.33 -26.87
C ILE A 60 35.42 30.97 -26.77
N ARG A 61 36.70 30.92 -27.12
CA ARG A 61 37.46 29.67 -27.01
C ARG A 61 37.58 29.30 -25.54
N LEU A 62 37.91 30.29 -24.73
CA LEU A 62 37.97 30.14 -23.29
C LEU A 62 36.64 29.58 -22.76
N ARG A 63 35.53 30.16 -23.21
CA ARG A 63 34.18 29.65 -22.88
C ARG A 63 33.97 28.26 -23.46
N LEU A 64 34.29 28.10 -24.74
CA LEU A 64 34.15 26.82 -25.41
C LEU A 64 34.98 25.77 -24.67
N ALA A 65 36.10 26.20 -24.11
CA ALA A 65 36.96 25.36 -23.27
C ALA A 65 36.29 25.03 -21.93
N ARG A 66 36.06 26.04 -21.11
CA ARG A 66 35.37 25.87 -19.84
C ARG A 66 34.17 24.96 -19.99
N THR A 67 33.45 25.15 -21.10
CA THR A 67 32.16 24.50 -21.36
C THR A 67 32.25 23.01 -21.66
N ALA A 68 33.04 22.64 -22.66
CA ALA A 68 33.27 21.23 -22.94
C ALA A 68 33.87 20.61 -21.67
N GLN A 69 34.67 21.40 -20.98
CA GLN A 69 35.19 21.03 -19.66
C GLN A 69 34.04 20.80 -18.67
N LEU A 71 30.42 20.11 -19.66
CA LEU A 71 29.70 18.95 -20.16
C LEU A 71 30.37 17.65 -19.72
N ALA A 72 31.62 17.46 -20.13
CA ALA A 72 32.35 16.23 -19.84
C ALA A 72 32.36 15.91 -18.35
N ASP A 73 32.50 16.95 -17.52
CA ASP A 73 32.54 16.78 -16.07
C ASP A 73 31.15 16.46 -15.51
N TRP A 74 30.11 16.71 -16.32
CA TRP A 74 28.76 16.21 -16.04
C TRP A 74 28.75 14.71 -16.29
N GLN A 75 29.53 14.27 -17.28
CA GLN A 75 29.57 12.88 -17.66
C GLN A 75 30.15 12.02 -16.52
N GLY A 76 31.42 12.22 -16.21
CA GLY A 76 32.08 11.49 -15.13
C GLY A 76 31.31 11.57 -13.84
N THR A 77 30.66 12.71 -13.61
CA THR A 77 29.83 12.90 -12.43
C THR A 77 28.37 12.58 -12.79
N GLY A 78 28.20 11.80 -13.85
CA GLY A 78 26.90 11.36 -14.29
C GLY A 78 26.80 9.85 -14.26
N ASP A 79 25.78 9.35 -13.59
CA ASP A 79 25.59 7.91 -13.43
C ASP A 79 24.91 7.29 -14.64
N SER A 80 24.09 8.10 -15.32
CA SER A 80 23.38 7.65 -16.50
C SER A 80 22.85 8.88 -17.24
N PRO A 81 22.66 8.75 -18.56
CA PRO A 81 22.25 9.88 -19.40
C PRO A 81 21.07 10.65 -18.81
N ARG A 82 19.97 9.95 -18.50
CA ARG A 82 18.84 10.57 -17.81
C ARG A 82 19.31 11.70 -16.89
N ALA A 83 19.99 11.34 -15.81
CA ALA A 83 20.39 12.31 -14.80
C ALA A 83 21.40 13.34 -15.33
N ARG A 84 22.01 13.00 -16.47
CA ARG A 84 23.01 13.87 -17.07
C ARG A 84 22.33 14.99 -17.88
N ILE A 85 21.43 14.62 -18.78
CA ILE A 85 20.52 15.58 -19.39
C ILE A 85 19.90 16.46 -18.33
N ALA A 86 19.36 15.83 -17.28
CA ALA A 86 18.70 16.56 -16.20
C ALA A 86 19.70 17.40 -15.45
N SER A 87 20.97 17.13 -15.67
CA SER A 87 22.04 18.03 -15.23
C SER A 87 22.08 19.28 -16.12
N PHE A 88 21.92 19.10 -17.42
CA PHE A 88 21.70 20.23 -18.33
C PHE A 88 20.57 21.11 -17.82
N ILE A 89 19.48 20.47 -17.38
CA ILE A 89 18.28 21.16 -16.93
C ILE A 89 18.53 21.97 -15.66
N ASP A 90 19.05 21.29 -14.65
CA ASP A 90 19.24 21.87 -13.31
C ASP A 90 20.22 23.02 -13.24
N LEU A 91 21.12 23.09 -14.21
CA LEU A 91 22.07 24.19 -14.30
C LEU A 91 21.34 25.52 -14.15
N ILE A 93 18.81 25.98 -12.41
CA ILE A 93 18.45 26.15 -10.99
C ILE A 93 19.65 26.70 -10.19
N ASN A 95 22.31 28.32 -11.26
CA ASN A 95 22.74 29.65 -11.68
C ASN A 95 21.56 30.62 -11.78
N ARG A 96 20.45 30.27 -11.14
CA ARG A 96 19.17 30.97 -11.35
C ARG A 96 19.23 32.47 -11.06
N ALA A 97 20.08 32.84 -10.11
CA ALA A 97 20.24 34.25 -9.77
C ALA A 97 20.94 34.98 -10.91
N LYS A 98 22.12 34.50 -11.28
CA LYS A 98 22.87 35.11 -12.36
C LYS A 98 22.04 35.10 -13.63
N ILE A 99 21.50 33.92 -13.96
CA ILE A 99 20.67 33.81 -15.15
C ILE A 99 19.54 34.84 -15.09
N THR A 100 18.88 34.96 -13.93
CA THR A 100 17.81 35.94 -13.77
C THR A 100 18.31 37.39 -13.95
N ARG A 101 19.55 37.65 -13.52
CA ARG A 101 20.13 38.99 -13.65
C ARG A 101 20.70 39.31 -15.03
N TYR A 102 21.54 38.40 -15.53
CA TYR A 102 22.31 38.66 -16.74
C TYR A 102 21.85 37.84 -17.94
N GLY A 103 20.83 37.01 -17.72
CA GLY A 103 20.41 36.07 -18.73
C GLY A 103 21.35 34.89 -18.87
N CYS A 104 20.96 33.94 -19.71
CA CYS A 104 21.80 32.79 -20.03
C CYS A 104 23.11 33.30 -20.64
N PRO A 105 24.26 32.83 -20.12
CA PRO A 105 25.54 33.31 -20.67
C PRO A 105 25.69 32.99 -22.15
N VAL A 106 25.05 31.91 -22.58
CA VAL A 106 25.20 31.45 -23.95
C VAL A 106 24.25 32.14 -24.93
N GLY A 107 22.97 32.19 -24.60
CA GLY A 107 22.00 32.82 -25.48
C GLY A 107 22.08 34.34 -25.52
N SER A 108 22.51 34.97 -24.43
CA SER A 108 22.61 36.42 -24.51
C SER A 108 23.74 36.85 -25.47
N LEU A 109 24.87 36.16 -25.50
CA LEU A 109 25.91 36.59 -26.45
C LEU A 109 25.38 36.35 -27.84
N CYS A 110 24.89 35.14 -28.09
CA CYS A 110 24.46 34.75 -29.46
C CYS A 110 23.42 35.71 -30.06
N THR A 111 22.48 36.21 -29.24
CA THR A 111 21.47 37.18 -29.72
C THR A 111 21.98 38.61 -29.85
N GLU A 112 23.01 38.96 -29.09
CA GLU A 112 23.60 40.28 -29.28
C GLU A 112 24.39 40.25 -30.57
N LEU A 113 25.23 39.24 -30.74
CA LEU A 113 26.12 39.23 -31.90
C LEU A 113 25.28 39.13 -33.15
N SER A 114 24.13 38.47 -33.02
CA SER A 114 23.18 38.39 -34.11
C SER A 114 22.61 39.77 -34.41
N LYS A 115 22.16 40.45 -33.35
CA LYS A 115 21.58 41.77 -33.55
C LYS A 115 22.65 42.74 -34.03
N LEU A 116 23.88 42.57 -33.53
CA LEU A 116 25.02 43.35 -34.00
C LEU A 116 25.48 42.85 -35.36
N ASP A 117 24.79 41.84 -35.89
CA ASP A 117 25.30 41.14 -37.06
C ASP A 117 26.83 41.12 -37.02
N HIS A 118 27.37 40.25 -36.17
CA HIS A 118 28.78 40.25 -35.88
C HIS A 118 29.46 39.00 -36.43
N ALA A 119 30.71 39.16 -36.87
CA ALA A 119 31.51 38.06 -37.36
C ALA A 119 31.41 36.87 -36.43
N ALA A 120 31.89 37.09 -35.21
CA ALA A 120 31.95 36.08 -34.18
C ALA A 120 30.61 35.35 -33.96
N GLN A 121 29.59 35.68 -34.76
CA GLN A 121 28.28 35.00 -34.68
C GLN A 121 28.36 33.47 -34.61
N GLY A 122 28.54 32.86 -35.77
CA GLY A 122 28.52 31.41 -35.88
C GLY A 122 29.56 30.74 -35.02
N GLN A 123 30.56 31.49 -34.59
CA GLN A 123 31.58 30.95 -33.74
C GLN A 123 31.03 30.87 -32.32
N ALA A 124 30.32 31.92 -31.93
CA ALA A 124 29.62 31.96 -30.65
C ALA A 124 28.49 30.92 -30.61
N ASN A 125 27.79 30.77 -31.74
CA ASN A 125 26.72 29.78 -31.80
C ASN A 125 27.28 28.36 -31.77
N GLY A 126 28.61 28.25 -31.89
CA GLY A 126 29.27 26.99 -31.65
C GLY A 126 29.05 26.56 -30.21
N LEU A 127 28.84 27.54 -29.33
CA LEU A 127 28.49 27.29 -27.93
C LEU A 127 27.18 26.53 -27.80
N PHE A 128 26.16 26.89 -28.57
CA PHE A 128 24.93 26.08 -28.58
C PHE A 128 25.15 24.66 -29.09
N THR A 129 26.00 24.50 -30.11
CA THR A 129 26.18 23.17 -30.73
C THR A 129 26.90 22.16 -29.83
N LEU A 130 27.58 22.65 -28.80
CA LEU A 130 28.19 21.76 -27.81
C LEU A 130 27.10 21.13 -26.96
N PHE A 131 26.02 21.86 -26.79
CA PHE A 131 24.87 21.35 -26.06
C PHE A 131 24.06 20.45 -26.99
N ARG A 132 23.64 21.04 -28.11
CA ARG A 132 22.82 20.36 -29.08
C ARG A 132 23.24 18.90 -29.31
N ASP A 133 24.47 18.58 -28.95
CA ASP A 133 25.01 17.27 -29.30
C ASP A 133 25.35 16.38 -28.12
N TRP A 134 25.86 16.97 -27.05
CA TRP A 134 26.01 16.24 -25.81
C TRP A 134 24.60 15.96 -25.30
N LEU A 135 23.65 16.75 -25.77
CA LEU A 135 22.25 16.53 -25.46
C LEU A 135 21.68 15.48 -26.41
N GLN A 136 22.30 15.34 -27.58
CA GLN A 136 21.96 14.23 -28.48
C GLN A 136 22.57 12.91 -27.98
N ARG A 137 23.89 12.88 -27.88
CA ARG A 137 24.62 11.74 -27.31
C ARG A 137 24.02 11.34 -25.97
N GLN A 138 23.31 12.25 -25.32
CA GLN A 138 22.66 11.93 -24.06
C GLN A 138 21.31 11.25 -24.27
N PHE A 139 20.48 11.82 -25.12
CA PHE A 139 19.17 11.21 -25.37
C PHE A 139 19.34 9.86 -26.04
N ALA A 140 20.41 9.71 -26.83
CA ALA A 140 20.66 8.48 -27.59
C ALA A 140 21.21 7.35 -26.72
N GLU A 141 22.39 7.58 -26.14
CA GLU A 141 23.02 6.63 -25.24
C GLU A 141 22.04 6.26 -24.12
N ALA A 142 20.99 7.08 -23.99
CA ALA A 142 19.91 6.80 -23.03
C ALA A 142 18.74 6.00 -23.63
N GLY A 143 18.83 5.68 -24.92
CA GLY A 143 17.79 4.92 -25.57
C GLY A 143 17.10 5.65 -26.71
N CYS A 144 17.05 6.98 -26.62
CA CYS A 144 16.43 7.78 -27.67
C CYS A 144 17.47 8.17 -28.71
N THR A 145 18.18 7.15 -29.19
CA THR A 145 19.14 7.27 -30.28
C THR A 145 18.55 7.98 -31.51
N THR A 146 17.42 7.46 -31.98
CA THR A 146 16.77 7.93 -33.20
C THR A 146 16.49 9.42 -33.20
N GLU A 147 15.86 9.86 -32.12
CA GLU A 147 15.39 11.24 -32.02
C GLU A 147 16.36 12.13 -31.27
N ALA A 148 17.61 11.69 -31.12
CA ALA A 148 18.60 12.38 -30.27
C ALA A 148 18.97 13.83 -30.63
N PRO A 149 19.43 14.09 -31.88
CA PRO A 149 19.65 15.49 -32.23
C PRO A 149 18.38 16.38 -32.12
N ALA A 150 17.20 15.77 -32.31
CA ALA A 150 15.93 16.50 -32.23
C ALA A 150 15.55 16.88 -30.79
N LEU A 151 15.64 15.90 -29.90
CA LEU A 151 15.38 16.10 -28.48
C LEU A 151 16.32 17.17 -27.91
N ALA A 152 17.57 17.14 -28.32
CA ALA A 152 18.55 18.10 -27.85
C ALA A 152 18.08 19.52 -28.14
N HIS A 154 15.04 20.79 -28.84
CA HIS A 154 13.87 21.19 -28.08
C HIS A 154 14.24 21.47 -26.63
N LEU A 155 14.99 20.57 -26.00
CA LEU A 155 15.45 20.84 -24.65
C LEU A 155 16.13 22.20 -24.65
N LEU A 156 17.10 22.37 -25.55
CA LEU A 156 17.89 23.60 -25.62
C LEU A 156 17.01 24.83 -25.76
N ALA A 157 15.98 24.71 -26.59
CA ALA A 157 15.10 25.84 -26.86
C ALA A 157 14.27 26.14 -25.64
N ARG A 158 13.83 25.08 -24.96
CA ARG A 158 13.03 25.21 -23.75
C ARG A 158 13.82 25.96 -22.67
N SER A 159 15.14 25.77 -22.71
CA SER A 159 16.00 26.41 -21.74
C SER A 159 16.19 27.89 -22.09
N GLN A 160 16.08 28.20 -23.37
CA GLN A 160 16.18 29.59 -23.82
C GLN A 160 14.91 30.40 -23.56
N GLY A 161 13.76 29.77 -23.79
CA GLY A 161 12.46 30.32 -23.43
C GLY A 161 12.34 30.66 -21.94
N ALA A 162 12.71 29.71 -21.09
CA ALA A 162 12.76 29.93 -19.64
C ALA A 162 13.68 31.11 -19.24
N ALA A 163 14.93 31.10 -19.71
CA ALA A 163 15.87 32.17 -19.40
C ALA A 163 15.40 33.56 -19.83
N THR A 164 14.82 33.66 -21.03
CA THR A 164 14.42 34.97 -21.55
C THR A 164 13.33 35.63 -20.73
N LEU A 165 12.33 34.85 -20.33
CA LEU A 165 11.21 35.40 -19.56
C LEU A 165 11.66 35.62 -18.11
N ALA A 166 12.39 34.67 -17.56
CA ALA A 166 12.97 34.84 -16.24
C ALA A 166 13.77 36.13 -16.19
N GLN A 167 14.72 36.28 -17.11
CA GLN A 167 15.52 37.50 -17.20
C GLN A 167 14.68 38.76 -17.46
N SER A 168 13.80 38.71 -18.46
CA SER A 168 13.03 39.89 -18.81
C SER A 168 12.09 40.32 -17.67
N PHE A 169 11.55 39.32 -16.96
CA PHE A 169 10.66 39.57 -15.81
C PHE A 169 11.48 39.68 -14.53
N HIS A 170 12.75 39.27 -14.62
CA HIS A 170 13.62 39.06 -13.44
C HIS A 170 12.94 38.21 -12.33
N ASP A 171 12.61 36.97 -12.67
CA ASP A 171 11.83 36.06 -11.80
C ASP A 171 12.47 34.67 -11.70
N GLU A 172 13.16 34.43 -10.60
CA GLU A 172 13.81 33.15 -10.37
C GLU A 172 12.78 32.02 -10.25
N GLY A 173 11.55 32.38 -9.88
CA GLY A 173 10.47 31.43 -9.67
C GLY A 173 9.93 30.87 -10.96
N PHE A 174 9.81 31.72 -11.99
CA PHE A 174 9.41 31.27 -13.31
C PHE A 174 10.51 30.37 -13.87
N LEU A 175 11.75 30.72 -13.52
CA LEU A 175 12.91 29.94 -13.90
C LEU A 175 12.83 28.56 -13.27
N ARG A 176 12.37 28.51 -12.03
CA ARG A 176 12.22 27.26 -11.31
C ARG A 176 11.09 26.38 -11.87
N SER A 177 9.91 26.96 -12.00
CA SER A 177 8.74 26.20 -12.44
C SER A 177 8.95 25.62 -13.84
N GLU A 178 9.79 26.27 -14.63
CA GLU A 178 10.16 25.78 -15.96
C GLU A 178 11.18 24.64 -15.87
N VAL A 179 12.15 24.75 -14.97
CA VAL A 179 13.18 23.72 -14.79
C VAL A 179 12.52 22.44 -14.32
N ALA A 180 11.75 22.56 -13.23
CA ALA A 180 11.00 21.44 -12.68
C ALA A 180 10.16 20.80 -13.79
N ASP A 181 9.57 21.62 -14.65
CA ASP A 181 8.76 21.15 -15.77
C ASP A 181 9.57 20.46 -16.88
N HIS A 183 12.48 18.56 -16.19
CA HIS A 183 12.75 17.25 -15.61
C HIS A 183 11.52 16.37 -15.77
N ARG A 184 10.35 17.02 -15.84
CA ARG A 184 9.06 16.34 -15.95
C ARG A 184 8.79 15.91 -17.39
N TRP A 185 8.93 16.88 -18.30
CA TRP A 185 8.93 16.62 -19.74
C TRP A 185 9.84 15.44 -20.11
N LEU A 186 11.10 15.56 -19.69
CA LEU A 186 12.13 14.59 -20.00
C LEU A 186 11.72 13.18 -19.58
N ASP A 187 11.61 12.96 -18.27
CA ASP A 187 11.27 11.64 -17.79
C ASP A 187 9.97 11.11 -18.40
N ASN A 188 9.12 12.01 -18.87
CA ASN A 188 7.89 11.65 -19.58
C ASN A 188 8.14 11.34 -21.06
N THR A 189 9.28 11.77 -21.58
CA THR A 189 9.63 11.57 -22.97
C THR A 189 10.48 10.31 -23.14
N LEU A 190 11.29 10.03 -22.13
CA LEU A 190 12.18 8.88 -22.15
C LEU A 190 11.53 7.61 -21.64
N PRO A 191 11.61 6.53 -22.43
CA PRO A 191 11.31 5.18 -21.97
C PRO A 191 11.99 4.90 -20.64
N THR A 193 14.55 2.66 -18.38
CA THR A 193 15.62 1.67 -18.35
C THR A 193 16.56 1.89 -17.19
N THR A 194 17.17 0.81 -16.73
CA THR A 194 18.00 0.82 -15.55
C THR A 194 19.09 -0.24 -15.68
N VAL B 5 2.59 72.27 -39.26
CA VAL B 5 2.72 71.46 -38.06
C VAL B 5 3.96 70.57 -38.08
N GLN B 6 5.09 71.15 -37.68
CA GLN B 6 6.26 70.37 -37.33
C GLN B 6 5.86 69.58 -36.08
N ALA B 7 4.78 68.82 -36.23
CA ALA B 7 4.06 68.21 -35.10
C ALA B 7 3.82 66.71 -35.26
N GLN B 8 3.07 66.31 -36.28
CA GLN B 8 2.85 64.89 -36.54
C GLN B 8 4.04 64.29 -37.28
N THR B 9 4.93 65.16 -37.75
CA THR B 9 6.22 64.75 -38.31
C THR B 9 7.03 64.03 -37.23
N ARG B 10 6.87 64.50 -36.00
CA ARG B 10 7.52 63.93 -34.84
C ARG B 10 7.21 62.43 -34.67
N ASP B 11 5.92 62.10 -34.65
CA ASP B 11 5.52 60.72 -34.48
C ASP B 11 6.14 59.81 -35.54
N GLN B 12 6.49 60.39 -36.68
CA GLN B 12 7.04 59.63 -37.81
C GLN B 12 8.43 59.08 -37.55
N ILE B 13 9.20 59.78 -36.73
CA ILE B 13 10.58 59.40 -36.45
C ILE B 13 10.65 58.41 -35.31
N VAL B 14 9.56 58.32 -34.55
CA VAL B 14 9.46 57.31 -33.52
C VAL B 14 9.23 55.98 -34.22
N ALA B 15 8.72 56.07 -35.44
CA ALA B 15 8.49 54.87 -36.23
C ALA B 15 9.78 54.46 -36.95
N ALA B 16 10.61 55.43 -37.30
CA ALA B 16 11.93 55.13 -37.85
C ALA B 16 12.89 54.66 -36.75
N ALA B 17 12.69 55.17 -35.53
CA ALA B 17 13.37 54.67 -34.35
C ALA B 17 12.88 53.25 -34.06
N ASP B 18 11.56 53.07 -34.09
CA ASP B 18 10.95 51.75 -33.92
C ASP B 18 11.59 50.72 -34.83
N GLU B 19 11.59 51.00 -36.13
CA GLU B 19 12.15 50.06 -37.09
C GLU B 19 13.65 49.91 -36.87
N LEU B 20 14.32 51.01 -36.59
CA LEU B 20 15.77 51.00 -36.40
C LEU B 20 16.15 50.21 -35.15
N PHE B 21 15.39 50.39 -34.08
CA PHE B 21 15.70 49.67 -32.87
C PHE B 21 15.50 48.15 -33.02
N TYR B 22 14.49 47.72 -33.77
CA TYR B 22 14.26 46.29 -33.99
C TYR B 22 15.34 45.67 -34.87
N ARG B 23 15.69 46.35 -35.96
CA ARG B 23 16.63 45.81 -36.94
C ARG B 23 18.10 46.02 -36.54
N GLN B 24 18.34 47.02 -35.70
CA GLN B 24 19.70 47.36 -35.26
C GLN B 24 20.02 47.06 -33.77
N GLY B 25 19.03 47.17 -32.90
CA GLY B 25 19.25 47.18 -31.46
C GLY B 25 19.17 48.62 -30.99
N PHE B 26 18.96 48.83 -29.70
CA PHE B 26 18.75 50.19 -29.19
C PHE B 26 20.03 51.04 -29.10
N ALA B 27 21.08 50.49 -28.49
CA ALA B 27 22.29 51.26 -28.19
C ALA B 27 23.20 51.44 -29.41
N GLN B 28 23.12 50.53 -30.37
CA GLN B 28 23.93 50.63 -31.57
C GLN B 28 23.23 51.45 -32.65
N THR B 29 22.07 52.00 -32.33
CA THR B 29 21.37 52.89 -33.25
C THR B 29 21.59 54.34 -32.84
N SER B 30 22.03 55.18 -33.78
CA SER B 30 22.37 56.58 -33.46
C SER B 30 21.33 57.58 -33.95
N PHE B 31 21.55 58.85 -33.63
CA PHE B 31 20.65 59.92 -34.06
C PHE B 31 20.73 60.14 -35.55
N VAL B 32 21.95 60.13 -36.09
CA VAL B 32 22.13 60.18 -37.54
C VAL B 32 21.35 59.06 -38.26
N ASP B 33 21.44 57.83 -37.75
CA ASP B 33 20.63 56.73 -38.27
C ASP B 33 19.17 57.14 -38.42
N ILE B 34 18.58 57.56 -37.32
CA ILE B 34 17.17 57.90 -37.28
C ILE B 34 16.86 59.19 -38.06
N SER B 35 17.76 60.16 -38.01
CA SER B 35 17.56 61.43 -38.72
C SER B 35 17.80 61.31 -40.23
N ALA B 36 18.69 60.39 -40.61
CA ALA B 36 18.97 60.13 -42.03
C ALA B 36 17.82 59.36 -42.68
N ALA B 37 17.09 58.62 -41.86
CA ALA B 37 15.98 57.79 -42.34
C ALA B 37 14.77 58.60 -42.82
N VAL B 38 14.36 59.57 -42.02
CA VAL B 38 13.24 60.44 -42.39
C VAL B 38 13.73 61.63 -43.23
N GLY B 39 15.03 61.93 -43.09
CA GLY B 39 15.60 63.08 -43.76
C GLY B 39 15.36 64.36 -42.99
N ILE B 40 16.27 64.66 -42.07
CA ILE B 40 16.21 65.90 -41.30
C ILE B 40 17.58 66.34 -40.77
N SER B 41 17.78 67.66 -40.77
CA SER B 41 18.98 68.24 -40.21
C SER B 41 19.01 67.99 -38.69
N ARG B 42 20.16 68.24 -38.07
CA ARG B 42 20.32 68.06 -36.64
C ARG B 42 19.41 69.05 -35.92
N GLY B 43 19.36 70.27 -36.42
CA GLY B 43 18.41 71.24 -35.92
C GLY B 43 16.99 70.70 -36.03
N ASN B 44 16.61 70.28 -37.24
CA ASN B 44 15.29 69.74 -37.44
C ASN B 44 15.03 68.54 -36.54
N PHE B 45 16.06 67.71 -36.34
CA PHE B 45 15.94 66.53 -35.48
C PHE B 45 15.90 66.95 -34.01
N TYR B 46 16.97 67.60 -33.57
CA TYR B 46 17.11 68.02 -32.18
C TYR B 46 15.92 68.84 -31.67
N TYR B 47 15.01 69.19 -32.58
CA TYR B 47 13.78 69.93 -32.29
C TYR B 47 12.76 69.10 -31.46
N HIS B 48 12.70 67.79 -31.71
CA HIS B 48 11.71 66.94 -31.03
C HIS B 48 12.29 66.03 -29.94
N PHE B 49 13.57 65.71 -30.03
CA PHE B 49 14.18 64.82 -29.07
C PHE B 49 15.60 65.20 -28.78
N LYS B 50 15.96 65.18 -27.51
CA LYS B 50 17.31 65.52 -27.12
C LYS B 50 18.12 64.28 -26.70
N THR B 51 17.42 63.17 -26.45
CA THR B 51 18.10 61.91 -26.13
C THR B 51 17.51 60.64 -26.75
N LYS B 52 18.36 59.65 -26.90
CA LYS B 52 17.95 58.32 -27.31
C LYS B 52 16.95 57.77 -26.32
N ASP B 53 17.15 58.08 -25.04
CA ASP B 53 16.26 57.56 -24.02
C ASP B 53 14.83 58.10 -24.22
N GLU B 54 14.72 59.36 -24.61
CA GLU B 54 13.42 59.93 -24.97
C GLU B 54 12.80 59.21 -26.17
N ILE B 55 13.60 58.96 -27.20
CA ILE B 55 13.09 58.33 -28.41
C ILE B 55 12.58 56.94 -28.04
N LEU B 56 13.40 56.20 -27.28
CA LEU B 56 13.03 54.85 -26.82
C LEU B 56 11.64 54.84 -26.22
N ALA B 57 11.46 55.57 -25.13
CA ALA B 57 10.18 55.64 -24.41
C ALA B 57 8.99 55.82 -25.36
N GLU B 58 9.20 56.60 -26.42
CA GLU B 58 8.17 56.82 -27.43
C GLU B 58 7.93 55.59 -28.31
N VAL B 59 9.02 54.96 -28.74
CA VAL B 59 8.87 53.73 -29.48
C VAL B 59 8.08 52.74 -28.63
N ILE B 60 8.48 52.58 -27.36
CA ILE B 60 7.85 51.61 -26.49
C ILE B 60 6.35 51.88 -26.29
N ARG B 61 5.97 53.15 -26.17
CA ARG B 61 4.55 53.54 -26.16
C ARG B 61 3.92 53.07 -27.45
N LEU B 62 4.58 53.45 -28.54
CA LEU B 62 4.16 53.13 -29.89
C LEU B 62 4.00 51.61 -30.09
N ARG B 63 5.02 50.85 -29.67
CA ARG B 63 4.98 49.39 -29.77
C ARG B 63 3.85 48.81 -28.94
N LEU B 64 3.67 49.38 -27.75
CA LEU B 64 2.66 48.93 -26.81
C LEU B 64 1.28 49.01 -27.41
N ALA B 65 0.96 50.17 -27.99
CA ALA B 65 -0.33 50.38 -28.65
C ALA B 65 -0.44 49.60 -29.96
N ARG B 66 0.69 49.45 -30.67
CA ARG B 66 0.71 48.62 -31.86
C ARG B 66 0.32 47.19 -31.54
N THR B 67 0.94 46.67 -30.48
CA THR B 67 0.68 45.30 -29.99
C THR B 67 -0.72 45.12 -29.39
N ALA B 68 -1.25 46.19 -28.81
CA ALA B 68 -2.62 46.16 -28.32
C ALA B 68 -3.55 45.82 -29.48
N GLN B 69 -3.59 46.73 -30.45
CA GLN B 69 -4.38 46.58 -31.68
C GLN B 69 -4.26 45.17 -32.26
N LEU B 71 -3.35 42.09 -30.85
CA LEU B 71 -4.15 41.19 -30.04
C LEU B 71 -5.63 41.42 -30.33
N ALA B 72 -6.04 42.68 -30.39
CA ALA B 72 -7.44 43.00 -30.68
C ALA B 72 -7.90 42.43 -32.00
N ASP B 73 -7.18 42.74 -33.07
CA ASP B 73 -7.55 42.29 -34.40
C ASP B 73 -7.47 40.76 -34.55
N TRP B 74 -6.56 40.12 -33.82
CA TRP B 74 -6.54 38.67 -33.71
C TRP B 74 -7.89 38.26 -33.15
N GLN B 75 -8.38 39.03 -32.19
CA GLN B 75 -9.65 38.78 -31.55
C GLN B 75 -10.82 38.72 -32.57
N GLY B 76 -10.74 39.56 -33.60
CA GLY B 76 -11.73 39.55 -34.66
C GLY B 76 -11.45 38.56 -35.80
N THR B 77 -10.56 37.60 -35.59
CA THR B 77 -10.26 36.61 -36.61
C THR B 77 -10.72 35.24 -36.17
N GLY B 78 -10.57 34.97 -34.87
CA GLY B 78 -10.85 33.65 -34.35
C GLY B 78 -12.31 33.42 -34.10
N ASP B 79 -12.85 32.36 -34.69
CA ASP B 79 -14.22 31.93 -34.41
C ASP B 79 -14.23 31.40 -32.99
N SER B 80 -13.08 30.89 -32.58
CA SER B 80 -12.90 30.23 -31.29
C SER B 80 -11.75 30.88 -30.51
N PRO B 81 -11.43 30.33 -29.32
CA PRO B 81 -10.29 30.89 -28.58
C PRO B 81 -8.99 30.27 -29.07
N ARG B 82 -9.06 28.97 -29.37
CA ARG B 82 -7.91 28.23 -29.86
C ARG B 82 -7.41 28.80 -31.17
N ALA B 83 -8.32 29.30 -32.01
CA ALA B 83 -7.94 29.87 -33.30
C ALA B 83 -7.15 31.18 -33.16
N ARG B 84 -7.41 31.91 -32.08
CA ARG B 84 -6.69 33.14 -31.81
C ARG B 84 -5.36 32.87 -31.15
N ILE B 85 -5.36 32.08 -30.09
CA ILE B 85 -4.11 31.53 -29.56
C ILE B 85 -3.19 31.11 -30.70
N ALA B 86 -3.76 30.51 -31.73
CA ALA B 86 -3.00 30.02 -32.88
C ALA B 86 -2.55 31.18 -33.73
N SER B 87 -3.40 32.21 -33.78
CA SER B 87 -3.04 33.47 -34.41
C SER B 87 -1.66 33.91 -33.86
N PHE B 88 -1.58 34.03 -32.54
CA PHE B 88 -0.33 34.35 -31.86
C PHE B 88 0.82 33.43 -32.29
N ILE B 89 0.57 32.12 -32.19
CA ILE B 89 1.57 31.09 -32.46
C ILE B 89 2.06 31.17 -33.90
N ASP B 90 1.13 31.12 -34.84
CA ASP B 90 1.48 31.20 -36.25
C ASP B 90 1.88 32.62 -36.70
N LEU B 91 1.74 33.61 -35.80
CA LEU B 91 2.39 34.89 -36.04
C LEU B 91 3.90 34.65 -36.29
N ILE B 93 5.02 32.02 -37.85
CA ILE B 93 5.12 31.56 -39.22
C ILE B 93 5.14 32.79 -40.11
N ASN B 95 5.97 36.00 -39.45
CA ASN B 95 7.17 36.85 -39.39
C ASN B 95 8.49 36.08 -39.31
N ARG B 96 8.58 34.94 -39.99
CA ARG B 96 9.69 33.99 -39.79
C ARG B 96 11.05 34.47 -40.30
N ALA B 97 11.03 35.36 -41.29
CA ALA B 97 12.25 35.92 -41.85
C ALA B 97 12.85 36.96 -40.89
N LYS B 98 12.01 37.83 -40.37
CA LYS B 98 12.49 38.82 -39.41
C LYS B 98 13.05 38.09 -38.20
N ILE B 99 12.25 37.17 -37.66
CA ILE B 99 12.61 36.44 -36.44
C ILE B 99 14.00 35.80 -36.48
N THR B 100 14.25 34.97 -37.49
CA THR B 100 15.54 34.29 -37.59
C THR B 100 16.66 35.28 -37.85
N ARG B 101 16.35 36.34 -38.58
CA ARG B 101 17.31 37.41 -38.85
C ARG B 101 17.57 38.36 -37.67
N TYR B 102 16.49 38.84 -37.06
CA TYR B 102 16.53 39.93 -36.09
C TYR B 102 16.09 39.53 -34.68
N GLY B 103 15.62 38.30 -34.53
CA GLY B 103 15.10 37.87 -33.24
C GLY B 103 13.70 38.39 -33.06
N CYS B 104 13.11 38.07 -31.91
CA CYS B 104 11.77 38.56 -31.59
C CYS B 104 11.88 40.03 -31.26
N PRO B 105 11.00 40.87 -31.84
CA PRO B 105 11.05 42.31 -31.56
C PRO B 105 10.91 42.57 -30.08
N VAL B 106 10.14 41.74 -29.38
CA VAL B 106 9.90 41.94 -27.95
C VAL B 106 11.05 41.41 -27.08
N GLY B 107 11.37 40.12 -27.25
CA GLY B 107 12.47 39.52 -26.54
C GLY B 107 13.78 40.26 -26.72
N SER B 108 14.20 40.48 -27.97
CA SER B 108 15.51 41.08 -28.17
C SER B 108 15.59 42.49 -27.62
N LEU B 109 14.45 43.15 -27.45
CA LEU B 109 14.46 44.47 -26.79
C LEU B 109 14.56 44.32 -25.28
N CYS B 110 13.62 43.56 -24.70
CA CYS B 110 13.62 43.35 -23.25
C CYS B 110 14.96 42.77 -22.77
N THR B 111 15.52 41.82 -23.53
CA THR B 111 16.81 41.22 -23.18
C THR B 111 17.99 42.14 -23.45
N GLU B 112 17.90 43.02 -24.43
CA GLU B 112 18.95 44.02 -24.56
C GLU B 112 18.91 45.01 -23.42
N LEU B 113 17.71 45.47 -23.08
CA LEU B 113 17.61 46.50 -22.05
C LEU B 113 17.98 45.95 -20.69
N SER B 114 17.70 44.67 -20.50
CA SER B 114 18.05 43.96 -19.27
C SER B 114 19.56 43.92 -19.05
N LYS B 115 20.29 43.50 -20.08
CA LYS B 115 21.76 43.49 -20.02
C LYS B 115 22.35 44.89 -19.76
N LEU B 116 21.75 45.91 -20.37
CA LEU B 116 22.15 47.29 -20.21
C LEU B 116 21.75 47.81 -18.82
N ASP B 117 20.95 47.03 -18.10
CA ASP B 117 20.41 47.46 -16.82
C ASP B 117 19.76 48.84 -16.98
N HIS B 118 18.76 48.89 -17.86
CA HIS B 118 18.18 50.15 -18.33
C HIS B 118 16.82 50.49 -17.69
N ALA B 119 16.62 51.76 -17.38
CA ALA B 119 15.40 52.23 -16.71
C ALA B 119 14.11 51.78 -17.39
N ALA B 120 14.13 51.76 -18.72
CA ALA B 120 12.94 51.46 -19.51
C ALA B 120 12.62 49.97 -19.60
N GLN B 121 13.40 49.12 -18.94
CA GLN B 121 13.18 47.68 -19.03
C GLN B 121 11.77 47.28 -18.58
N GLY B 122 11.29 47.94 -17.52
CA GLY B 122 9.97 47.61 -17.00
C GLY B 122 8.89 48.05 -17.97
N GLN B 123 9.16 49.15 -18.68
CA GLN B 123 8.26 49.63 -19.71
C GLN B 123 8.29 48.67 -20.91
N ALA B 124 9.50 48.17 -21.20
CA ALA B 124 9.76 47.23 -22.28
C ALA B 124 9.09 45.90 -22.03
N ASN B 125 9.17 45.43 -20.78
CA ASN B 125 8.56 44.15 -20.41
C ASN B 125 7.03 44.20 -20.51
N GLY B 126 6.47 45.41 -20.41
CA GLY B 126 5.05 45.63 -20.66
C GLY B 126 4.49 44.99 -21.92
N LEU B 127 5.35 44.76 -22.90
CA LEU B 127 4.99 44.04 -24.12
C LEU B 127 4.77 42.54 -23.86
N PHE B 128 5.58 41.95 -22.99
CA PHE B 128 5.39 40.57 -22.52
C PHE B 128 4.18 40.46 -21.60
N THR B 129 3.97 41.48 -20.80
CA THR B 129 2.81 41.50 -19.92
C THR B 129 1.52 41.60 -20.73
N LEU B 130 1.57 42.33 -21.84
CA LEU B 130 0.44 42.45 -22.75
C LEU B 130 0.10 41.07 -23.26
N PHE B 131 0.99 40.52 -24.07
CA PHE B 131 0.76 39.21 -24.68
C PHE B 131 0.29 38.24 -23.61
N ARG B 132 0.95 38.26 -22.45
CA ARG B 132 0.66 37.31 -21.37
C ARG B 132 -0.80 37.40 -20.96
N ASP B 133 -1.33 38.62 -20.98
CA ASP B 133 -2.71 38.81 -20.51
C ASP B 133 -3.75 38.31 -21.52
N TRP B 134 -3.53 38.59 -22.80
CA TRP B 134 -4.46 38.22 -23.88
C TRP B 134 -4.45 36.72 -24.11
N LEU B 135 -3.27 36.12 -24.03
CA LEU B 135 -3.14 34.65 -24.01
C LEU B 135 -3.79 34.09 -22.77
N GLN B 136 -3.64 34.77 -21.66
CA GLN B 136 -4.24 34.29 -20.43
C GLN B 136 -5.76 34.31 -20.52
N ARG B 137 -6.29 35.33 -21.21
CA ARG B 137 -7.74 35.42 -21.44
C ARG B 137 -8.21 34.36 -22.45
N GLN B 138 -7.33 34.02 -23.40
CA GLN B 138 -7.62 32.92 -24.33
C GLN B 138 -7.74 31.61 -23.56
N PHE B 139 -6.68 31.19 -22.88
CA PHE B 139 -6.72 29.95 -22.12
C PHE B 139 -7.90 29.86 -21.17
N ALA B 140 -8.25 30.99 -20.56
CA ALA B 140 -9.40 31.03 -19.69
C ALA B 140 -10.65 30.59 -20.45
N GLU B 141 -11.03 31.41 -21.43
CA GLU B 141 -12.24 31.26 -22.21
C GLU B 141 -12.18 30.04 -23.14
N ALA B 142 -11.03 29.36 -23.20
CA ALA B 142 -10.84 28.21 -24.06
C ALA B 142 -11.02 26.84 -23.36
N GLY B 143 -10.71 26.78 -22.07
CA GLY B 143 -10.79 25.50 -21.36
C GLY B 143 -10.43 25.54 -19.89
N CYS B 144 -9.14 25.39 -19.59
CA CYS B 144 -8.70 25.57 -18.22
C CYS B 144 -8.66 27.05 -17.91
N THR B 145 -9.53 27.46 -17.00
CA THR B 145 -9.59 28.81 -16.48
C THR B 145 -8.63 28.95 -15.30
N THR B 146 -8.32 27.84 -14.63
CA THR B 146 -7.45 27.91 -13.46
C THR B 146 -5.98 27.97 -13.85
N GLU B 147 -5.64 27.31 -14.95
CA GLU B 147 -4.26 27.20 -15.38
C GLU B 147 -3.82 28.27 -16.41
N ALA B 148 -4.79 29.05 -16.92
CA ALA B 148 -4.53 30.04 -17.97
C ALA B 148 -3.36 31.06 -17.73
N PRO B 149 -3.10 31.47 -16.45
CA PRO B 149 -1.91 32.28 -16.14
C PRO B 149 -0.57 31.60 -16.46
N ALA B 150 -0.38 30.40 -15.93
CA ALA B 150 0.85 29.67 -16.21
C ALA B 150 0.90 29.20 -17.67
N LEU B 151 -0.25 28.76 -18.18
CA LEU B 151 -0.33 28.34 -19.57
C LEU B 151 0.20 29.44 -20.50
N ALA B 152 -0.34 30.65 -20.36
CA ALA B 152 0.09 31.78 -21.18
C ALA B 152 1.58 32.01 -20.96
N HIS B 154 3.79 29.90 -19.89
CA HIS B 154 4.56 28.79 -20.46
C HIS B 154 4.73 28.90 -21.97
N LEU B 155 3.62 29.11 -22.68
CA LEU B 155 3.67 29.24 -24.12
C LEU B 155 4.59 30.38 -24.51
N LEU B 156 4.54 31.47 -23.75
CA LEU B 156 5.39 32.63 -23.97
C LEU B 156 6.88 32.28 -24.03
N ALA B 157 7.34 31.46 -23.08
CA ALA B 157 8.73 31.01 -23.05
C ALA B 157 9.01 29.87 -24.04
N ARG B 158 7.98 29.14 -24.44
CA ARG B 158 8.13 28.24 -25.56
C ARG B 158 8.62 29.06 -26.73
N SER B 159 7.80 30.03 -27.11
CA SER B 159 7.98 30.80 -28.32
C SER B 159 9.20 31.69 -28.25
N GLN B 160 9.65 32.03 -27.05
CA GLN B 160 10.84 32.88 -26.92
C GLN B 160 12.09 32.05 -27.14
N GLY B 161 12.02 30.78 -26.77
CA GLY B 161 13.14 29.88 -26.93
C GLY B 161 13.28 29.42 -28.36
N ALA B 162 12.14 29.36 -29.04
CA ALA B 162 12.10 29.01 -30.45
C ALA B 162 12.66 30.14 -31.36
N ALA B 163 12.24 31.38 -31.11
CA ALA B 163 12.79 32.57 -31.74
C ALA B 163 14.28 32.69 -31.49
N THR B 164 14.69 32.34 -30.28
CA THR B 164 16.09 32.48 -29.90
C THR B 164 17.03 31.48 -30.57
N LEU B 165 16.74 30.19 -30.49
CA LEU B 165 17.62 29.24 -31.20
C LEU B 165 17.58 29.50 -32.72
N ALA B 166 16.41 29.88 -33.23
CA ALA B 166 16.22 30.17 -34.64
C ALA B 166 17.08 31.34 -35.15
N GLN B 167 17.15 32.41 -34.37
CA GLN B 167 17.99 33.56 -34.69
C GLN B 167 19.46 33.24 -34.70
N SER B 168 19.94 32.55 -33.66
CA SER B 168 21.35 32.23 -33.52
C SER B 168 21.82 31.30 -34.64
N PHE B 169 20.97 30.35 -35.01
CA PHE B 169 21.28 29.38 -36.05
C PHE B 169 20.86 29.90 -37.43
N HIS B 170 20.22 31.07 -37.45
CA HIS B 170 19.57 31.58 -38.64
C HIS B 170 18.87 30.43 -39.35
N ASP B 171 17.94 29.80 -38.61
CA ASP B 171 17.33 28.53 -39.01
C ASP B 171 15.81 28.68 -39.11
N GLU B 172 15.30 29.03 -40.29
CA GLU B 172 13.87 29.24 -40.43
C GLU B 172 13.16 27.92 -40.15
N GLY B 173 13.76 26.83 -40.63
CA GLY B 173 13.18 25.51 -40.45
C GLY B 173 12.82 25.20 -39.02
N PHE B 174 13.79 25.40 -38.12
CA PHE B 174 13.60 25.14 -36.70
C PHE B 174 12.35 25.84 -36.18
N LEU B 175 12.23 27.12 -36.49
CA LEU B 175 11.08 27.92 -36.06
C LEU B 175 9.78 27.20 -36.34
N ARG B 176 9.77 26.38 -37.39
CA ARG B 176 8.56 25.74 -37.88
C ARG B 176 8.24 24.47 -37.08
N SER B 177 9.22 23.58 -36.97
CA SER B 177 9.05 22.39 -36.16
C SER B 177 8.72 22.80 -34.73
N GLU B 178 9.12 24.01 -34.35
CA GLU B 178 8.77 24.54 -33.04
C GLU B 178 7.32 24.99 -32.99
N VAL B 179 6.85 25.64 -34.05
CA VAL B 179 5.44 25.97 -34.13
C VAL B 179 4.65 24.66 -34.17
N ALA B 180 5.09 23.75 -35.03
CA ALA B 180 4.49 22.41 -35.11
C ALA B 180 4.40 21.77 -33.73
N ASP B 181 5.48 21.86 -32.95
CA ASP B 181 5.53 21.29 -31.62
C ASP B 181 4.70 22.12 -30.61
N HIS B 183 2.06 23.22 -31.26
CA HIS B 183 0.68 22.85 -31.55
C HIS B 183 0.32 21.48 -30.93
N ARG B 184 1.24 20.52 -31.00
CA ARG B 184 1.06 19.21 -30.35
C ARG B 184 0.89 19.33 -28.84
N TRP B 185 1.39 20.42 -28.27
CA TRP B 185 1.25 20.68 -26.84
C TRP B 185 -0.09 21.35 -26.54
N LEU B 186 -0.48 22.31 -27.39
CA LEU B 186 -1.76 22.99 -27.29
C LEU B 186 -2.90 22.00 -27.57
N ASP B 187 -2.53 20.77 -27.91
CA ASP B 187 -3.51 19.71 -28.05
C ASP B 187 -3.59 18.90 -26.77
N ASN B 188 -2.45 18.46 -26.27
CA ASN B 188 -2.41 17.79 -24.98
C ASN B 188 -2.90 18.72 -23.85
N THR B 189 -3.45 19.87 -24.21
CA THR B 189 -3.78 20.93 -23.25
C THR B 189 -5.26 21.21 -23.09
N LEU B 190 -5.82 21.81 -24.14
CA LEU B 190 -7.21 22.19 -24.21
C LEU B 190 -8.18 20.99 -24.17
N PRO B 191 -9.50 21.25 -24.25
CA PRO B 191 -10.52 20.23 -24.41
C PRO B 191 -11.39 20.47 -25.65
N THR B 193 -14.51 21.71 -27.57
CA THR B 193 -15.14 23.00 -27.28
C THR B 193 -16.51 23.22 -27.88
N THR B 194 -17.41 23.76 -27.06
CA THR B 194 -18.69 24.26 -27.53
C THR B 194 -19.03 25.59 -26.85
N SER C 1 52.19 -23.24 1.96
CA SER C 1 51.36 -22.10 2.34
C SER C 1 49.99 -22.18 1.68
N ASN C 2 48.95 -22.42 2.48
CA ASN C 2 47.59 -22.57 1.98
C ASN C 2 47.47 -23.47 0.75
N ALA C 3 48.45 -24.33 0.55
CA ALA C 3 48.49 -25.17 -0.65
C ALA C 3 47.57 -26.37 -0.51
N VAL C 5 45.72 -27.14 1.71
CA VAL C 5 44.57 -26.84 2.55
C VAL C 5 43.51 -26.01 1.83
N GLN C 6 43.93 -25.28 0.81
CA GLN C 6 43.02 -24.40 0.07
C GLN C 6 41.94 -25.17 -0.67
N ALA C 7 42.23 -26.42 -1.00
CA ALA C 7 41.24 -27.31 -1.59
C ALA C 7 40.10 -27.49 -0.59
N GLN C 8 40.42 -27.32 0.68
CA GLN C 8 39.43 -27.38 1.76
C GLN C 8 38.95 -26.01 2.17
N THR C 9 39.69 -24.98 1.76
CA THR C 9 39.21 -23.61 1.86
C THR C 9 38.06 -23.49 0.87
N ARG C 10 38.27 -24.07 -0.30
CA ARG C 10 37.29 -24.07 -1.36
C ARG C 10 36.00 -24.76 -0.91
N ASP C 11 36.14 -25.93 -0.30
CA ASP C 11 35.00 -26.70 0.17
C ASP C 11 34.15 -25.84 1.10
N GLN C 12 34.83 -25.00 1.88
CA GLN C 12 34.16 -24.11 2.83
C GLN C 12 33.26 -23.08 2.13
N ILE C 13 33.61 -22.74 0.88
CA ILE C 13 32.76 -21.92 0.03
C ILE C 13 31.58 -22.72 -0.52
N VAL C 14 31.85 -23.94 -0.99
CA VAL C 14 30.81 -24.79 -1.52
C VAL C 14 29.88 -25.22 -0.40
N ALA C 15 30.43 -25.36 0.80
CA ALA C 15 29.60 -25.76 1.92
C ALA C 15 28.71 -24.60 2.37
N ALA C 16 29.30 -23.43 2.52
CA ALA C 16 28.55 -22.26 2.94
C ALA C 16 27.43 -21.91 1.94
N ALA C 17 27.70 -22.08 0.65
CA ALA C 17 26.73 -21.78 -0.40
C ALA C 17 25.59 -22.79 -0.40
N ASP C 18 25.95 -24.07 -0.30
CA ASP C 18 24.95 -25.13 -0.19
C ASP C 18 23.81 -24.68 0.74
N GLU C 19 24.15 -24.39 2.00
CA GLU C 19 23.15 -24.04 3.01
C GLU C 19 22.43 -22.74 2.70
N LEU C 20 23.14 -21.74 2.17
CA LEU C 20 22.51 -20.46 1.84
C LEU C 20 21.52 -20.61 0.68
N PHE C 21 21.95 -21.29 -0.39
CA PHE C 21 21.09 -21.55 -1.54
C PHE C 21 19.76 -22.16 -1.11
N TYR C 22 19.80 -23.00 -0.06
CA TYR C 22 18.60 -23.67 0.42
C TYR C 22 17.70 -22.70 1.19
N ARG C 23 18.29 -21.95 2.12
CA ARG C 23 17.52 -21.03 2.98
C ARG C 23 17.03 -19.76 2.25
N GLN C 24 17.82 -19.27 1.31
CA GLN C 24 17.56 -18.01 0.64
C GLN C 24 17.10 -18.15 -0.81
N GLY C 25 17.49 -19.27 -1.45
CA GLY C 25 17.33 -19.46 -2.87
C GLY C 25 18.66 -19.24 -3.56
N PHE C 26 18.72 -19.60 -4.85
CA PHE C 26 19.94 -19.45 -5.62
C PHE C 26 20.21 -17.99 -5.99
N ALA C 27 19.32 -17.44 -6.80
CA ALA C 27 19.42 -16.06 -7.24
C ALA C 27 19.56 -15.02 -6.10
N GLN C 28 18.98 -15.31 -4.93
CA GLN C 28 19.02 -14.38 -3.78
C GLN C 28 20.38 -14.31 -3.08
N THR C 29 21.10 -15.44 -3.10
CA THR C 29 22.37 -15.53 -2.42
C THR C 29 23.45 -14.81 -3.24
N SER C 30 23.99 -13.73 -2.68
CA SER C 30 24.99 -12.93 -3.36
C SER C 30 26.36 -13.44 -2.94
N PHE C 31 27.41 -12.96 -3.61
CA PHE C 31 28.78 -13.31 -3.21
C PHE C 31 29.09 -12.72 -1.83
N VAL C 32 28.48 -11.57 -1.51
CA VAL C 32 28.66 -10.95 -0.21
C VAL C 32 28.14 -11.88 0.86
N ASP C 33 27.07 -12.61 0.53
CA ASP C 33 26.46 -13.59 1.43
C ASP C 33 27.40 -14.74 1.72
N ILE C 34 28.01 -15.27 0.67
CA ILE C 34 28.84 -16.45 0.83
C ILE C 34 30.19 -16.09 1.46
N SER C 35 30.78 -14.99 0.99
CA SER C 35 32.10 -14.57 1.47
C SER C 35 32.03 -13.94 2.86
N ALA C 36 30.85 -13.46 3.23
CA ALA C 36 30.60 -13.06 4.62
C ALA C 36 30.44 -14.31 5.46
N ALA C 37 29.72 -15.28 4.90
CA ALA C 37 29.51 -16.56 5.55
C ALA C 37 30.83 -17.26 5.85
N VAL C 38 31.69 -17.35 4.85
CA VAL C 38 33.00 -17.98 5.04
C VAL C 38 34.00 -17.04 5.72
N GLY C 39 33.72 -15.74 5.66
CA GLY C 39 34.54 -14.73 6.30
C GLY C 39 35.93 -14.63 5.70
N ILE C 40 36.00 -14.69 4.37
CA ILE C 40 37.29 -14.59 3.69
C ILE C 40 37.43 -13.33 2.84
N SER C 41 38.69 -12.98 2.60
CA SER C 41 39.05 -11.88 1.71
C SER C 41 38.36 -12.05 0.36
N ARG C 42 37.84 -10.94 -0.16
CA ARG C 42 37.15 -10.90 -1.44
C ARG C 42 38.14 -11.27 -2.53
N GLY C 43 39.39 -11.51 -2.10
CA GLY C 43 40.43 -11.96 -3.00
C GLY C 43 40.58 -13.45 -2.94
N ASN C 44 40.65 -13.99 -1.72
CA ASN C 44 40.76 -15.43 -1.57
C ASN C 44 39.52 -16.13 -2.11
N PHE C 45 38.36 -15.52 -1.93
CA PHE C 45 37.10 -16.08 -2.45
C PHE C 45 37.21 -16.22 -3.96
N TYR C 46 37.66 -15.13 -4.59
CA TYR C 46 37.65 -15.01 -6.04
C TYR C 46 38.62 -15.91 -6.79
N TYR C 47 39.68 -16.36 -6.11
CA TYR C 47 40.66 -17.25 -6.74
C TYR C 47 39.96 -18.48 -7.30
N HIS C 48 39.04 -19.00 -6.50
CA HIS C 48 38.35 -20.23 -6.85
C HIS C 48 37.16 -19.97 -7.78
N PHE C 49 36.07 -19.48 -7.21
CA PHE C 49 34.84 -19.32 -8.00
C PHE C 49 34.56 -17.89 -8.45
N LYS C 50 34.01 -17.78 -9.65
CA LYS C 50 33.95 -16.51 -10.33
C LYS C 50 32.52 -16.16 -10.76
N THR C 51 31.71 -17.19 -10.98
CA THR C 51 30.29 -16.95 -11.26
C THR C 51 29.45 -17.46 -10.11
N LYS C 52 28.20 -17.05 -10.08
CA LYS C 52 27.22 -17.71 -9.26
C LYS C 52 27.01 -19.05 -9.94
N ASP C 53 27.24 -19.06 -11.25
CA ASP C 53 27.01 -20.27 -12.02
C ASP C 53 28.02 -21.37 -11.68
N GLU C 54 29.30 -21.05 -11.72
CA GLU C 54 30.31 -22.05 -11.42
C GLU C 54 30.03 -22.61 -10.04
N ILE C 55 29.59 -21.76 -9.13
CA ILE C 55 29.38 -22.18 -7.76
C ILE C 55 28.18 -23.15 -7.65
N LEU C 56 27.04 -22.78 -8.24
CA LEU C 56 25.87 -23.65 -8.26
C LEU C 56 26.29 -25.02 -8.80
N ALA C 57 26.95 -25.02 -9.94
CA ALA C 57 27.44 -26.23 -10.58
C ALA C 57 28.11 -27.16 -9.55
N GLU C 58 28.96 -26.57 -8.71
CA GLU C 58 29.73 -27.33 -7.71
C GLU C 58 28.93 -27.55 -6.42
N VAL C 59 27.88 -26.77 -6.24
CA VAL C 59 26.97 -26.97 -5.13
C VAL C 59 26.13 -28.20 -5.43
N ILE C 60 25.75 -28.37 -6.69
CA ILE C 60 24.89 -29.47 -7.07
C ILE C 60 25.60 -30.83 -6.91
N ARG C 61 26.93 -30.84 -7.07
CA ARG C 61 27.72 -32.07 -6.92
C ARG C 61 27.92 -32.47 -5.46
N LEU C 62 28.02 -31.47 -4.57
CA LEU C 62 28.11 -31.77 -3.14
C LEU C 62 26.79 -32.40 -2.70
N ARG C 63 25.70 -31.86 -3.24
CA ARG C 63 24.36 -32.40 -3.04
C ARG C 63 24.22 -33.78 -3.65
N LEU C 64 24.66 -33.91 -4.90
CA LEU C 64 24.61 -35.18 -5.62
C LEU C 64 25.50 -36.24 -4.93
N ALA C 65 26.41 -35.80 -4.09
CA ALA C 65 27.26 -36.71 -3.31
C ALA C 65 26.62 -37.01 -1.96
N ARG C 66 26.34 -35.96 -1.18
CA ARG C 66 25.64 -36.08 0.10
C ARG C 66 24.41 -36.99 -0.01
N THR C 67 23.64 -36.76 -1.06
CA THR C 67 22.41 -37.48 -1.30
C THR C 67 22.66 -38.96 -1.51
N ALA C 68 23.46 -39.28 -2.51
CA ALA C 68 23.80 -40.67 -2.79
C ALA C 68 24.36 -41.32 -1.53
N GLN C 69 25.08 -40.52 -0.74
CA GLN C 69 25.59 -40.94 0.56
C GLN C 69 24.46 -41.28 1.53
N LEU C 71 21.06 -41.88 0.51
CA LEU C 71 20.41 -43.03 -0.10
C LEU C 71 21.07 -44.34 0.34
N ALA C 72 22.39 -44.40 0.19
CA ALA C 72 23.18 -45.58 0.55
C ALA C 72 22.91 -46.01 1.98
N ASP C 73 23.10 -45.09 2.90
CA ASP C 73 23.05 -45.38 4.33
C ASP C 73 21.66 -45.82 4.79
N TRP C 74 20.63 -45.47 4.01
CA TRP C 74 19.27 -45.99 4.22
C TRP C 74 19.22 -47.47 3.90
N GLN C 75 19.92 -47.84 2.83
CA GLN C 75 20.03 -49.24 2.43
C GLN C 75 20.63 -50.07 3.58
N GLY C 76 21.83 -49.69 4.01
CA GLY C 76 22.53 -50.38 5.08
C GLY C 76 21.75 -50.43 6.37
N THR C 77 20.99 -49.36 6.62
CA THR C 77 20.11 -49.30 7.79
C THR C 77 18.80 -49.99 7.45
N GLY C 78 18.73 -50.52 6.24
CA GLY C 78 17.53 -51.18 5.75
C GLY C 78 17.51 -52.67 5.99
N ASP C 79 16.38 -53.15 6.52
CA ASP C 79 16.15 -54.57 6.78
C ASP C 79 15.25 -55.18 5.70
N SER C 80 14.18 -54.46 5.37
CA SER C 80 13.26 -54.86 4.31
C SER C 80 12.94 -53.65 3.43
N PRO C 81 13.10 -53.80 2.09
CA PRO C 81 12.85 -52.72 1.13
C PRO C 81 11.64 -51.88 1.50
N ARG C 82 10.58 -52.52 1.94
CA ARG C 82 9.40 -51.82 2.43
C ARG C 82 9.85 -50.65 3.28
N ALA C 83 10.48 -50.96 4.41
CA ALA C 83 10.89 -49.94 5.37
C ALA C 83 11.96 -48.99 4.82
N ARG C 84 12.70 -49.45 3.81
CA ARG C 84 13.69 -48.60 3.16
C ARG C 84 13.00 -47.47 2.35
N ILE C 85 11.99 -47.83 1.56
CA ILE C 85 11.13 -46.84 0.93
C ILE C 85 10.55 -45.90 2.00
N ALA C 86 10.19 -46.47 3.15
CA ALA C 86 9.60 -45.71 4.24
C ALA C 86 10.61 -44.74 4.81
N SER C 87 11.88 -45.00 4.56
CA SER C 87 12.91 -44.02 4.85
C SER C 87 12.70 -42.78 3.97
N PHE C 88 12.45 -42.99 2.68
CA PHE C 88 12.12 -41.90 1.76
C PHE C 88 10.92 -41.09 2.27
N ILE C 89 9.95 -41.77 2.87
CA ILE C 89 8.74 -41.15 3.37
C ILE C 89 9.00 -40.42 4.68
N ASP C 90 9.59 -41.12 5.64
CA ASP C 90 9.83 -40.55 6.96
C ASP C 90 10.74 -39.35 6.94
N LEU C 91 11.54 -39.20 5.89
CA LEU C 91 12.44 -38.06 5.80
C LEU C 91 11.68 -36.74 5.97
N ILE C 93 9.29 -36.30 7.75
CA ILE C 93 8.98 -36.17 9.17
C ILE C 93 10.18 -35.62 9.95
N ASN C 95 12.69 -33.97 8.82
CA ASN C 95 13.08 -32.66 8.34
C ASN C 95 11.89 -31.72 8.22
N ARG C 96 10.78 -32.10 8.84
CA ARG C 96 9.52 -31.38 8.66
C ARG C 96 9.63 -29.88 8.99
N ALA C 97 10.41 -29.55 10.02
CA ALA C 97 10.62 -28.13 10.35
C ALA C 97 11.28 -27.36 9.19
N LYS C 98 12.36 -27.92 8.65
CA LYS C 98 13.10 -27.24 7.57
C LYS C 98 12.28 -27.29 6.29
N ILE C 99 11.77 -28.48 5.97
CA ILE C 99 10.87 -28.62 4.83
C ILE C 99 9.73 -27.60 4.93
N THR C 100 9.06 -27.53 6.08
CA THR C 100 8.01 -26.54 6.28
C THR C 100 8.52 -25.09 6.09
N ARG C 101 9.75 -24.81 6.49
CA ARG C 101 10.27 -23.45 6.38
C ARG C 101 10.78 -23.06 4.98
N TYR C 102 11.62 -23.92 4.40
CA TYR C 102 12.28 -23.58 3.15
C TYR C 102 11.82 -24.47 1.99
N GLY C 103 11.08 -25.52 2.33
CA GLY C 103 10.61 -26.47 1.34
C GLY C 103 11.56 -27.64 1.17
N CYS C 104 11.18 -28.58 0.31
CA CYS C 104 12.10 -29.65 -0.03
C CYS C 104 13.35 -28.97 -0.63
N PRO C 105 14.55 -29.41 -0.23
CA PRO C 105 15.73 -28.85 -0.89
C PRO C 105 15.83 -29.27 -2.36
N VAL C 106 15.12 -30.34 -2.75
CA VAL C 106 15.13 -30.76 -4.15
C VAL C 106 14.13 -30.00 -5.03
N GLY C 107 12.85 -30.14 -4.72
CA GLY C 107 11.84 -29.41 -5.44
C GLY C 107 12.11 -27.93 -5.51
N SER C 108 12.48 -27.32 -4.39
CA SER C 108 12.61 -25.86 -4.33
C SER C 108 13.65 -25.33 -5.33
N LEU C 109 14.79 -26.00 -5.44
CA LEU C 109 15.79 -25.57 -6.41
C LEU C 109 15.35 -25.89 -7.82
N CYS C 110 14.74 -27.05 -8.01
CA CYS C 110 14.31 -27.45 -9.36
C CYS C 110 13.29 -26.49 -10.00
N THR C 111 12.30 -26.06 -9.22
CA THR C 111 11.35 -25.06 -9.69
C THR C 111 11.95 -23.64 -9.82
N GLU C 112 12.93 -23.30 -8.99
CA GLU C 112 13.59 -22.02 -9.19
C GLU C 112 14.35 -22.03 -10.51
N LEU C 113 15.20 -23.03 -10.73
CA LEU C 113 16.03 -23.06 -11.93
C LEU C 113 15.17 -23.23 -13.16
N SER C 114 13.98 -23.79 -13.00
CA SER C 114 13.01 -23.87 -14.10
C SER C 114 12.47 -22.47 -14.44
N LYS C 115 11.97 -21.77 -13.44
CA LYS C 115 11.41 -20.44 -13.66
C LYS C 115 12.50 -19.51 -14.18
N LEU C 116 13.74 -19.77 -13.77
CA LEU C 116 14.89 -19.00 -14.21
C LEU C 116 15.40 -19.51 -15.55
N ASP C 117 14.78 -20.56 -16.10
CA ASP C 117 15.30 -21.22 -17.30
C ASP C 117 16.80 -21.36 -17.25
N HIS C 118 17.31 -21.78 -16.09
CA HIS C 118 18.73 -21.94 -15.86
C HIS C 118 19.26 -23.27 -16.43
N ALA C 119 20.52 -23.26 -16.88
CA ALA C 119 21.12 -24.44 -17.49
C ALA C 119 21.35 -25.57 -16.49
N ALA C 120 21.64 -25.19 -15.25
CA ALA C 120 21.91 -26.16 -14.20
C ALA C 120 20.68 -27.01 -13.96
N GLN C 121 19.62 -26.76 -14.74
CA GLN C 121 18.36 -27.48 -14.63
C GLN C 121 18.51 -28.99 -14.63
N GLY C 122 18.79 -29.54 -15.80
CA GLY C 122 18.94 -30.98 -15.93
C GLY C 122 19.90 -31.57 -14.93
N GLN C 123 21.01 -30.87 -14.67
CA GLN C 123 21.98 -31.32 -13.68
C GLN C 123 21.31 -31.35 -12.30
N ALA C 124 20.60 -30.27 -11.99
CA ALA C 124 19.77 -30.15 -10.81
C ALA C 124 18.71 -31.28 -10.73
N ASN C 125 17.94 -31.45 -11.80
CA ASN C 125 16.92 -32.49 -11.82
C ASN C 125 17.54 -33.87 -11.58
N GLY C 126 18.82 -34.01 -11.93
CA GLY C 126 19.58 -35.20 -11.61
C GLY C 126 19.46 -35.58 -10.14
N LEU C 127 19.05 -34.62 -9.31
CA LEU C 127 18.74 -34.90 -7.91
C LEU C 127 17.46 -35.71 -7.76
N PHE C 128 16.43 -35.35 -8.51
CA PHE C 128 15.21 -36.16 -8.53
C PHE C 128 15.43 -37.57 -9.07
N THR C 129 16.41 -37.75 -9.96
CA THR C 129 16.54 -39.05 -10.60
C THR C 129 17.22 -40.08 -9.70
N LEU C 130 18.01 -39.62 -8.74
CA LEU C 130 18.54 -40.51 -7.72
C LEU C 130 17.40 -41.11 -6.87
N PHE C 131 16.28 -40.39 -6.77
CA PHE C 131 15.13 -40.89 -6.01
C PHE C 131 14.26 -41.79 -6.87
N ARG C 132 13.81 -41.25 -8.00
CA ARG C 132 12.95 -41.97 -8.91
C ARG C 132 13.43 -43.41 -9.09
N ASP C 133 14.73 -43.61 -8.88
CA ASP C 133 15.36 -44.90 -9.17
C ASP C 133 15.61 -45.72 -7.91
N TRP C 134 16.25 -45.12 -6.91
CA TRP C 134 16.44 -45.79 -5.64
C TRP C 134 15.08 -46.27 -5.13
N LEU C 135 14.04 -45.52 -5.47
CA LEU C 135 12.69 -45.87 -5.11
C LEU C 135 12.21 -46.99 -6.02
N GLN C 136 12.65 -46.95 -7.28
CA GLN C 136 12.34 -48.00 -8.24
C GLN C 136 12.98 -49.33 -7.80
N ARG C 137 14.31 -49.36 -7.82
CA ARG C 137 15.06 -50.56 -7.44
C ARG C 137 14.52 -51.14 -6.14
N GLN C 138 13.90 -50.29 -5.33
CA GLN C 138 13.32 -50.70 -4.04
C GLN C 138 11.90 -51.27 -4.18
N PHE C 139 11.10 -50.73 -5.11
CA PHE C 139 9.76 -51.29 -5.31
C PHE C 139 9.86 -52.65 -5.94
N ALA C 140 10.84 -52.82 -6.81
CA ALA C 140 11.02 -54.06 -7.57
C ALA C 140 11.51 -55.16 -6.64
N GLU C 141 12.70 -54.95 -6.08
CA GLU C 141 13.29 -55.85 -5.10
C GLU C 141 12.29 -56.18 -3.98
N ALA C 142 11.22 -55.39 -3.89
CA ALA C 142 10.14 -55.63 -2.94
C ALA C 142 8.95 -56.36 -3.60
N GLY C 143 9.12 -56.75 -4.86
CA GLY C 143 8.11 -57.54 -5.54
C GLY C 143 7.37 -56.81 -6.63
N CYS C 144 7.40 -55.48 -6.60
CA CYS C 144 6.71 -54.66 -7.61
C CYS C 144 7.68 -54.29 -8.73
N THR C 145 8.45 -55.27 -9.15
CA THR C 145 9.37 -55.12 -10.27
C THR C 145 8.75 -54.46 -11.52
N THR C 146 7.54 -54.90 -11.88
CA THR C 146 6.90 -54.47 -13.12
C THR C 146 6.69 -52.96 -13.21
N GLU C 147 6.03 -52.39 -12.21
CA GLU C 147 5.80 -50.96 -12.21
C GLU C 147 6.60 -50.23 -11.17
N ALA C 148 7.87 -50.64 -11.00
CA ALA C 148 8.82 -49.98 -10.07
C ALA C 148 9.23 -48.54 -10.44
N PRO C 149 9.61 -48.28 -11.72
CA PRO C 149 9.84 -46.90 -12.16
C PRO C 149 8.58 -46.03 -12.01
N ALA C 150 7.41 -46.64 -12.21
CA ALA C 150 6.14 -45.90 -12.13
C ALA C 150 5.75 -45.60 -10.67
N LEU C 151 5.97 -46.57 -9.79
CA LEU C 151 5.67 -46.36 -8.38
C LEU C 151 6.64 -45.33 -7.78
N ALA C 152 7.93 -45.49 -8.09
CA ALA C 152 8.97 -44.57 -7.59
C ALA C 152 8.61 -43.12 -7.91
N HIS C 154 5.60 -41.87 -8.61
CA HIS C 154 4.42 -41.46 -7.87
C HIS C 154 4.72 -41.16 -6.41
N LEU C 155 5.59 -41.95 -5.78
CA LEU C 155 5.94 -41.66 -4.41
C LEU C 155 6.69 -40.34 -4.36
N LEU C 156 7.51 -40.08 -5.39
CA LEU C 156 8.25 -38.82 -5.48
C LEU C 156 7.29 -37.64 -5.61
N ALA C 157 6.31 -37.79 -6.49
CA ALA C 157 5.29 -36.76 -6.71
C ALA C 157 4.52 -36.50 -5.42
N ARG C 158 4.11 -37.58 -4.77
CA ARG C 158 3.41 -37.47 -3.50
C ARG C 158 4.20 -36.60 -2.54
N SER C 159 5.47 -36.92 -2.35
CA SER C 159 6.33 -36.17 -1.45
C SER C 159 6.43 -34.70 -1.86
N GLN C 160 6.34 -34.40 -3.15
CA GLN C 160 6.49 -33.01 -3.61
C GLN C 160 5.25 -32.16 -3.36
N GLY C 161 4.09 -32.79 -3.53
CA GLY C 161 2.81 -32.20 -3.17
C GLY C 161 2.73 -31.87 -1.70
N ALA C 162 3.17 -32.80 -0.86
CA ALA C 162 3.21 -32.60 0.59
C ALA C 162 4.08 -31.41 0.98
N ALA C 163 5.30 -31.38 0.43
CA ALA C 163 6.28 -30.35 0.77
C ALA C 163 5.85 -28.96 0.28
N THR C 164 5.21 -28.90 -0.88
CA THR C 164 4.78 -27.61 -1.41
C THR C 164 3.71 -27.00 -0.52
N LEU C 165 2.73 -27.79 -0.08
CA LEU C 165 1.64 -27.21 0.70
C LEU C 165 2.06 -26.94 2.17
N ALA C 166 2.86 -27.85 2.73
CA ALA C 166 3.39 -27.66 4.06
C ALA C 166 4.16 -26.35 4.12
N GLN C 167 4.86 -26.04 3.02
CA GLN C 167 5.62 -24.80 2.91
C GLN C 167 4.69 -23.61 2.67
N SER C 168 3.87 -23.70 1.64
CA SER C 168 3.00 -22.62 1.26
C SER C 168 2.11 -22.19 2.43
N PHE C 169 1.46 -23.19 3.05
CA PHE C 169 0.62 -22.96 4.22
C PHE C 169 1.47 -22.88 5.49
N HIS C 170 2.75 -23.24 5.38
CA HIS C 170 3.66 -23.38 6.54
C HIS C 170 3.06 -24.23 7.68
N ASP C 171 2.95 -25.53 7.47
CA ASP C 171 2.25 -26.41 8.43
C ASP C 171 2.82 -27.86 8.54
N GLU C 172 3.51 -28.13 9.64
CA GLU C 172 4.03 -29.47 9.92
C GLU C 172 2.95 -30.54 9.99
N GLY C 173 1.79 -30.19 10.55
CA GLY C 173 0.67 -31.11 10.68
C GLY C 173 0.17 -31.63 9.36
N PHE C 174 0.08 -30.76 8.35
CA PHE C 174 -0.28 -31.18 7.01
C PHE C 174 0.83 -32.08 6.44
N LEU C 175 2.07 -31.72 6.70
CA LEU C 175 3.21 -32.54 6.28
C LEU C 175 3.14 -33.91 6.94
N ARG C 176 2.83 -33.93 8.23
CA ARG C 176 2.73 -35.17 9.01
C ARG C 176 1.64 -36.15 8.52
N SER C 177 0.45 -35.62 8.20
CA SER C 177 -0.67 -36.44 7.76
C SER C 177 -0.46 -36.97 6.34
N GLU C 178 0.41 -36.31 5.58
CA GLU C 178 0.79 -36.80 4.26
C GLU C 178 1.84 -37.91 4.41
N VAL C 179 2.71 -37.79 5.40
CA VAL C 179 3.69 -38.85 5.64
C VAL C 179 2.98 -40.13 6.10
N ALA C 180 2.12 -39.99 7.12
CA ALA C 180 1.26 -41.07 7.58
C ALA C 180 0.38 -41.62 6.44
N ASP C 181 -0.07 -40.75 5.54
CA ASP C 181 -0.80 -41.17 4.34
C ASP C 181 0.07 -42.03 3.38
N HIS C 183 2.80 -43.74 4.00
CA HIS C 183 3.03 -45.02 4.66
C HIS C 183 1.84 -45.97 4.45
N ARG C 184 0.62 -45.42 4.41
CA ARG C 184 -0.59 -46.24 4.18
C ARG C 184 -0.77 -46.66 2.73
N TRP C 185 -0.52 -45.70 1.84
CA TRP C 185 -0.40 -45.92 0.41
C TRP C 185 0.59 -47.04 0.11
N LEU C 186 1.76 -46.97 0.75
CA LEU C 186 2.84 -47.91 0.48
C LEU C 186 2.44 -49.34 0.92
N ASP C 187 2.11 -49.51 2.19
CA ASP C 187 1.76 -50.85 2.66
C ASP C 187 0.59 -51.47 1.90
N ASN C 188 -0.30 -50.62 1.38
CA ASN C 188 -1.41 -51.06 0.54
C ASN C 188 -0.98 -51.39 -0.89
N THR C 189 0.11 -50.77 -1.33
CA THR C 189 0.63 -51.05 -2.66
C THR C 189 1.47 -52.31 -2.63
N LEU C 190 2.27 -52.44 -1.58
CA LEU C 190 3.20 -53.55 -1.45
C LEU C 190 2.48 -54.83 -1.01
N PRO C 191 2.35 -55.79 -1.93
CA PRO C 191 1.91 -57.13 -1.56
C PRO C 191 2.59 -57.62 -0.28
N THR C 193 4.79 -59.69 1.98
CA THR C 193 5.92 -60.60 1.93
C THR C 193 6.83 -60.40 3.11
N THR C 194 7.65 -61.40 3.37
CA THR C 194 8.54 -61.41 4.50
C THR C 194 9.81 -62.14 4.09
N VAL D 5 -7.76 11.46 -18.15
CA VAL D 5 -7.79 10.44 -17.11
C VAL D 5 -7.08 9.14 -17.54
N GLN D 6 -5.78 9.08 -17.23
CA GLN D 6 -4.97 7.89 -17.49
C GLN D 6 -5.11 6.90 -16.34
N ALA D 7 -6.34 6.44 -16.12
CA ALA D 7 -6.69 5.63 -14.96
C ALA D 7 -6.68 4.14 -15.26
N GLN D 8 -7.52 3.74 -16.21
CA GLN D 8 -7.73 2.33 -16.53
C GLN D 8 -6.48 1.67 -17.13
N THR D 9 -5.51 2.48 -17.52
CA THR D 9 -4.22 1.99 -18.03
C THR D 9 -3.40 1.33 -16.92
N ARG D 10 -3.73 1.67 -15.67
CA ARG D 10 -3.05 1.12 -14.49
C ARG D 10 -3.28 -0.39 -14.37
N ASP D 11 -4.54 -0.79 -14.47
CA ASP D 11 -4.90 -2.20 -14.42
C ASP D 11 -4.19 -2.97 -15.53
N GLN D 12 -3.74 -2.24 -16.54
CA GLN D 12 -3.12 -2.81 -17.74
C GLN D 12 -1.72 -3.36 -17.48
N ILE D 13 -1.05 -2.81 -16.47
CA ILE D 13 0.29 -3.25 -16.14
C ILE D 13 0.25 -4.39 -15.12
N VAL D 14 -0.84 -4.44 -14.38
CA VAL D 14 -1.04 -5.50 -13.39
C VAL D 14 -1.21 -6.81 -14.15
N ALA D 15 -1.84 -6.73 -15.32
CA ALA D 15 -2.00 -7.88 -16.19
C ALA D 15 -0.70 -8.26 -16.90
N ALA D 16 0.15 -7.27 -17.19
CA ALA D 16 1.47 -7.51 -17.77
C ALA D 16 2.44 -8.09 -16.74
N ALA D 17 2.40 -7.51 -15.55
CA ALA D 17 3.13 -8.03 -14.39
C ALA D 17 2.70 -9.46 -14.05
N ASP D 18 1.40 -9.66 -13.94
CA ASP D 18 0.78 -10.98 -13.85
C ASP D 18 1.43 -11.97 -14.82
N GLU D 19 1.27 -11.72 -16.11
CA GLU D 19 1.89 -12.54 -17.15
C GLU D 19 3.40 -12.64 -16.93
N LEU D 20 4.06 -11.51 -16.64
CA LEU D 20 5.51 -11.50 -16.48
C LEU D 20 5.92 -12.28 -15.25
N PHE D 21 5.24 -12.04 -14.13
CA PHE D 21 5.54 -12.76 -12.89
C PHE D 21 5.26 -14.27 -13.03
N TYR D 22 4.29 -14.66 -13.85
CA TYR D 22 4.07 -16.10 -14.08
C TYR D 22 5.22 -16.76 -14.85
N ARG D 23 5.56 -16.19 -15.99
CA ARG D 23 6.50 -16.81 -16.91
C ARG D 23 7.96 -16.51 -16.57
N GLN D 24 8.18 -15.54 -15.67
CA GLN D 24 9.53 -15.15 -15.28
C GLN D 24 9.90 -15.35 -13.79
N GLY D 25 8.90 -15.39 -12.91
CA GLY D 25 9.18 -15.21 -11.49
C GLY D 25 9.00 -13.75 -11.13
N PHE D 26 8.72 -13.48 -9.86
CA PHE D 26 8.49 -12.11 -9.41
C PHE D 26 9.79 -11.34 -9.26
N ALA D 27 10.75 -11.94 -8.57
CA ALA D 27 11.99 -11.22 -8.26
C ALA D 27 12.87 -10.97 -9.48
N GLN D 28 12.82 -11.86 -10.47
CA GLN D 28 13.60 -11.66 -11.69
C GLN D 28 12.85 -10.87 -12.77
N THR D 29 11.69 -10.31 -12.43
CA THR D 29 10.97 -9.45 -13.36
C THR D 29 11.21 -7.98 -12.95
N SER D 30 11.53 -7.13 -13.92
CA SER D 30 11.94 -5.75 -13.67
C SER D 30 10.84 -4.77 -14.03
N PHE D 31 11.04 -3.50 -13.67
CA PHE D 31 10.13 -2.44 -14.12
C PHE D 31 10.27 -2.26 -15.62
N VAL D 32 11.49 -2.33 -16.13
CA VAL D 32 11.71 -2.29 -17.57
C VAL D 32 10.91 -3.37 -18.28
N ASP D 33 11.09 -4.64 -17.88
CA ASP D 33 10.24 -5.75 -18.35
C ASP D 33 8.79 -5.34 -18.43
N ILE D 34 8.21 -5.02 -17.28
CA ILE D 34 6.79 -4.67 -17.20
C ILE D 34 6.45 -3.45 -18.05
N SER D 35 7.21 -2.37 -17.92
CA SER D 35 6.94 -1.15 -18.69
C SER D 35 7.26 -1.29 -20.18
N ALA D 36 8.16 -2.21 -20.51
CA ALA D 36 8.49 -2.55 -21.91
C ALA D 36 7.32 -3.24 -22.63
N ALA D 37 6.60 -4.08 -21.89
CA ALA D 37 5.45 -4.79 -22.44
C ALA D 37 4.38 -3.78 -22.89
N VAL D 38 3.82 -3.03 -21.94
CA VAL D 38 2.76 -2.08 -22.23
C VAL D 38 3.29 -0.80 -22.89
N GLY D 39 4.61 -0.71 -22.99
CA GLY D 39 5.25 0.46 -23.57
C GLY D 39 4.94 1.77 -22.85
N ILE D 40 5.79 2.14 -21.90
CA ILE D 40 5.70 3.47 -21.26
C ILE D 40 7.05 4.02 -20.76
N SER D 41 7.16 5.34 -20.75
CA SER D 41 8.32 6.04 -20.18
C SER D 41 8.42 5.76 -18.68
N ARG D 42 9.57 6.11 -18.09
CA ARG D 42 9.79 5.80 -16.68
C ARG D 42 8.88 6.66 -15.79
N GLY D 43 8.51 7.83 -16.30
CA GLY D 43 7.61 8.73 -15.60
C GLY D 43 6.15 8.44 -15.94
N ASN D 44 5.93 7.84 -17.11
CA ASN D 44 4.61 7.36 -17.45
C ASN D 44 4.35 6.01 -16.80
N PHE D 45 5.42 5.36 -16.32
CA PHE D 45 5.30 4.13 -15.53
C PHE D 45 5.25 4.45 -14.04
N TYR D 46 6.24 5.21 -13.58
CA TYR D 46 6.31 5.62 -12.17
C TYR D 46 5.06 6.43 -11.80
N TYR D 47 4.33 6.86 -12.81
CA TYR D 47 3.07 7.58 -12.66
C TYR D 47 2.03 6.73 -11.91
N HIS D 48 2.40 5.51 -11.54
CA HIS D 48 1.49 4.61 -10.83
C HIS D 48 2.18 3.90 -9.65
N PHE D 49 3.12 3.03 -9.95
CA PHE D 49 3.80 2.25 -8.92
C PHE D 49 5.26 2.65 -8.72
N LYS D 50 5.66 2.70 -7.46
CA LYS D 50 7.02 3.08 -7.13
C LYS D 50 7.83 1.86 -6.73
N THR D 51 7.14 0.75 -6.42
CA THR D 51 7.85 -0.49 -6.08
C THR D 51 7.20 -1.71 -6.71
N LYS D 52 7.99 -2.76 -6.88
CA LYS D 52 7.49 -4.00 -7.43
C LYS D 52 6.42 -4.59 -6.53
N ASP D 53 6.68 -4.59 -5.22
CA ASP D 53 5.73 -5.09 -4.24
C ASP D 53 4.37 -4.40 -4.35
N GLU D 54 4.35 -3.16 -4.84
CA GLU D 54 3.07 -2.49 -5.08
C GLU D 54 2.30 -3.19 -6.21
N ILE D 55 3.04 -3.57 -7.25
CA ILE D 55 2.48 -4.26 -8.40
C ILE D 55 2.04 -5.68 -8.02
N LEU D 56 2.87 -6.33 -7.20
CA LEU D 56 2.62 -7.69 -6.74
C LEU D 56 1.29 -7.77 -6.05
N ALA D 57 1.06 -6.84 -5.12
CA ALA D 57 -0.22 -6.75 -4.43
C ALA D 57 -1.39 -6.73 -5.43
N GLU D 58 -1.25 -5.95 -6.49
CA GLU D 58 -2.32 -5.79 -7.48
C GLU D 58 -2.49 -7.05 -8.34
N VAL D 59 -1.40 -7.78 -8.56
CA VAL D 59 -1.50 -9.01 -9.31
C VAL D 59 -2.25 -10.07 -8.51
N ILE D 60 -1.88 -10.23 -7.24
CA ILE D 60 -2.54 -11.22 -6.38
C ILE D 60 -4.02 -10.93 -6.21
N ARG D 61 -4.36 -9.66 -6.01
CA ARG D 61 -5.76 -9.24 -6.00
C ARG D 61 -6.44 -9.73 -7.27
N LEU D 62 -5.86 -9.38 -8.42
CA LEU D 62 -6.40 -9.79 -9.72
C LEU D 62 -6.54 -11.31 -9.83
N ARG D 63 -5.46 -12.03 -9.52
CA ARG D 63 -5.44 -13.47 -9.60
C ARG D 63 -6.50 -14.10 -8.70
N LEU D 64 -6.59 -13.61 -7.47
CA LEU D 64 -7.48 -14.18 -6.46
C LEU D 64 -8.88 -14.16 -7.02
N ALA D 65 -9.22 -13.03 -7.63
CA ALA D 65 -10.53 -12.80 -8.22
C ALA D 65 -10.82 -13.82 -9.31
N ARG D 66 -9.96 -13.85 -10.32
CA ARG D 66 -10.01 -14.83 -11.39
C ARG D 66 -10.35 -16.20 -10.84
N THR D 67 -9.41 -16.77 -10.10
CA THR D 67 -9.58 -18.08 -9.49
C THR D 67 -10.96 -18.31 -8.87
N ALA D 68 -11.42 -17.39 -8.03
CA ALA D 68 -12.75 -17.49 -7.45
C ALA D 68 -13.79 -17.81 -8.52
N GLN D 69 -13.93 -16.91 -9.49
CA GLN D 69 -14.85 -17.10 -10.60
C GLN D 69 -14.69 -18.49 -11.23
N LEU D 71 -13.46 -21.40 -10.01
CA LEU D 71 -14.15 -22.24 -9.05
C LEU D 71 -15.67 -22.21 -9.19
N ALA D 72 -16.22 -21.02 -9.37
CA ALA D 72 -17.66 -20.85 -9.44
C ALA D 72 -18.20 -20.97 -10.87
N ASP D 73 -17.33 -20.77 -11.86
CA ASP D 73 -17.76 -20.88 -13.25
C ASP D 73 -17.60 -22.31 -13.71
N TRP D 74 -16.59 -22.99 -13.17
CA TRP D 74 -16.55 -24.45 -13.22
C TRP D 74 -17.90 -24.91 -12.72
N GLN D 75 -18.41 -24.22 -11.69
CA GLN D 75 -19.69 -24.51 -11.08
C GLN D 75 -20.82 -24.50 -12.13
N GLY D 76 -20.62 -23.77 -13.21
CA GLY D 76 -21.48 -23.86 -14.36
C GLY D 76 -21.21 -25.18 -15.08
N THR D 77 -20.20 -25.20 -15.93
CA THR D 77 -19.83 -26.38 -16.71
C THR D 77 -20.34 -27.69 -16.10
N GLY D 78 -19.52 -28.30 -15.24
CA GLY D 78 -19.88 -29.53 -14.58
C GLY D 78 -21.37 -29.63 -14.27
N ASP D 79 -21.99 -30.72 -14.71
CA ASP D 79 -23.42 -30.97 -14.53
C ASP D 79 -23.67 -31.48 -13.13
N SER D 80 -22.60 -31.97 -12.52
CA SER D 80 -22.67 -32.71 -11.26
C SER D 80 -21.61 -32.14 -10.31
N PRO D 81 -21.44 -32.74 -9.12
CA PRO D 81 -20.37 -32.24 -8.25
C PRO D 81 -19.04 -32.81 -8.70
N ARG D 82 -18.95 -34.13 -8.59
CA ARG D 82 -17.79 -34.87 -9.02
C ARG D 82 -17.17 -34.30 -10.28
N ALA D 83 -17.98 -34.00 -11.29
CA ALA D 83 -17.46 -33.59 -12.61
C ALA D 83 -16.87 -32.18 -12.63
N ARG D 84 -17.16 -31.42 -11.59
CA ARG D 84 -16.70 -30.06 -11.48
C ARG D 84 -15.39 -30.07 -10.72
N ILE D 85 -15.32 -30.92 -9.69
CA ILE D 85 -14.06 -31.30 -9.09
C ILE D 85 -13.12 -31.74 -10.20
N ALA D 86 -13.60 -32.66 -11.03
CA ALA D 86 -12.84 -33.16 -12.17
C ALA D 86 -12.41 -32.04 -13.13
N SER D 87 -13.18 -30.96 -13.14
CA SER D 87 -12.88 -29.78 -13.95
C SER D 87 -11.60 -29.09 -13.44
N PHE D 88 -11.43 -29.09 -12.12
CA PHE D 88 -10.18 -28.67 -11.50
C PHE D 88 -9.07 -29.67 -11.85
N ILE D 89 -9.32 -30.96 -11.60
CA ILE D 89 -8.32 -31.98 -11.93
C ILE D 89 -7.85 -31.81 -13.37
N ASP D 90 -8.80 -31.81 -14.30
CA ASP D 90 -8.49 -31.71 -15.72
C ASP D 90 -8.03 -30.32 -16.16
N LEU D 91 -8.13 -29.32 -15.29
CA LEU D 91 -7.51 -28.02 -15.57
C LEU D 91 -6.02 -28.23 -15.89
N ILE D 93 -4.82 -30.75 -17.33
CA ILE D 93 -4.73 -31.30 -18.67
C ILE D 93 -4.83 -30.15 -19.68
N ASN D 95 -4.18 -26.74 -19.18
CA ASN D 95 -2.97 -25.90 -19.13
C ASN D 95 -1.67 -26.71 -19.03
N ARG D 96 -1.65 -27.87 -19.69
CA ARG D 96 -0.55 -28.83 -19.50
C ARG D 96 0.82 -28.35 -19.99
N ALA D 97 0.82 -27.53 -21.04
CA ALA D 97 2.08 -27.01 -21.58
C ALA D 97 2.65 -25.90 -20.69
N LYS D 98 1.78 -25.02 -20.21
CA LYS D 98 2.23 -23.94 -19.34
C LYS D 98 2.76 -24.52 -18.04
N ILE D 99 2.03 -25.51 -17.49
CA ILE D 99 2.44 -26.20 -16.26
C ILE D 99 3.84 -26.81 -16.33
N THR D 100 4.08 -27.66 -17.31
CA THR D 100 5.40 -28.31 -17.42
C THR D 100 6.47 -27.28 -17.80
N ARG D 101 6.06 -26.20 -18.47
CA ARG D 101 7.00 -25.14 -18.79
C ARG D 101 7.28 -24.19 -17.63
N TYR D 102 6.22 -23.78 -16.94
CA TYR D 102 6.31 -22.77 -15.88
C TYR D 102 5.88 -23.21 -14.48
N GLY D 103 5.59 -24.49 -14.29
CA GLY D 103 4.96 -24.95 -13.05
C GLY D 103 3.62 -24.28 -12.81
N CYS D 104 2.93 -24.64 -11.73
CA CYS D 104 1.64 -24.02 -11.42
C CYS D 104 1.81 -22.52 -11.13
N PRO D 105 0.87 -21.68 -11.61
CA PRO D 105 1.02 -20.26 -11.26
C PRO D 105 1.01 -20.07 -9.74
N VAL D 106 0.03 -20.66 -9.06
CA VAL D 106 -0.08 -20.55 -7.62
C VAL D 106 1.12 -21.20 -6.90
N GLY D 107 1.28 -22.51 -7.11
CA GLY D 107 2.40 -23.24 -6.56
C GLY D 107 3.71 -22.48 -6.69
N SER D 108 4.13 -22.26 -7.93
CA SER D 108 5.42 -21.57 -8.19
C SER D 108 5.52 -20.18 -7.56
N LEU D 109 4.41 -19.46 -7.45
CA LEU D 109 4.43 -18.14 -6.76
C LEU D 109 4.54 -18.25 -5.25
N CYS D 110 3.76 -19.14 -4.64
CA CYS D 110 3.80 -19.28 -3.18
C CYS D 110 5.15 -19.80 -2.70
N THR D 111 5.73 -20.72 -3.44
CA THR D 111 7.03 -21.26 -3.10
C THR D 111 8.10 -20.20 -3.29
N GLU D 112 8.07 -19.47 -4.40
CA GLU D 112 9.00 -18.38 -4.58
C GLU D 112 8.87 -17.38 -3.43
N LEU D 113 7.68 -16.83 -3.23
CA LEU D 113 7.50 -15.81 -2.19
C LEU D 113 7.81 -16.36 -0.82
N SER D 114 7.65 -17.67 -0.64
CA SER D 114 7.98 -18.31 0.63
C SER D 114 9.49 -18.39 0.89
N LYS D 115 10.26 -18.78 -0.13
CA LYS D 115 11.71 -18.87 0.01
C LYS D 115 12.28 -17.49 0.17
N LEU D 116 11.69 -16.55 -0.57
CA LEU D 116 11.98 -15.14 -0.43
C LEU D 116 11.66 -14.63 0.97
N ASP D 117 10.88 -15.41 1.73
CA ASP D 117 10.41 -14.95 3.02
C ASP D 117 9.78 -13.56 2.84
N HIS D 118 8.69 -13.50 2.08
CA HIS D 118 8.11 -12.24 1.65
C HIS D 118 6.81 -11.92 2.35
N ALA D 119 6.69 -10.70 2.88
CA ALA D 119 5.47 -10.20 3.49
C ALA D 119 4.18 -10.73 2.86
N ALA D 120 4.18 -10.85 1.53
CA ALA D 120 2.98 -11.18 0.77
C ALA D 120 2.73 -12.66 0.59
N GLN D 121 3.54 -13.52 1.19
CA GLN D 121 3.26 -14.95 1.09
C GLN D 121 1.85 -15.24 1.60
N GLY D 122 1.48 -14.59 2.69
CA GLY D 122 0.15 -14.78 3.25
C GLY D 122 -0.94 -14.49 2.24
N GLN D 123 -0.80 -13.38 1.52
CA GLN D 123 -1.76 -12.98 0.50
C GLN D 123 -1.72 -13.94 -0.70
N ALA D 124 -0.50 -14.31 -1.10
CA ALA D 124 -0.27 -15.31 -2.13
C ALA D 124 -0.96 -16.62 -1.81
N ASN D 125 -0.84 -17.08 -0.57
CA ASN D 125 -1.43 -18.36 -0.17
C ASN D 125 -2.96 -18.37 -0.23
N GLY D 126 -3.56 -17.17 -0.26
CA GLY D 126 -5.00 -17.03 -0.42
C GLY D 126 -5.54 -17.65 -1.71
N LEU D 127 -4.63 -17.98 -2.63
CA LEU D 127 -5.01 -18.69 -3.86
C LEU D 127 -5.17 -20.21 -3.65
N PHE D 128 -4.33 -20.81 -2.80
CA PHE D 128 -4.58 -22.19 -2.33
C PHE D 128 -5.79 -22.27 -1.39
N THR D 129 -6.00 -21.22 -0.58
CA THR D 129 -7.13 -21.20 0.35
C THR D 129 -8.45 -21.31 -0.39
N LEU D 130 -8.58 -20.53 -1.46
CA LEU D 130 -9.77 -20.57 -2.31
C LEU D 130 -10.05 -21.98 -2.74
N PHE D 131 -9.17 -22.51 -3.59
CA PHE D 131 -9.33 -23.88 -4.08
C PHE D 131 -9.70 -24.78 -2.90
N ARG D 132 -8.92 -24.67 -1.81
CA ARG D 132 -9.11 -25.54 -0.66
C ARG D 132 -10.58 -25.58 -0.22
N ASP D 133 -11.12 -24.41 0.11
CA ASP D 133 -12.45 -24.30 0.70
C ASP D 133 -13.54 -24.70 -0.30
N TRP D 134 -13.20 -24.61 -1.58
CA TRP D 134 -14.12 -24.97 -2.65
C TRP D 134 -14.09 -26.48 -2.89
N LEU D 135 -12.88 -27.05 -2.94
CA LEU D 135 -12.76 -28.50 -3.02
C LEU D 135 -13.35 -29.16 -1.77
N GLN D 136 -13.35 -28.42 -0.67
CA GLN D 136 -14.04 -28.84 0.52
C GLN D 136 -15.55 -28.86 0.22
N ARG D 137 -16.07 -27.74 -0.29
CA ARG D 137 -17.46 -27.65 -0.71
C ARG D 137 -17.80 -28.84 -1.58
N GLN D 138 -17.15 -28.93 -2.74
CA GLN D 138 -17.37 -30.05 -3.65
C GLN D 138 -17.44 -31.37 -2.90
N PHE D 139 -16.38 -31.74 -2.19
CA PHE D 139 -16.38 -33.01 -1.44
C PHE D 139 -17.55 -33.15 -0.47
N ALA D 140 -18.10 -32.03 -0.04
CA ALA D 140 -19.29 -32.04 0.82
C ALA D 140 -20.53 -32.22 -0.05
N GLU D 141 -20.82 -31.22 -0.89
CA GLU D 141 -21.90 -31.28 -1.87
C GLU D 141 -21.56 -32.31 -2.96
N ALA D 142 -21.24 -33.53 -2.54
CA ALA D 142 -20.91 -34.61 -3.46
C ALA D 142 -20.94 -35.99 -2.81
N GLY D 143 -20.69 -36.05 -1.51
CA GLY D 143 -20.73 -37.33 -0.79
C GLY D 143 -20.06 -37.34 0.57
N CYS D 144 -18.74 -37.49 0.58
CA CYS D 144 -17.95 -37.43 1.81
C CYS D 144 -18.04 -36.05 2.43
N THR D 145 -19.26 -35.64 2.79
CA THR D 145 -19.53 -34.34 3.41
C THR D 145 -18.62 -34.09 4.62
N THR D 146 -18.41 -35.14 5.41
CA THR D 146 -17.59 -35.04 6.61
C THR D 146 -16.10 -34.90 6.36
N GLU D 147 -15.58 -35.66 5.38
CA GLU D 147 -14.13 -35.73 5.14
C GLU D 147 -13.58 -34.64 4.21
N ALA D 148 -14.43 -33.70 3.82
CA ALA D 148 -14.03 -32.61 2.91
C ALA D 148 -12.64 -31.98 3.13
N PRO D 149 -12.29 -31.58 4.39
CA PRO D 149 -11.00 -30.89 4.59
C PRO D 149 -9.76 -31.60 4.04
N ALA D 150 -9.42 -32.76 4.61
CA ALA D 150 -8.18 -33.42 4.25
C ALA D 150 -8.19 -33.89 2.81
N LEU D 151 -9.34 -34.39 2.37
CA LEU D 151 -9.54 -34.79 0.98
C LEU D 151 -9.16 -33.64 0.06
N ALA D 152 -9.59 -32.43 0.43
CA ALA D 152 -9.32 -31.25 -0.37
C ALA D 152 -7.83 -31.06 -0.39
N HIS D 154 -5.35 -32.91 0.60
CA HIS D 154 -4.65 -34.04 -0.02
C HIS D 154 -4.57 -33.90 -1.53
N LEU D 155 -5.70 -33.66 -2.18
CA LEU D 155 -5.75 -33.55 -3.63
C LEU D 155 -4.95 -32.34 -4.12
N LEU D 156 -5.13 -31.21 -3.46
CA LEU D 156 -4.37 -30.01 -3.76
C LEU D 156 -2.88 -30.32 -3.82
N ALA D 157 -2.41 -31.10 -2.84
CA ALA D 157 -1.01 -31.53 -2.80
C ALA D 157 -0.72 -32.61 -3.86
N ARG D 158 -1.71 -33.46 -4.16
CA ARG D 158 -1.57 -34.37 -5.27
C ARG D 158 -1.18 -33.58 -6.52
N SER D 159 -1.97 -32.56 -6.81
CA SER D 159 -1.85 -31.82 -8.05
C SER D 159 -0.60 -30.97 -8.06
N GLN D 160 -0.19 -30.51 -6.88
CA GLN D 160 1.02 -29.73 -6.76
C GLN D 160 2.25 -30.57 -7.08
N GLY D 161 2.25 -31.80 -6.56
CA GLY D 161 3.31 -32.76 -6.76
C GLY D 161 3.42 -33.22 -8.20
N ALA D 162 2.26 -33.34 -8.84
CA ALA D 162 2.21 -33.67 -10.27
C ALA D 162 2.85 -32.55 -11.10
N ALA D 163 2.32 -31.32 -10.97
CA ALA D 163 2.89 -30.13 -11.60
C ALA D 163 4.38 -29.95 -11.28
N THR D 164 4.73 -30.12 -10.01
CA THR D 164 6.13 -29.98 -9.64
C THR D 164 7.02 -30.87 -10.48
N LEU D 165 6.71 -32.17 -10.53
CA LEU D 165 7.56 -33.09 -11.28
C LEU D 165 7.45 -32.86 -12.81
N ALA D 166 6.26 -32.52 -13.28
CA ALA D 166 6.07 -32.19 -14.68
C ALA D 166 7.06 -31.10 -15.11
N GLN D 167 7.12 -30.01 -14.34
CA GLN D 167 7.92 -28.83 -14.69
C GLN D 167 9.43 -29.06 -14.63
N SER D 168 9.86 -29.94 -13.74
CA SER D 168 11.29 -30.19 -13.55
C SER D 168 11.83 -31.17 -14.59
N PHE D 169 11.01 -32.17 -14.90
CA PHE D 169 11.35 -33.13 -15.95
C PHE D 169 10.91 -32.59 -17.28
N HIS D 170 10.30 -31.40 -17.26
CA HIS D 170 9.62 -30.86 -18.44
C HIS D 170 8.99 -32.04 -19.18
N ASP D 171 8.12 -32.72 -18.45
CA ASP D 171 7.57 -34.01 -18.85
C ASP D 171 6.05 -33.90 -18.85
N GLU D 172 5.52 -33.51 -20.00
CA GLU D 172 4.10 -33.29 -20.11
C GLU D 172 3.41 -34.63 -19.90
N GLY D 173 4.07 -35.71 -20.32
CA GLY D 173 3.48 -37.03 -20.19
C GLY D 173 3.06 -37.29 -18.77
N PHE D 174 4.00 -37.10 -17.85
CA PHE D 174 3.82 -37.43 -16.44
C PHE D 174 2.58 -36.78 -15.86
N LEU D 175 2.39 -35.51 -16.17
CA LEU D 175 1.21 -34.78 -15.74
C LEU D 175 -0.06 -35.58 -16.07
N ARG D 176 -0.02 -36.36 -17.13
CA ARG D 176 -1.20 -37.06 -17.61
C ARG D 176 -1.45 -38.36 -16.83
N SER D 177 -0.36 -39.09 -16.59
CA SER D 177 -0.42 -40.32 -15.82
C SER D 177 -0.67 -40.00 -14.36
N GLU D 178 -0.31 -38.79 -13.94
CA GLU D 178 -0.69 -38.32 -12.62
C GLU D 178 -2.17 -38.00 -12.60
N VAL D 179 -2.63 -37.24 -13.59
CA VAL D 179 -4.05 -36.91 -13.63
C VAL D 179 -4.91 -38.19 -13.68
N ALA D 180 -4.44 -39.18 -14.44
CA ALA D 180 -5.13 -40.46 -14.53
C ALA D 180 -5.23 -41.12 -13.16
N ASP D 181 -4.14 -41.06 -12.40
CA ASP D 181 -4.09 -41.67 -11.07
C ASP D 181 -4.91 -40.87 -10.06
N HIS D 183 -7.71 -39.50 -10.85
CA HIS D 183 -9.09 -39.91 -11.10
C HIS D 183 -9.44 -41.27 -10.50
N ARG D 184 -8.61 -42.29 -10.76
CA ARG D 184 -8.79 -43.61 -10.17
C ARG D 184 -8.90 -43.61 -8.64
N TRP D 185 -8.32 -42.58 -8.01
CA TRP D 185 -8.38 -42.42 -6.56
C TRP D 185 -9.72 -41.82 -6.15
N LEU D 186 -10.13 -40.78 -6.87
CA LEU D 186 -11.41 -40.13 -6.65
C LEU D 186 -12.50 -41.20 -6.74
N ASP D 187 -12.34 -42.11 -7.68
CA ASP D 187 -13.23 -43.26 -7.79
C ASP D 187 -13.38 -44.00 -6.49
N ASN D 188 -12.26 -44.47 -5.94
CA ASN D 188 -12.30 -45.24 -4.70
C ASN D 188 -12.64 -44.40 -3.47
N THR D 189 -12.96 -43.12 -3.69
CA THR D 189 -13.15 -42.16 -2.61
C THR D 189 -14.62 -41.87 -2.30
N LEU D 190 -15.38 -41.59 -3.36
CA LEU D 190 -16.77 -41.16 -3.24
C LEU D 190 -17.74 -42.23 -3.75
N PRO D 191 -19.06 -41.94 -3.68
CA PRO D 191 -20.16 -42.76 -4.18
C PRO D 191 -20.94 -42.14 -5.37
N THR D 193 -24.67 -40.71 -6.91
CA THR D 193 -25.57 -39.80 -6.23
C THR D 193 -26.86 -39.45 -6.97
N THR D 194 -27.54 -38.44 -6.43
CA THR D 194 -28.78 -37.93 -6.98
C THR D 194 -28.97 -36.47 -6.56
N ASN E 2 -42.75 17.49 -10.35
CA ASN E 2 -43.67 18.54 -10.79
C ASN E 2 -43.25 19.21 -12.10
N ALA E 3 -43.98 20.24 -12.50
CA ALA E 3 -43.68 20.98 -13.73
C ALA E 3 -42.46 21.88 -13.57
N VAL E 5 -41.86 23.82 -11.61
CA VAL E 5 -41.65 24.07 -10.18
C VAL E 5 -40.67 23.11 -9.51
N GLN E 6 -40.56 21.89 -10.04
CA GLN E 6 -39.56 20.94 -9.55
C GLN E 6 -38.19 21.56 -9.74
N ALA E 7 -38.12 22.48 -10.69
CA ALA E 7 -36.91 23.24 -10.93
C ALA E 7 -36.53 23.95 -9.64
N GLN E 8 -37.54 24.48 -8.96
CA GLN E 8 -37.33 25.20 -7.72
C GLN E 8 -37.53 24.32 -6.50
N THR E 9 -37.74 23.02 -6.73
CA THR E 9 -37.74 22.07 -5.64
C THR E 9 -36.31 21.56 -5.47
N ARG E 10 -35.62 21.37 -6.59
CA ARG E 10 -34.19 21.09 -6.58
C ARG E 10 -33.47 22.20 -5.83
N ASP E 11 -33.71 23.43 -6.26
CA ASP E 11 -33.03 24.58 -5.71
C ASP E 11 -33.16 24.55 -4.20
N GLN E 12 -34.33 24.14 -3.74
CA GLN E 12 -34.64 24.13 -2.32
C GLN E 12 -33.72 23.20 -1.54
N ILE E 13 -33.34 22.08 -2.15
CA ILE E 13 -32.38 21.14 -1.55
C ILE E 13 -30.96 21.70 -1.66
N VAL E 14 -30.63 22.23 -2.84
CA VAL E 14 -29.34 22.82 -3.07
C VAL E 14 -29.14 24.04 -2.19
N ALA E 15 -30.15 24.90 -2.13
CA ALA E 15 -30.06 26.07 -1.27
C ALA E 15 -29.80 25.59 0.15
N ALA E 16 -30.70 24.78 0.69
CA ALA E 16 -30.53 24.21 2.02
C ALA E 16 -29.11 23.66 2.29
N ALA E 17 -28.64 22.75 1.42
CA ALA E 17 -27.31 22.14 1.54
C ALA E 17 -26.16 23.15 1.56
N ASP E 18 -26.23 24.15 0.69
CA ASP E 18 -25.18 25.20 0.63
C ASP E 18 -24.85 25.74 2.02
N GLU E 19 -25.89 26.00 2.81
CA GLU E 19 -25.73 26.57 4.14
C GLU E 19 -25.12 25.57 5.12
N LEU E 20 -25.57 24.32 5.08
CA LEU E 20 -25.12 23.31 6.04
C LEU E 20 -23.68 22.94 5.78
N PHE E 21 -23.38 22.67 4.51
CA PHE E 21 -22.02 22.36 4.09
C PHE E 21 -21.02 23.34 4.72
N TYR E 22 -21.35 24.64 4.68
CA TYR E 22 -20.48 25.69 5.22
C TYR E 22 -20.48 25.69 6.74
N ARG E 23 -21.66 25.53 7.33
CA ARG E 23 -21.80 25.52 8.78
C ARG E 23 -21.29 24.24 9.43
N GLN E 24 -21.50 23.10 8.77
CA GLN E 24 -21.12 21.82 9.38
C GLN E 24 -19.89 21.12 8.78
N GLY E 25 -19.66 21.34 7.49
CA GLY E 25 -18.67 20.58 6.76
C GLY E 25 -19.38 19.76 5.70
N PHE E 26 -18.67 19.43 4.64
CA PHE E 26 -19.25 18.68 3.55
C PHE E 26 -19.49 17.25 4.00
N ALA E 27 -18.43 16.63 4.49
CA ALA E 27 -18.51 15.25 4.91
C ALA E 27 -19.61 15.06 5.94
N GLN E 28 -19.64 15.97 6.91
CA GLN E 28 -20.54 15.90 8.07
C GLN E 28 -22.00 15.99 7.72
N THR E 29 -22.30 16.77 6.68
CA THR E 29 -23.68 17.02 6.31
C THR E 29 -24.29 15.78 5.64
N SER E 30 -25.35 15.24 6.25
CA SER E 30 -25.95 14.00 5.79
C SER E 30 -27.23 14.28 5.05
N PHE E 31 -27.68 13.29 4.29
CA PHE E 31 -28.98 13.33 3.62
C PHE E 31 -30.11 13.70 4.58
N VAL E 32 -30.12 13.09 5.76
CA VAL E 32 -31.12 13.41 6.78
C VAL E 32 -31.02 14.85 7.29
N ASP E 33 -29.81 15.40 7.29
CA ASP E 33 -29.60 16.80 7.65
C ASP E 33 -30.31 17.67 6.63
N ILE E 34 -30.22 17.28 5.37
CA ILE E 34 -30.71 18.12 4.28
C ILE E 34 -32.23 17.98 4.05
N SER E 35 -32.74 16.75 4.08
CA SER E 35 -34.17 16.50 3.94
C SER E 35 -34.92 17.07 5.14
N ALA E 36 -34.34 16.94 6.32
CA ALA E 36 -34.91 17.49 7.54
C ALA E 36 -35.02 19.00 7.42
N ALA E 37 -34.03 19.58 6.72
CA ALA E 37 -33.92 21.02 6.55
C ALA E 37 -34.87 21.55 5.49
N VAL E 38 -35.18 20.73 4.50
CA VAL E 38 -36.17 21.05 3.48
C VAL E 38 -37.55 20.51 3.91
N GLY E 39 -37.52 19.57 4.84
CA GLY E 39 -38.72 19.00 5.43
C GLY E 39 -39.60 18.28 4.43
N ILE E 40 -38.98 17.58 3.48
CA ILE E 40 -39.72 16.88 2.44
C ILE E 40 -39.59 15.36 2.53
N SER E 41 -40.57 14.66 1.95
CA SER E 41 -40.55 13.20 1.86
C SER E 41 -39.18 12.67 1.47
N ARG E 42 -38.82 11.49 1.99
CA ARG E 42 -37.63 10.78 1.56
C ARG E 42 -37.88 10.48 0.10
N GLY E 43 -39.13 10.71 -0.30
CA GLY E 43 -39.59 10.52 -1.66
C GLY E 43 -39.08 11.58 -2.62
N ASN E 44 -39.53 12.82 -2.44
CA ASN E 44 -39.14 13.90 -3.35
C ASN E 44 -37.62 14.10 -3.45
N PHE E 45 -36.93 13.99 -2.32
CA PHE E 45 -35.48 14.24 -2.25
C PHE E 45 -34.68 13.44 -3.28
N TYR E 46 -34.95 12.13 -3.35
CA TYR E 46 -34.16 11.25 -4.20
C TYR E 46 -34.47 11.40 -5.69
N TYR E 47 -35.60 12.01 -5.99
CA TYR E 47 -35.94 12.34 -7.37
C TYR E 47 -34.93 13.35 -7.90
N HIS E 48 -34.64 14.35 -7.07
CA HIS E 48 -33.67 15.38 -7.42
C HIS E 48 -32.23 14.89 -7.27
N PHE E 49 -31.89 14.33 -6.11
CA PHE E 49 -30.51 13.94 -5.82
C PHE E 49 -30.36 12.54 -5.23
N LYS E 50 -29.25 11.89 -5.56
CA LYS E 50 -29.04 10.51 -5.19
C LYS E 50 -27.71 10.25 -4.46
N THR E 51 -26.72 11.13 -4.63
CA THR E 51 -25.50 11.07 -3.81
C THR E 51 -25.20 12.40 -3.18
N LYS E 52 -24.27 12.38 -2.24
CA LYS E 52 -23.74 13.59 -1.65
C LYS E 52 -22.96 14.35 -2.72
N ASP E 53 -22.28 13.60 -3.57
CA ASP E 53 -21.42 14.20 -4.58
C ASP E 53 -22.23 15.02 -5.58
N GLU E 54 -23.37 14.48 -6.01
CA GLU E 54 -24.29 15.21 -6.89
C GLU E 54 -24.69 16.56 -6.30
N ILE E 55 -25.06 16.56 -5.03
CA ILE E 55 -25.46 17.76 -4.34
C ILE E 55 -24.31 18.79 -4.25
N LEU E 56 -23.10 18.31 -3.98
CA LEU E 56 -21.93 19.19 -3.85
C LEU E 56 -21.63 19.86 -5.18
N ALA E 57 -21.81 19.10 -6.26
CA ALA E 57 -21.53 19.62 -7.60
C ALA E 57 -22.33 20.90 -7.86
N GLU E 58 -23.62 20.88 -7.53
CA GLU E 58 -24.49 22.05 -7.76
C GLU E 58 -24.33 23.13 -6.67
N VAL E 59 -24.00 22.71 -5.46
CA VAL E 59 -23.71 23.66 -4.40
C VAL E 59 -22.51 24.54 -4.75
N ILE E 60 -21.59 24.01 -5.55
CA ILE E 60 -20.40 24.76 -5.97
C ILE E 60 -20.73 25.70 -7.14
N ARG E 61 -21.68 25.27 -7.98
CA ARG E 61 -22.13 26.07 -9.12
C ARG E 61 -23.00 27.22 -8.63
N LEU E 62 -23.79 26.95 -7.60
CA LEU E 62 -24.53 28.01 -6.94
C LEU E 62 -23.57 29.03 -6.30
N ARG E 63 -22.49 28.52 -5.71
CA ARG E 63 -21.48 29.37 -5.08
C ARG E 63 -20.71 30.16 -6.13
N LEU E 64 -20.38 29.50 -7.22
CA LEU E 64 -19.69 30.12 -8.32
C LEU E 64 -20.59 31.22 -8.93
N ALA E 65 -21.90 31.04 -8.77
CA ALA E 65 -22.89 32.00 -9.27
C ALA E 65 -23.06 33.17 -8.29
N ARG E 66 -23.45 32.85 -7.06
CA ARG E 66 -23.58 33.85 -6.01
C ARG E 66 -22.33 34.69 -5.92
N THR E 67 -21.18 34.06 -6.17
CA THR E 67 -19.85 34.69 -6.12
C THR E 67 -19.62 35.74 -7.19
N ALA E 68 -19.67 35.34 -8.45
CA ALA E 68 -19.37 36.23 -9.55
C ALA E 68 -20.35 37.39 -9.56
N GLN E 69 -21.53 37.15 -9.00
CA GLN E 69 -22.56 38.19 -8.85
C GLN E 69 -22.24 39.14 -7.69
N LEU E 71 -19.10 39.67 -6.83
CA LEU E 71 -18.01 40.40 -7.47
C LEU E 71 -18.52 41.45 -8.47
N ALA E 72 -19.78 41.34 -8.86
CA ALA E 72 -20.41 42.35 -9.72
C ALA E 72 -20.69 43.61 -8.91
N ASP E 73 -21.32 43.45 -7.77
CA ASP E 73 -21.62 44.56 -6.87
C ASP E 73 -20.34 45.27 -6.43
N TRP E 74 -19.21 44.58 -6.53
CA TRP E 74 -17.89 45.15 -6.23
C TRP E 74 -17.29 45.85 -7.46
N GLN E 75 -18.15 46.17 -8.42
CA GLN E 75 -17.69 46.82 -9.64
C GLN E 75 -18.67 47.90 -10.03
N GLY E 76 -19.96 47.62 -9.82
CA GLY E 76 -21.01 48.59 -10.04
C GLY E 76 -20.95 49.66 -8.98
N THR E 77 -20.83 49.22 -7.72
CA THR E 77 -20.68 50.15 -6.60
C THR E 77 -19.22 50.62 -6.56
N GLY E 78 -18.40 50.02 -7.42
CA GLY E 78 -17.02 50.40 -7.55
C GLY E 78 -16.84 51.36 -8.71
N ASP E 79 -15.76 52.12 -8.66
CA ASP E 79 -15.53 53.19 -9.60
C ASP E 79 -14.03 53.38 -9.66
N SER E 80 -13.34 52.69 -8.77
CA SER E 80 -11.88 52.69 -8.71
C SER E 80 -11.42 51.28 -8.41
N PRO E 81 -10.48 50.75 -9.21
CA PRO E 81 -9.81 49.48 -8.89
C PRO E 81 -9.42 49.41 -7.42
N ARG E 82 -8.87 50.49 -6.87
CA ARG E 82 -8.63 50.56 -5.45
C ARG E 82 -9.93 50.28 -4.70
N ALA E 83 -10.95 51.09 -4.97
CA ALA E 83 -12.27 50.87 -4.36
C ALA E 83 -12.70 49.41 -4.46
N ARG E 84 -12.34 48.81 -5.58
CA ARG E 84 -12.86 47.51 -5.95
C ARG E 84 -12.01 46.35 -5.39
N ILE E 85 -10.76 46.65 -5.01
CA ILE E 85 -9.98 45.71 -4.19
C ILE E 85 -10.38 45.79 -2.72
N ALA E 86 -10.58 47.03 -2.24
CA ALA E 86 -11.12 47.30 -0.89
C ALA E 86 -12.24 46.34 -0.51
N SER E 87 -13.19 46.19 -1.42
CA SER E 87 -14.28 45.23 -1.27
C SER E 87 -13.77 43.86 -0.80
N PHE E 88 -12.67 43.39 -1.37
CA PHE E 88 -12.17 42.05 -1.03
C PHE E 88 -11.54 41.93 0.36
N ILE E 89 -11.02 43.03 0.90
CA ILE E 89 -10.43 42.97 2.23
C ILE E 89 -11.54 43.07 3.29
N ASP E 90 -12.58 43.81 2.96
CA ASP E 90 -13.59 44.14 3.94
C ASP E 90 -14.69 43.10 4.14
N LEU E 91 -14.77 42.13 3.23
CA LEU E 91 -15.65 40.98 3.43
C LEU E 91 -15.34 40.29 4.78
N ILE E 93 -14.04 41.73 7.55
CA ILE E 93 -14.61 42.55 8.62
C ILE E 93 -16.11 42.32 8.67
N ASN E 95 -17.96 39.94 7.56
CA ASN E 95 -18.31 38.56 7.89
C ASN E 95 -17.45 38.05 9.03
N ARG E 96 -16.83 38.98 9.77
CA ARG E 96 -15.92 38.58 10.83
C ARG E 96 -16.54 37.53 11.72
N ALA E 97 -17.78 37.75 12.11
CA ALA E 97 -18.51 36.79 12.93
C ALA E 97 -18.53 35.41 12.29
N LYS E 98 -19.12 35.31 11.10
CA LYS E 98 -19.25 34.01 10.45
C LYS E 98 -17.88 33.41 10.17
N ILE E 99 -16.93 34.25 9.77
CA ILE E 99 -15.59 33.79 9.46
C ILE E 99 -14.88 33.27 10.72
N THR E 100 -15.12 33.95 11.84
CA THR E 100 -14.55 33.52 13.11
C THR E 100 -15.05 32.13 13.59
N ARG E 101 -16.26 31.75 13.20
CA ARG E 101 -16.84 30.50 13.66
C ARG E 101 -16.73 29.32 12.69
N TYR E 102 -17.06 29.56 11.42
CA TYR E 102 -17.06 28.51 10.42
C TYR E 102 -15.91 28.62 9.40
N GLY E 103 -15.24 29.76 9.39
CA GLY E 103 -14.09 29.98 8.54
C GLY E 103 -14.43 30.75 7.28
N CYS E 104 -13.44 30.96 6.42
CA CYS E 104 -13.70 31.45 5.08
C CYS E 104 -14.57 30.41 4.37
N PRO E 105 -15.68 30.87 3.77
CA PRO E 105 -16.51 29.85 3.08
C PRO E 105 -15.74 29.14 1.97
N VAL E 106 -14.78 29.84 1.37
CA VAL E 106 -14.09 29.34 0.20
C VAL E 106 -12.92 28.42 0.55
N GLY E 107 -12.08 28.87 1.49
CA GLY E 107 -10.95 28.07 1.93
C GLY E 107 -11.33 26.83 2.73
N SER E 108 -12.39 26.92 3.51
CA SER E 108 -12.84 25.78 4.32
C SER E 108 -13.27 24.59 3.45
N LEU E 109 -14.09 24.84 2.43
CA LEU E 109 -14.47 23.76 1.53
C LEU E 109 -13.25 23.21 0.82
N CYS E 110 -12.39 24.11 0.33
CA CYS E 110 -11.20 23.69 -0.42
C CYS E 110 -10.23 22.74 0.32
N THR E 111 -9.91 23.07 1.57
CA THR E 111 -9.06 22.19 2.40
C THR E 111 -9.76 20.88 2.79
N GLU E 112 -11.07 20.93 3.03
CA GLU E 112 -11.79 19.68 3.26
C GLU E 112 -11.72 18.77 2.03
N LEU E 113 -11.94 19.31 0.83
CA LEU E 113 -11.96 18.47 -0.36
C LEU E 113 -10.55 17.97 -0.64
N SER E 114 -9.58 18.83 -0.37
CA SER E 114 -8.18 18.42 -0.49
C SER E 114 -7.86 17.30 0.50
N LYS E 115 -8.13 17.54 1.78
CA LYS E 115 -7.83 16.51 2.77
C LYS E 115 -8.61 15.23 2.45
N LEU E 116 -9.83 15.38 1.93
CA LEU E 116 -10.67 14.25 1.56
C LEU E 116 -10.20 13.60 0.28
N ASP E 117 -9.16 14.18 -0.32
CA ASP E 117 -8.78 13.84 -1.70
C ASP E 117 -10.00 13.70 -2.59
N HIS E 118 -10.96 14.61 -2.42
CA HIS E 118 -12.23 14.56 -3.12
C HIS E 118 -12.15 15.06 -4.57
N ALA E 119 -13.08 14.58 -5.40
CA ALA E 119 -13.06 14.86 -6.84
C ALA E 119 -13.49 16.29 -7.19
N ALA E 120 -14.29 16.90 -6.33
CA ALA E 120 -14.81 18.24 -6.63
C ALA E 120 -13.78 19.32 -6.30
N GLN E 121 -12.57 18.88 -5.96
CA GLN E 121 -11.45 19.75 -5.61
C GLN E 121 -11.25 20.94 -6.55
N GLY E 122 -10.84 20.65 -7.78
CA GLY E 122 -10.55 21.71 -8.73
C GLY E 122 -11.76 22.60 -8.98
N GLN E 123 -12.94 22.05 -8.75
CA GLN E 123 -14.20 22.78 -8.97
C GLN E 123 -14.40 23.84 -7.89
N ALA E 124 -14.32 23.40 -6.63
CA ALA E 124 -14.38 24.30 -5.49
C ALA E 124 -13.32 25.42 -5.64
N ASN E 125 -12.23 25.07 -6.31
CA ASN E 125 -11.05 25.92 -6.49
C ASN E 125 -11.30 27.03 -7.49
N GLY E 126 -12.28 26.82 -8.36
CA GLY E 126 -12.73 27.82 -9.29
C GLY E 126 -13.30 28.99 -8.53
N LEU E 127 -13.79 28.73 -7.32
CA LEU E 127 -14.16 29.80 -6.41
C LEU E 127 -12.95 30.70 -6.14
N PHE E 128 -11.83 30.11 -5.69
CA PHE E 128 -10.59 30.87 -5.55
C PHE E 128 -10.22 31.63 -6.84
N THR E 129 -10.35 30.98 -7.99
CA THR E 129 -9.96 31.62 -9.25
C THR E 129 -10.85 32.85 -9.57
N LEU E 130 -12.16 32.75 -9.32
CA LEU E 130 -13.00 33.93 -9.41
C LEU E 130 -12.44 35.10 -8.58
N PHE E 131 -11.87 34.81 -7.40
CA PHE E 131 -11.26 35.87 -6.60
C PHE E 131 -9.92 36.31 -7.21
N ARG E 132 -9.05 35.34 -7.47
CA ARG E 132 -7.74 35.62 -8.04
C ARG E 132 -7.84 36.49 -9.30
N ASP E 133 -8.38 35.90 -10.38
CA ASP E 133 -8.44 36.57 -11.68
C ASP E 133 -9.04 37.98 -11.58
N TRP E 134 -10.01 38.15 -10.69
CA TRP E 134 -10.69 39.44 -10.49
C TRP E 134 -9.71 40.45 -9.88
N LEU E 135 -9.17 40.13 -8.71
CA LEU E 135 -8.12 40.92 -8.08
C LEU E 135 -7.00 41.25 -9.07
N GLN E 136 -6.71 40.31 -9.95
CA GLN E 136 -5.69 40.51 -10.96
C GLN E 136 -6.03 41.72 -11.87
N ARG E 137 -7.24 41.74 -12.42
CA ARG E 137 -7.66 42.83 -13.31
C ARG E 137 -7.95 44.16 -12.59
N GLN E 138 -8.24 44.11 -11.29
CA GLN E 138 -8.34 45.33 -10.48
C GLN E 138 -6.94 45.89 -10.21
N PHE E 139 -5.98 45.00 -9.95
CA PHE E 139 -4.59 45.42 -9.79
C PHE E 139 -4.06 46.03 -11.07
N ALA E 140 -4.35 45.42 -12.21
CA ALA E 140 -3.92 45.93 -13.50
C ALA E 140 -4.54 47.30 -13.81
N GLU E 141 -5.88 47.34 -13.76
CA GLU E 141 -6.64 48.55 -14.03
C GLU E 141 -6.15 49.66 -13.11
N ALA E 142 -5.50 49.28 -12.01
CA ALA E 142 -4.98 50.25 -11.07
C ALA E 142 -3.57 50.73 -11.45
N GLY E 143 -2.96 50.07 -12.44
CA GLY E 143 -1.62 50.43 -12.83
C GLY E 143 -0.58 49.49 -12.25
N CYS E 144 -1.01 48.27 -11.94
CA CYS E 144 -0.09 47.20 -11.55
C CYS E 144 -0.38 46.05 -12.49
N THR E 145 -0.43 46.37 -13.78
CA THR E 145 -0.70 45.37 -14.79
C THR E 145 0.34 44.24 -14.78
N THR E 146 1.60 44.59 -15.00
CA THR E 146 2.70 43.62 -15.02
C THR E 146 2.62 42.62 -13.88
N GLU E 147 2.41 43.14 -12.69
CA GLU E 147 2.48 42.32 -11.49
C GLU E 147 1.12 41.82 -11.02
N ALA E 148 0.06 42.09 -11.80
CA ALA E 148 -1.32 41.80 -11.38
C ALA E 148 -1.60 40.35 -10.96
N PRO E 149 -1.20 39.35 -11.79
CA PRO E 149 -1.33 37.96 -11.34
C PRO E 149 -0.55 37.59 -10.05
N ALA E 150 0.56 38.27 -9.77
CA ALA E 150 1.37 37.96 -8.57
C ALA E 150 0.79 38.55 -7.28
N LEU E 151 0.18 39.71 -7.39
CA LEU E 151 -0.36 40.41 -6.23
C LEU E 151 -1.71 39.83 -5.82
N ALA E 152 -2.48 39.39 -6.82
CA ALA E 152 -3.81 38.79 -6.60
C ALA E 152 -3.68 37.58 -5.71
N HIS E 154 -1.07 36.67 -3.63
CA HIS E 154 -0.59 37.03 -2.30
C HIS E 154 -1.69 37.71 -1.48
N LEU E 155 -2.50 38.54 -2.13
CA LEU E 155 -3.62 39.16 -1.46
C LEU E 155 -4.60 38.07 -1.04
N LEU E 156 -4.93 37.21 -1.98
CA LEU E 156 -5.72 36.03 -1.71
C LEU E 156 -5.15 35.21 -0.55
N ALA E 157 -3.85 34.95 -0.60
CA ALA E 157 -3.15 34.25 0.47
C ALA E 157 -3.33 34.97 1.81
N ARG E 158 -3.10 36.28 1.84
CA ARG E 158 -3.24 37.07 3.06
C ARG E 158 -4.61 36.89 3.72
N SER E 159 -5.64 36.72 2.90
CA SER E 159 -6.98 36.55 3.46
C SER E 159 -7.13 35.19 4.15
N GLN E 160 -6.49 34.16 3.60
CA GLN E 160 -6.62 32.81 4.13
C GLN E 160 -5.81 32.61 5.42
N GLY E 161 -4.68 33.29 5.51
CA GLY E 161 -3.91 33.31 6.74
C GLY E 161 -4.71 33.92 7.89
N ALA E 162 -5.22 35.13 7.65
CA ALA E 162 -6.11 35.79 8.61
C ALA E 162 -7.27 34.88 9.01
N ALA E 163 -7.98 34.33 8.04
CA ALA E 163 -9.16 33.50 8.33
C ALA E 163 -8.84 32.22 9.12
N THR E 164 -7.77 31.53 8.75
CA THR E 164 -7.34 30.31 9.47
C THR E 164 -7.01 30.51 10.94
N LEU E 165 -6.19 31.52 11.23
CA LEU E 165 -5.80 31.83 12.61
C LEU E 165 -6.94 32.43 13.43
N ALA E 166 -7.76 33.27 12.79
CA ALA E 166 -8.93 33.89 13.43
C ALA E 166 -9.98 32.85 13.79
N GLN E 167 -10.03 31.79 12.99
CA GLN E 167 -10.92 30.65 13.21
C GLN E 167 -10.40 29.73 14.31
N SER E 168 -9.11 29.40 14.23
CA SER E 168 -8.45 28.45 15.12
C SER E 168 -8.38 29.02 16.54
N PHE E 169 -8.25 30.33 16.59
CA PHE E 169 -8.10 31.05 17.85
C PHE E 169 -9.44 31.69 18.23
N HIS E 170 -10.42 31.62 17.33
CA HIS E 170 -11.71 32.26 17.55
C HIS E 170 -11.51 33.73 17.92
N ASP E 171 -10.96 34.51 17.00
CA ASP E 171 -10.48 35.85 17.36
C ASP E 171 -10.78 36.90 16.28
N GLU E 172 -11.91 37.58 16.43
CA GLU E 172 -12.31 38.60 15.49
C GLU E 172 -11.35 39.77 15.58
N GLY E 173 -10.63 39.86 16.68
CA GLY E 173 -9.67 40.93 16.90
C GLY E 173 -8.48 40.74 16.00
N PHE E 174 -8.02 39.50 15.88
CA PHE E 174 -6.93 39.22 14.97
C PHE E 174 -7.38 39.37 13.54
N LEU E 175 -8.61 38.94 13.24
CA LEU E 175 -9.18 39.16 11.92
C LEU E 175 -9.21 40.65 11.61
N ARG E 176 -9.63 41.43 12.59
CA ARG E 176 -9.62 42.88 12.45
C ARG E 176 -8.22 43.46 12.23
N SER E 177 -7.23 42.93 12.95
CA SER E 177 -5.88 43.50 12.86
C SER E 177 -5.26 43.22 11.50
N GLU E 178 -5.60 42.06 10.93
CA GLU E 178 -5.10 41.61 9.63
C GLU E 178 -5.67 42.41 8.46
N VAL E 179 -6.99 42.61 8.46
CA VAL E 179 -7.67 43.37 7.42
C VAL E 179 -7.14 44.79 7.32
N ALA E 180 -7.14 45.49 8.45
CA ALA E 180 -6.57 46.84 8.51
C ALA E 180 -5.14 46.81 7.96
N ASP E 181 -4.39 45.77 8.30
CA ASP E 181 -3.02 45.62 7.84
C ASP E 181 -2.96 45.35 6.33
N HIS E 183 -5.25 46.58 4.22
CA HIS E 183 -5.59 47.88 3.64
C HIS E 183 -4.40 48.81 3.53
N ARG E 184 -3.49 48.72 4.51
CA ARG E 184 -2.25 49.50 4.46
C ARG E 184 -1.30 48.93 3.41
N TRP E 185 -1.31 47.59 3.32
CA TRP E 185 -0.56 46.83 2.32
C TRP E 185 -0.88 47.30 0.91
N LEU E 186 -2.17 47.24 0.58
CA LEU E 186 -2.68 47.68 -0.70
C LEU E 186 -2.17 49.10 -0.97
N ASP E 187 -2.65 50.07 -0.19
CA ASP E 187 -2.29 51.46 -0.44
C ASP E 187 -0.79 51.70 -0.63
N ASN E 188 0.03 50.99 0.15
CA ASN E 188 1.48 51.10 0.01
C ASN E 188 2.05 50.34 -1.18
N THR E 189 1.21 49.51 -1.80
CA THR E 189 1.62 48.80 -3.01
C THR E 189 1.07 49.46 -4.27
N LEU E 190 -0.11 50.04 -4.18
CA LEU E 190 -0.74 50.71 -5.31
C LEU E 190 -0.11 52.05 -5.67
N PRO E 191 0.66 52.11 -6.78
CA PRO E 191 0.98 53.44 -7.29
C PRO E 191 -0.31 54.26 -7.34
N THR E 193 -3.25 57.23 -8.01
CA THR E 193 -3.86 58.07 -9.01
C THR E 193 -5.17 58.47 -8.36
N THR E 194 -5.55 59.73 -8.53
CA THR E 194 -6.77 60.23 -7.94
C THR E 194 -7.98 59.53 -8.52
N GLN F 6 1.21 -5.48 25.09
CA GLN F 6 0.04 -4.72 25.50
C GLN F 6 0.39 -3.76 26.64
N ALA F 7 1.57 -3.16 26.54
CA ALA F 7 2.05 -2.27 27.59
C ALA F 7 2.37 -0.87 27.06
N GLN F 8 3.57 -0.72 26.52
CA GLN F 8 4.01 0.56 26.00
C GLN F 8 3.60 0.71 24.55
N THR F 9 2.96 -0.33 24.02
CA THR F 9 2.54 -0.36 22.62
C THR F 9 1.28 0.48 22.39
N ARG F 10 0.79 1.09 23.47
CA ARG F 10 -0.23 2.11 23.34
C ARG F 10 0.37 3.28 22.59
N ASP F 11 1.61 3.64 22.95
CA ASP F 11 2.33 4.70 22.28
C ASP F 11 2.44 4.39 20.78
N GLN F 12 2.36 3.11 20.42
CA GLN F 12 2.58 2.69 19.03
C GLN F 12 1.38 2.96 18.15
N ILE F 13 0.19 2.76 18.70
CA ILE F 13 -1.04 3.07 17.98
C ILE F 13 -1.31 4.58 17.85
N VAL F 14 -0.75 5.34 18.81
CA VAL F 14 -0.89 6.79 18.80
C VAL F 14 -0.11 7.33 17.63
N ALA F 15 1.02 6.68 17.34
CA ALA F 15 1.86 7.03 16.20
C ALA F 15 1.06 6.91 14.91
N ALA F 16 0.53 5.72 14.67
CA ALA F 16 -0.22 5.43 13.44
C ALA F 16 -1.45 6.33 13.25
N ALA F 17 -2.09 6.71 14.36
CA ALA F 17 -3.26 7.56 14.33
C ALA F 17 -2.85 8.99 14.02
N ASP F 18 -1.66 9.38 14.50
CA ASP F 18 -1.10 10.70 14.17
C ASP F 18 -0.90 10.84 12.67
N GLU F 19 -0.15 9.92 12.07
CA GLU F 19 0.09 9.96 10.63
C GLU F 19 -1.23 9.91 9.87
N LEU F 20 -2.12 9.03 10.33
CA LEU F 20 -3.42 8.86 9.70
C LEU F 20 -4.26 10.13 9.78
N PHE F 21 -4.30 10.75 10.95
CA PHE F 21 -5.05 12.01 11.10
C PHE F 21 -4.49 13.16 10.20
N TYR F 22 -3.17 13.18 10.02
CA TYR F 22 -2.56 14.19 9.16
C TYR F 22 -2.82 13.88 7.69
N ARG F 23 -2.59 12.64 7.29
CA ARG F 23 -2.76 12.27 5.89
C ARG F 23 -4.24 12.12 5.46
N GLN F 24 -5.10 11.68 6.38
CA GLN F 24 -6.49 11.40 6.02
C GLN F 24 -7.54 12.39 6.53
N GLY F 25 -7.23 13.10 7.61
CA GLY F 25 -8.22 13.89 8.30
C GLY F 25 -8.70 13.09 9.49
N PHE F 26 -9.24 13.75 10.50
CA PHE F 26 -9.58 13.06 11.74
C PHE F 26 -10.89 12.30 11.63
N ALA F 27 -11.95 12.97 11.22
CA ALA F 27 -13.27 12.34 11.19
C ALA F 27 -13.31 11.18 10.19
N GLN F 28 -12.46 11.25 9.17
CA GLN F 28 -12.44 10.25 8.11
C GLN F 28 -11.46 9.08 8.34
N THR F 29 -10.71 9.13 9.43
CA THR F 29 -9.88 7.99 9.81
C THR F 29 -10.69 7.13 10.78
N SER F 30 -10.54 5.82 10.69
CA SER F 30 -11.29 4.92 11.55
C SER F 30 -10.36 3.98 12.30
N PHE F 31 -10.96 3.20 13.20
CA PHE F 31 -10.20 2.22 13.96
C PHE F 31 -9.65 1.17 12.99
N VAL F 32 -10.46 0.76 12.01
CA VAL F 32 -9.97 -0.21 11.04
C VAL F 32 -8.69 0.34 10.44
N ASP F 33 -8.77 1.55 9.88
CA ASP F 33 -7.59 2.26 9.38
C ASP F 33 -6.43 2.12 10.36
N ILE F 34 -6.61 2.64 11.58
CA ILE F 34 -5.54 2.72 12.54
C ILE F 34 -5.03 1.34 12.96
N SER F 35 -5.95 0.42 13.26
CA SER F 35 -5.60 -0.92 13.73
C SER F 35 -4.85 -1.73 12.66
N ALA F 36 -5.19 -1.49 11.40
CA ALA F 36 -4.52 -2.13 10.27
C ALA F 36 -3.09 -1.61 10.13
N ALA F 37 -2.92 -0.30 10.33
CA ALA F 37 -1.61 0.30 10.24
C ALA F 37 -0.61 -0.50 11.07
N VAL F 38 -0.77 -0.47 12.38
CA VAL F 38 0.14 -1.15 13.28
C VAL F 38 0.07 -2.68 13.11
N GLY F 39 -1.15 -3.20 13.02
CA GLY F 39 -1.38 -4.63 12.96
C GLY F 39 -2.00 -5.15 14.24
N ILE F 40 -3.33 -5.21 14.27
CA ILE F 40 -4.07 -5.75 15.41
C ILE F 40 -5.50 -6.19 15.04
N SER F 41 -6.08 -7.05 15.87
CA SER F 41 -7.44 -7.52 15.65
C SER F 41 -8.44 -6.55 16.26
N ARG F 42 -9.65 -7.03 16.52
CA ARG F 42 -10.69 -6.19 17.14
C ARG F 42 -10.42 -6.07 18.63
N GLY F 43 -10.04 -7.19 19.26
CA GLY F 43 -9.76 -7.21 20.68
C GLY F 43 -8.36 -6.75 21.07
N ASN F 44 -7.39 -7.02 20.22
CA ASN F 44 -6.05 -6.52 20.46
C ASN F 44 -6.00 -4.98 20.42
N PHE F 45 -6.96 -4.38 19.74
CA PHE F 45 -7.03 -2.92 19.62
C PHE F 45 -7.86 -2.29 20.73
N TYR F 46 -9.09 -2.77 20.88
CA TYR F 46 -10.02 -2.20 21.85
C TYR F 46 -9.41 -2.13 23.26
N TYR F 47 -8.43 -2.99 23.53
CA TYR F 47 -7.68 -2.98 24.78
C TYR F 47 -7.27 -1.55 25.13
N HIS F 48 -6.38 -1.00 24.30
CA HIS F 48 -5.82 0.31 24.55
C HIS F 48 -6.81 1.41 24.20
N PHE F 49 -7.71 1.17 23.25
CA PHE F 49 -8.59 2.26 22.84
C PHE F 49 -10.06 1.96 22.58
N LYS F 50 -10.89 2.94 22.90
CA LYS F 50 -12.31 2.75 22.96
C LYS F 50 -13.07 3.74 22.05
N THR F 51 -12.66 5.02 22.06
CA THR F 51 -13.31 6.02 21.24
C THR F 51 -12.27 6.77 20.43
N LYS F 52 -12.68 7.29 19.28
CA LYS F 52 -11.80 8.10 18.47
C LYS F 52 -11.24 9.28 19.26
N ASP F 53 -12.10 10.03 19.93
CA ASP F 53 -11.69 11.25 20.65
C ASP F 53 -10.59 10.97 21.66
N GLU F 54 -10.56 9.72 22.12
CA GLU F 54 -9.55 9.24 23.06
C GLU F 54 -8.18 9.20 22.39
N ILE F 55 -8.12 8.52 21.25
CA ILE F 55 -6.91 8.50 20.43
C ILE F 55 -6.42 9.93 20.06
N LEU F 56 -7.36 10.82 19.71
CA LEU F 56 -7.04 12.19 19.30
C LEU F 56 -6.39 12.98 20.42
N ALA F 57 -6.84 12.76 21.66
CA ALA F 57 -6.23 13.39 22.82
C ALA F 57 -4.72 13.13 22.84
N GLU F 58 -4.34 11.86 22.74
CA GLU F 58 -2.94 11.45 22.79
C GLU F 58 -2.11 11.94 21.59
N VAL F 59 -2.72 11.99 20.41
CA VAL F 59 -1.99 12.48 19.26
C VAL F 59 -1.70 13.97 19.43
N ILE F 60 -2.70 14.73 19.87
CA ILE F 60 -2.48 16.15 20.11
C ILE F 60 -1.39 16.33 21.18
N ARG F 61 -1.36 15.45 22.17
CA ARG F 61 -0.25 15.44 23.12
C ARG F 61 1.04 15.19 22.37
N LEU F 62 1.08 14.07 21.67
CA LEU F 62 2.25 13.71 20.86
C LEU F 62 2.71 14.87 19.99
N ARG F 63 1.78 15.44 19.23
CA ARG F 63 2.09 16.51 18.30
C ARG F 63 2.73 17.72 18.97
N LEU F 64 2.27 18.03 20.17
CA LEU F 64 2.76 19.17 20.93
C LEU F 64 4.23 18.94 21.31
N ALA F 65 4.60 17.66 21.46
CA ALA F 65 6.00 17.28 21.64
C ALA F 65 6.81 17.37 20.33
N ARG F 66 6.26 16.82 19.24
CA ARG F 66 6.87 16.92 17.92
C ARG F 66 7.11 18.38 17.58
N THR F 67 6.52 19.28 18.35
CA THR F 67 6.46 20.68 17.98
C THR F 67 7.28 21.58 18.88
N ALA F 68 7.42 21.22 20.15
CA ALA F 68 8.30 21.97 21.05
C ALA F 68 9.74 21.42 20.98
N GLN F 69 9.88 20.11 20.93
CA GLN F 69 11.16 19.45 20.70
C GLN F 69 11.76 19.82 19.33
N LEU F 71 10.98 22.56 17.82
CA LEU F 71 11.26 23.97 18.04
C LEU F 71 12.54 24.10 18.87
N ALA F 72 12.97 23.00 19.49
CA ALA F 72 14.26 22.96 20.19
C ALA F 72 15.42 22.92 19.18
N ASP F 73 15.39 21.90 18.33
CA ASP F 73 16.40 21.72 17.29
C ASP F 73 16.60 22.99 16.47
N TRP F 74 15.56 23.82 16.41
CA TRP F 74 15.66 25.12 15.76
C TRP F 74 16.47 26.10 16.62
N GLN F 75 16.22 26.10 17.92
CA GLN F 75 17.02 26.88 18.85
C GLN F 75 18.45 26.34 18.88
N GLY F 76 18.59 25.04 18.62
CA GLY F 76 19.89 24.39 18.59
C GLY F 76 20.72 24.81 17.40
N THR F 77 20.40 24.23 16.24
CA THR F 77 21.16 24.51 15.02
C THR F 77 21.33 26.01 14.79
N GLY F 78 20.24 26.75 14.88
CA GLY F 78 20.30 28.19 14.77
C GLY F 78 21.19 28.73 15.87
N ASP F 79 22.10 29.63 15.51
CA ASP F 79 22.98 30.24 16.50
C ASP F 79 22.78 31.75 16.59
N SER F 80 21.61 32.20 16.15
CA SER F 80 21.25 33.61 16.22
C SER F 80 19.73 33.73 16.30
N PRO F 81 19.19 34.98 16.29
CA PRO F 81 17.73 35.08 16.37
C PRO F 81 17.09 34.78 15.03
N ARG F 82 17.36 35.63 14.03
CA ARG F 82 16.80 35.46 12.69
C ARG F 82 17.07 34.06 12.14
N ALA F 83 18.14 33.44 12.61
CA ALA F 83 18.47 32.08 12.21
C ALA F 83 17.40 31.10 12.69
N ARG F 84 17.14 31.13 13.99
CA ARG F 84 16.19 30.23 14.60
C ARG F 84 14.76 30.46 14.09
N ILE F 85 14.48 31.68 13.63
CA ILE F 85 13.18 31.96 13.03
C ILE F 85 13.06 31.66 11.52
N ALA F 86 14.18 31.61 10.81
CA ALA F 86 14.12 31.22 9.40
C ALA F 86 14.00 29.71 9.34
N SER F 87 14.33 29.08 10.46
CA SER F 87 14.13 27.66 10.63
C SER F 87 12.63 27.36 10.51
N PHE F 88 11.78 28.29 10.95
CA PHE F 88 10.33 28.14 10.87
C PHE F 88 9.79 28.34 9.44
N ILE F 89 10.13 29.48 8.85
CA ILE F 89 9.72 29.83 7.48
C ILE F 89 10.18 28.81 6.44
N ASP F 90 11.29 28.12 6.75
CA ASP F 90 11.87 27.20 5.78
C ASP F 90 11.47 25.74 6.01
N LEU F 91 10.80 25.46 7.14
CA LEU F 91 10.15 24.16 7.33
C LEU F 91 9.16 23.94 6.18
N ILE F 93 9.48 25.14 3.10
CA ILE F 93 10.29 24.67 1.98
C ILE F 93 10.64 23.19 2.20
N ASN F 95 9.06 20.79 3.90
CA ASN F 95 7.94 19.85 3.74
C ASN F 95 6.97 20.23 2.64
N ARG F 96 7.50 20.86 1.59
CA ARG F 96 6.67 21.46 0.55
C ARG F 96 5.75 20.45 -0.12
N ALA F 97 6.26 19.23 -0.28
CA ALA F 97 5.48 18.14 -0.85
C ALA F 97 4.28 17.79 0.01
N LYS F 98 4.51 17.56 1.30
CA LYS F 98 3.42 17.20 2.20
C LYS F 98 2.42 18.34 2.38
N ILE F 99 2.93 19.56 2.43
CA ILE F 99 2.05 20.72 2.55
C ILE F 99 1.13 20.92 1.34
N THR F 100 1.65 20.73 0.13
CA THR F 100 0.83 20.96 -1.05
C THR F 100 -0.23 19.89 -1.23
N ARG F 101 0.02 18.70 -0.69
CA ARG F 101 -0.93 17.59 -0.78
C ARG F 101 -1.87 17.49 0.42
N TYR F 102 -1.30 17.67 1.61
CA TYR F 102 -1.98 17.44 2.87
C TYR F 102 -2.23 18.69 3.71
N GLY F 103 -1.70 19.84 3.29
CA GLY F 103 -1.82 21.08 4.03
C GLY F 103 -0.93 21.16 5.26
N CYS F 104 -1.04 22.23 6.02
CA CYS F 104 -0.29 22.29 7.27
C CYS F 104 -0.84 21.21 8.21
N PRO F 105 0.05 20.54 8.96
CA PRO F 105 -0.38 19.59 10.00
C PRO F 105 -1.21 20.29 11.07
N VAL F 106 -0.71 21.39 11.61
CA VAL F 106 -1.44 22.13 12.64
C VAL F 106 -2.72 22.74 12.08
N GLY F 107 -2.59 23.58 11.05
CA GLY F 107 -3.74 24.24 10.47
C GLY F 107 -4.85 23.30 10.04
N SER F 108 -4.51 22.26 9.29
CA SER F 108 -5.53 21.36 8.75
C SER F 108 -6.25 20.66 9.89
N LEU F 109 -5.54 20.46 11.00
CA LEU F 109 -6.15 19.84 12.17
C LEU F 109 -7.06 20.80 12.92
N CYS F 110 -6.59 22.04 13.15
CA CYS F 110 -7.40 23.01 13.89
C CYS F 110 -8.65 23.46 13.13
N THR F 111 -8.51 23.68 11.83
CA THR F 111 -9.64 24.04 11.00
C THR F 111 -10.61 22.88 10.88
N GLU F 112 -10.11 21.64 10.83
CA GLU F 112 -11.03 20.53 10.84
C GLU F 112 -11.76 20.46 12.18
N LEU F 113 -11.03 20.59 13.28
CA LEU F 113 -11.67 20.50 14.60
C LEU F 113 -12.61 21.66 14.85
N SER F 114 -12.29 22.81 14.25
CA SER F 114 -13.09 24.02 14.37
C SER F 114 -14.46 23.86 13.68
N LYS F 115 -14.45 23.37 12.44
CA LYS F 115 -15.69 23.07 11.71
C LYS F 115 -16.58 22.08 12.46
N LEU F 116 -16.05 20.88 12.74
CA LEU F 116 -16.75 19.87 13.54
C LEU F 116 -17.33 20.45 14.82
N ASP F 117 -16.68 21.47 15.34
CA ASP F 117 -17.10 22.07 16.61
C ASP F 117 -16.67 21.14 17.73
N HIS F 118 -15.48 20.56 17.56
CA HIS F 118 -14.99 19.51 18.43
C HIS F 118 -14.45 20.02 19.76
N ALA F 119 -14.69 19.24 20.81
CA ALA F 119 -14.26 19.57 22.17
C ALA F 119 -12.78 19.88 22.25
N ALA F 120 -12.00 19.25 21.38
CA ALA F 120 -10.54 19.35 21.45
C ALA F 120 -9.88 20.48 20.64
N GLN F 121 -10.65 21.32 19.94
CA GLN F 121 -10.07 22.40 19.16
C GLN F 121 -9.09 23.21 20.00
N GLY F 122 -9.41 23.39 21.27
CA GLY F 122 -8.52 24.10 22.18
C GLY F 122 -7.16 23.42 22.32
N GLN F 123 -7.18 22.13 22.60
CA GLN F 123 -5.97 21.34 22.71
C GLN F 123 -5.12 21.43 21.42
N ALA F 124 -5.78 21.23 20.27
CA ALA F 124 -5.17 21.32 18.95
C ALA F 124 -4.53 22.69 18.72
N ASN F 125 -5.21 23.73 19.18
CA ASN F 125 -4.80 25.10 18.92
C ASN F 125 -3.54 25.47 19.70
N GLY F 126 -3.21 24.66 20.71
CA GLY F 126 -1.99 24.83 21.48
C GLY F 126 -0.70 24.58 20.70
N LEU F 127 -0.82 23.85 19.59
CA LEU F 127 0.29 23.71 18.65
C LEU F 127 0.54 25.04 17.96
N PHE F 128 -0.53 25.73 17.54
CA PHE F 128 -0.42 27.13 17.15
C PHE F 128 0.17 27.95 18.28
N THR F 129 -0.44 27.87 19.47
CA THR F 129 0.07 28.61 20.63
C THR F 129 1.56 28.36 20.79
N LEU F 130 1.96 27.10 20.62
CA LEU F 130 3.36 26.70 20.71
C LEU F 130 4.19 27.57 19.79
N PHE F 131 4.28 27.18 18.52
CA PHE F 131 4.96 28.00 17.51
C PHE F 131 4.91 29.49 17.85
N ARG F 132 3.71 29.98 18.18
CA ARG F 132 3.51 31.40 18.44
C ARG F 132 4.46 31.90 19.52
N ASP F 133 4.41 31.30 20.69
CA ASP F 133 5.19 31.75 21.84
C ASP F 133 6.69 31.71 21.56
N TRP F 134 7.08 30.85 20.63
CA TRP F 134 8.47 30.62 20.25
C TRP F 134 8.97 31.66 19.26
N LEU F 135 8.15 32.00 18.28
CA LEU F 135 8.46 33.07 17.36
C LEU F 135 8.42 34.37 18.13
N GLN F 136 7.68 34.37 19.22
CA GLN F 136 7.57 35.56 20.05
C GLN F 136 8.87 35.80 20.83
N ARG F 137 9.55 34.71 21.19
CA ARG F 137 10.87 34.82 21.83
C ARG F 137 11.94 35.26 20.82
N GLN F 138 11.96 34.59 19.66
CA GLN F 138 12.87 34.95 18.58
C GLN F 138 12.78 36.45 18.24
N PHE F 139 11.56 36.96 18.10
CA PHE F 139 11.40 38.39 17.80
C PHE F 139 11.94 39.23 18.94
N ALA F 140 11.58 38.85 20.16
CA ALA F 140 12.11 39.52 21.33
C ALA F 140 13.63 39.65 21.17
N GLU F 141 14.28 38.48 21.18
CA GLU F 141 15.73 38.35 21.15
C GLU F 141 16.36 38.94 19.88
N ALA F 142 15.61 38.94 18.78
CA ALA F 142 16.09 39.38 17.47
C ALA F 142 16.15 40.90 17.28
N GLY F 143 15.22 41.63 17.89
CA GLY F 143 15.25 43.08 17.76
C GLY F 143 14.05 43.87 18.22
N CYS F 144 12.83 43.36 17.97
CA CYS F 144 11.65 44.04 18.46
C CYS F 144 10.92 43.20 19.49
N THR F 145 11.42 43.30 20.71
CA THR F 145 10.80 42.77 21.90
C THR F 145 9.37 43.34 22.10
N THR F 146 9.19 44.62 21.78
CA THR F 146 7.90 45.29 22.00
C THR F 146 6.83 44.93 20.98
N GLU F 147 7.25 44.57 19.77
CA GLU F 147 6.28 44.21 18.74
C GLU F 147 6.16 42.71 18.55
N ALA F 148 6.99 41.93 19.22
CA ALA F 148 7.04 40.48 18.99
C ALA F 148 5.65 39.83 18.89
N PRO F 149 4.73 40.11 19.85
CA PRO F 149 3.41 39.44 19.79
C PRO F 149 2.63 39.60 18.47
N ALA F 150 2.56 40.80 17.91
CA ALA F 150 1.73 40.99 16.71
C ALA F 150 2.41 40.47 15.46
N LEU F 151 3.75 40.54 15.47
CA LEU F 151 4.54 40.01 14.38
C LEU F 151 4.45 38.50 14.40
N ALA F 152 4.24 37.94 15.59
CA ALA F 152 4.05 36.50 15.73
C ALA F 152 2.76 36.10 15.02
N HIS F 154 0.96 37.67 12.89
CA HIS F 154 1.01 37.98 11.45
C HIS F 154 1.72 36.91 10.63
N LEU F 155 2.99 36.66 10.94
CA LEU F 155 3.79 35.71 10.19
C LEU F 155 3.17 34.33 10.21
N LEU F 156 2.87 33.84 11.41
CA LEU F 156 2.09 32.62 11.61
C LEU F 156 0.92 32.57 10.61
N ALA F 157 0.20 33.68 10.50
CA ALA F 157 -0.91 33.82 9.56
C ALA F 157 -0.42 33.81 8.13
N ARG F 158 0.66 34.54 7.85
CA ARG F 158 1.29 34.49 6.54
C ARG F 158 1.46 33.06 6.06
N SER F 159 2.08 32.23 6.90
CA SER F 159 2.45 30.88 6.53
C SER F 159 1.24 30.00 6.23
N GLN F 160 0.13 30.27 6.91
CA GLN F 160 -1.08 29.46 6.78
C GLN F 160 -1.83 29.79 5.50
N GLY F 161 -1.80 31.05 5.10
CA GLY F 161 -2.35 31.48 3.82
C GLY F 161 -1.55 30.91 2.67
N ALA F 162 -0.23 30.90 2.85
CA ALA F 162 0.64 30.25 1.88
C ALA F 162 0.35 28.74 1.72
N ALA F 163 0.34 28.00 2.84
CA ALA F 163 0.01 26.56 2.85
C ALA F 163 -1.40 26.26 2.39
N THR F 164 -2.32 27.17 2.70
CA THR F 164 -3.71 27.02 2.30
C THR F 164 -3.93 27.10 0.77
N LEU F 165 -3.49 28.18 0.13
CA LEU F 165 -3.61 28.26 -1.33
C LEU F 165 -2.72 27.19 -1.95
N ALA F 166 -1.55 26.97 -1.33
CA ALA F 166 -0.63 25.94 -1.81
C ALA F 166 -1.28 24.56 -1.95
N GLN F 167 -2.01 24.14 -0.92
CA GLN F 167 -2.62 22.81 -0.90
C GLN F 167 -3.79 22.70 -1.86
N SER F 168 -4.55 23.78 -1.96
CA SER F 168 -5.77 23.83 -2.73
C SER F 168 -5.45 23.94 -4.23
N PHE F 169 -4.51 24.82 -4.59
CA PHE F 169 -4.10 24.92 -6.00
C PHE F 169 -3.13 23.80 -6.41
N HIS F 170 -2.80 22.92 -5.48
CA HIS F 170 -1.79 21.90 -5.74
C HIS F 170 -0.59 22.62 -6.36
N ASP F 171 -0.11 23.65 -5.67
CA ASP F 171 0.84 24.57 -6.27
C ASP F 171 2.03 24.77 -5.35
N GLU F 172 3.08 23.99 -5.60
CA GLU F 172 4.27 23.99 -4.78
C GLU F 172 5.05 25.25 -5.07
N GLY F 173 4.96 25.68 -6.33
CA GLY F 173 5.59 26.91 -6.76
C GLY F 173 5.18 28.05 -5.85
N PHE F 174 3.89 28.20 -5.65
CA PHE F 174 3.38 29.30 -4.85
C PHE F 174 4.00 29.29 -3.47
N LEU F 175 4.07 28.12 -2.86
CA LEU F 175 4.69 28.01 -1.55
C LEU F 175 6.05 28.70 -1.63
N ARG F 176 6.78 28.46 -2.70
CA ARG F 176 8.06 29.15 -2.93
C ARG F 176 7.91 30.67 -3.10
N SER F 177 6.94 31.07 -3.94
CA SER F 177 6.61 32.48 -4.12
C SER F 177 6.46 33.13 -2.75
N GLU F 178 5.53 32.57 -1.98
CA GLU F 178 5.21 33.04 -0.64
C GLU F 178 6.38 33.09 0.35
N VAL F 179 7.12 32.00 0.46
CA VAL F 179 8.25 32.00 1.37
C VAL F 179 9.27 33.10 1.00
N ALA F 180 9.35 33.45 -0.29
CA ALA F 180 10.18 34.57 -0.74
C ALA F 180 9.66 35.90 -0.17
N ASP F 181 8.35 36.09 -0.22
CA ASP F 181 7.70 37.29 0.29
C ASP F 181 7.85 37.34 1.79
N HIS F 183 10.36 36.04 3.58
CA HIS F 183 11.74 36.45 3.86
C HIS F 183 11.99 37.95 3.61
N ARG F 184 11.63 38.43 2.43
CA ARG F 184 11.72 39.85 2.11
C ARG F 184 11.08 40.78 3.14
N TRP F 185 9.84 40.49 3.51
CA TRP F 185 9.14 41.24 4.54
C TRP F 185 9.93 41.17 5.86
N LEU F 186 10.43 39.98 6.17
CA LEU F 186 11.24 39.75 7.36
C LEU F 186 12.58 40.48 7.29
N ASP F 187 12.89 41.08 6.15
CA ASP F 187 14.06 41.91 6.05
C ASP F 187 13.76 43.31 6.54
N ASN F 188 12.73 43.92 5.96
CA ASN F 188 12.37 45.30 6.29
C ASN F 188 11.81 45.41 7.70
N THR F 189 12.00 44.34 8.46
CA THR F 189 11.42 44.20 9.78
C THR F 189 12.48 44.23 10.87
N LEU F 190 13.43 43.30 10.78
CA LEU F 190 14.46 43.10 11.78
C LEU F 190 15.53 44.19 11.83
N PRO F 191 16.29 44.25 12.94
CA PRO F 191 17.47 45.10 13.06
C PRO F 191 18.74 44.31 12.73
N THR F 193 22.45 42.92 13.60
CA THR F 193 23.03 42.42 14.84
C THR F 193 24.47 41.98 14.59
N ASN G 2 -55.74 -42.06 9.93
CA ASN G 2 -54.35 -42.50 9.86
C ASN G 2 -53.83 -42.52 8.43
N ALA G 3 -53.65 -41.33 7.84
CA ALA G 3 -53.12 -41.19 6.49
C ALA G 3 -52.05 -40.10 6.45
N VAL G 5 -51.84 -37.92 9.23
CA VAL G 5 -51.43 -37.89 10.63
C VAL G 5 -50.49 -39.02 11.00
N GLN G 6 -50.41 -40.02 10.13
CA GLN G 6 -49.48 -41.13 10.32
C GLN G 6 -48.04 -40.60 10.25
N ALA G 7 -47.83 -39.62 9.38
CA ALA G 7 -46.54 -38.97 9.27
C ALA G 7 -46.26 -38.23 10.56
N GLN G 8 -47.33 -37.82 11.24
CA GLN G 8 -47.21 -37.04 12.46
C GLN G 8 -47.48 -37.90 13.69
N THR G 9 -47.61 -39.19 13.47
CA THR G 9 -47.66 -40.18 14.54
C THR G 9 -46.27 -40.80 14.64
N ARG G 10 -45.57 -40.82 13.51
CA ARG G 10 -44.16 -41.13 13.47
C ARG G 10 -43.39 -39.92 14.00
N ASP G 11 -43.76 -38.75 13.50
CA ASP G 11 -43.14 -37.53 13.97
C ASP G 11 -43.21 -37.52 15.49
N GLN G 12 -44.36 -37.90 16.01
CA GLN G 12 -44.62 -37.97 17.45
C GLN G 12 -43.52 -38.76 18.17
N ILE G 13 -43.29 -40.00 17.71
CA ILE G 13 -42.28 -40.91 18.28
C ILE G 13 -40.83 -40.42 18.10
N VAL G 14 -40.50 -39.89 16.92
CA VAL G 14 -39.17 -39.35 16.73
C VAL G 14 -38.97 -38.14 17.63
N ALA G 15 -39.97 -37.27 17.69
CA ALA G 15 -39.89 -36.13 18.60
C ALA G 15 -39.74 -36.61 20.04
N ALA G 16 -40.49 -37.64 20.40
CA ALA G 16 -40.43 -38.18 21.76
C ALA G 16 -39.05 -38.77 22.10
N ALA G 17 -38.55 -39.65 21.22
CA ALA G 17 -37.23 -40.28 21.38
C ALA G 17 -36.07 -39.27 21.37
N ASP G 18 -36.24 -38.17 20.62
CA ASP G 18 -35.21 -37.14 20.55
C ASP G 18 -34.83 -36.67 21.95
N GLU G 19 -35.83 -36.43 22.79
CA GLU G 19 -35.60 -35.85 24.11
C GLU G 19 -34.96 -36.86 25.07
N LEU G 20 -35.52 -38.07 25.09
CA LEU G 20 -35.06 -39.13 25.98
C LEU G 20 -33.61 -39.49 25.70
N PHE G 21 -33.35 -39.83 24.45
CA PHE G 21 -32.01 -40.07 23.97
C PHE G 21 -31.02 -39.06 24.60
N TYR G 22 -31.33 -37.77 24.51
CA TYR G 22 -30.47 -36.69 25.05
C TYR G 22 -30.39 -36.74 26.58
N ARG G 23 -31.54 -36.82 27.26
CA ARG G 23 -31.55 -36.80 28.72
C ARG G 23 -31.05 -38.08 29.38
N GLN G 24 -31.35 -39.23 28.78
CA GLN G 24 -31.03 -40.52 29.38
C GLN G 24 -29.85 -41.22 28.70
N GLY G 25 -29.66 -40.92 27.43
CA GLY G 25 -28.69 -41.65 26.62
C GLY G 25 -29.42 -42.50 25.62
N PHE G 26 -28.70 -42.95 24.59
CA PHE G 26 -29.29 -43.75 23.53
C PHE G 26 -29.47 -45.18 24.01
N ALA G 27 -28.36 -45.78 24.40
CA ALA G 27 -28.38 -47.10 24.99
C ALA G 27 -29.50 -47.26 26.02
N GLN G 28 -29.61 -46.27 26.89
CA GLN G 28 -30.55 -46.29 28.01
C GLN G 28 -32.03 -46.24 27.63
N THR G 29 -32.33 -45.53 26.56
CA THR G 29 -33.72 -45.34 26.19
C THR G 29 -34.28 -46.59 25.53
N SER G 30 -35.29 -47.18 26.17
CA SER G 30 -35.92 -48.40 25.68
C SER G 30 -37.23 -48.06 25.00
N PHE G 31 -37.75 -49.05 24.28
CA PHE G 31 -39.04 -48.95 23.62
C PHE G 31 -40.16 -48.63 24.60
N VAL G 32 -40.19 -49.34 25.72
CA VAL G 32 -41.16 -49.02 26.76
C VAL G 32 -41.03 -47.57 27.25
N ASP G 33 -39.80 -47.06 27.25
CA ASP G 33 -39.56 -45.66 27.56
C ASP G 33 -40.23 -44.81 26.50
N ILE G 34 -39.93 -45.10 25.24
CA ILE G 34 -40.45 -44.28 24.14
C ILE G 34 -41.98 -44.41 23.98
N SER G 35 -42.49 -45.64 23.95
CA SER G 35 -43.93 -45.89 23.84
C SER G 35 -44.74 -45.25 24.98
N ALA G 36 -44.25 -45.40 26.22
CA ALA G 36 -44.89 -44.77 27.36
C ALA G 36 -45.05 -43.27 27.13
N ALA G 37 -44.00 -42.68 26.55
CA ALA G 37 -43.89 -41.24 26.33
C ALA G 37 -44.73 -40.71 25.17
N VAL G 38 -44.98 -41.56 24.18
CA VAL G 38 -45.88 -41.23 23.08
C VAL G 38 -47.29 -41.66 23.47
N GLY G 39 -47.36 -42.47 24.52
CA GLY G 39 -48.63 -43.00 24.98
C GLY G 39 -49.44 -43.53 23.82
N ILE G 40 -48.92 -44.54 23.13
CA ILE G 40 -49.71 -45.27 22.15
C ILE G 40 -49.67 -46.77 22.42
N SER G 41 -50.46 -47.52 21.65
CA SER G 41 -50.47 -48.97 21.75
C SER G 41 -49.12 -49.57 21.36
N ARG G 42 -48.83 -50.75 21.93
CA ARG G 42 -47.62 -51.46 21.56
C ARG G 42 -47.77 -51.72 20.07
N GLY G 43 -49.03 -51.73 19.62
CA GLY G 43 -49.39 -52.03 18.26
C GLY G 43 -49.07 -50.97 17.23
N ASN G 44 -49.51 -49.74 17.49
CA ASN G 44 -49.25 -48.64 16.55
C ASN G 44 -47.78 -48.21 16.49
N PHE G 45 -47.02 -48.48 17.55
CA PHE G 45 -45.61 -48.10 17.60
C PHE G 45 -44.78 -48.85 16.56
N TYR G 46 -45.01 -50.15 16.43
CA TYR G 46 -44.22 -50.96 15.52
C TYR G 46 -44.52 -50.70 14.05
N TYR G 47 -45.74 -50.25 13.78
CA TYR G 47 -46.12 -49.82 12.43
C TYR G 47 -45.12 -48.79 11.91
N HIS G 48 -44.79 -47.83 12.78
CA HIS G 48 -43.86 -46.76 12.45
C HIS G 48 -42.40 -47.21 12.55
N PHE G 49 -42.01 -47.78 13.70
CA PHE G 49 -40.62 -48.20 13.93
C PHE G 49 -40.48 -49.64 14.44
N LYS G 50 -39.24 -50.15 14.41
CA LYS G 50 -39.00 -51.55 14.72
C LYS G 50 -37.67 -51.84 15.44
N THR G 51 -36.62 -51.05 15.17
CA THR G 51 -35.37 -51.14 15.96
C THR G 51 -35.09 -49.86 16.70
N LYS G 52 -34.19 -49.96 17.69
CA LYS G 52 -33.61 -48.78 18.30
C LYS G 52 -32.81 -48.07 17.24
N ASP G 53 -32.20 -48.84 16.36
CA ASP G 53 -31.35 -48.30 15.30
C ASP G 53 -32.12 -47.43 14.29
N GLU G 54 -33.30 -47.88 13.84
CA GLU G 54 -34.13 -47.07 12.94
C GLU G 54 -34.52 -45.74 13.58
N ILE G 55 -34.93 -45.80 14.85
CA ILE G 55 -35.34 -44.59 15.54
C ILE G 55 -34.18 -43.62 15.72
N LEU G 56 -32.97 -44.14 15.94
CA LEU G 56 -31.81 -43.25 16.07
C LEU G 56 -31.52 -42.54 14.75
N ALA G 57 -31.37 -43.30 13.67
CA ALA G 57 -31.06 -42.73 12.37
C ALA G 57 -31.96 -41.53 12.04
N GLU G 58 -33.20 -41.58 12.50
CA GLU G 58 -34.18 -40.52 12.21
C GLU G 58 -34.07 -39.34 13.18
N VAL G 59 -33.72 -39.63 14.44
CA VAL G 59 -33.51 -38.59 15.44
C VAL G 59 -32.30 -37.74 15.07
N ILE G 60 -31.39 -38.33 14.30
CA ILE G 60 -30.18 -37.63 13.90
C ILE G 60 -30.48 -36.69 12.75
N ARG G 61 -31.40 -37.09 11.88
CA ARG G 61 -31.84 -36.25 10.76
C ARG G 61 -32.64 -35.04 11.24
N LEU G 62 -33.63 -35.29 12.10
CA LEU G 62 -34.34 -34.19 12.75
C LEU G 62 -33.34 -33.30 13.50
N ARG G 63 -32.27 -33.88 14.01
CA ARG G 63 -31.25 -33.13 14.70
C ARG G 63 -30.40 -32.38 13.69
N LEU G 64 -30.12 -33.04 12.58
CA LEU G 64 -29.47 -32.38 11.46
C LEU G 64 -30.40 -31.27 10.95
N ALA G 65 -31.70 -31.47 11.16
CA ALA G 65 -32.70 -30.53 10.71
C ALA G 65 -32.77 -29.34 11.66
N ARG G 66 -33.19 -29.58 12.90
CA ARG G 66 -33.26 -28.52 13.88
C ARG G 66 -31.95 -27.77 14.03
N THR G 67 -30.84 -28.40 13.64
CA THR G 67 -29.50 -27.80 13.80
C THR G 67 -29.19 -26.71 12.77
N ALA G 68 -29.13 -27.07 11.50
CA ALA G 68 -28.95 -26.10 10.43
C ALA G 68 -30.11 -25.09 10.41
N GLN G 69 -31.28 -25.54 10.86
CA GLN G 69 -32.43 -24.66 11.03
C GLN G 69 -32.12 -23.58 12.05
N LEU G 71 -29.06 -23.07 12.97
CA LEU G 71 -27.86 -22.46 12.40
C LEU G 71 -28.18 -21.41 11.35
N ALA G 72 -29.45 -21.35 10.95
CA ALA G 72 -29.92 -20.35 9.99
C ALA G 72 -30.24 -19.06 10.73
N ASP G 73 -31.01 -19.19 11.81
CA ASP G 73 -31.37 -18.04 12.61
C ASP G 73 -30.14 -17.26 13.06
N TRP G 74 -28.97 -17.87 12.89
CA TRP G 74 -27.71 -17.21 13.22
C TRP G 74 -27.13 -16.50 12.00
N GLN G 75 -27.92 -16.40 10.95
CA GLN G 75 -27.50 -15.68 9.76
C GLN G 75 -28.53 -14.62 9.41
N GLY G 76 -29.80 -14.94 9.65
CA GLY G 76 -30.86 -13.97 9.49
C GLY G 76 -30.79 -12.93 10.59
N THR G 77 -30.58 -13.40 11.82
CA THR G 77 -30.42 -12.52 12.99
C THR G 77 -29.02 -11.92 12.99
N GLY G 78 -28.07 -12.66 12.43
CA GLY G 78 -26.72 -12.16 12.33
C GLY G 78 -26.61 -11.24 11.14
N ASP G 79 -25.82 -10.18 11.30
CA ASP G 79 -25.58 -9.27 10.20
C ASP G 79 -24.08 -9.15 10.03
N SER G 80 -23.35 -9.94 10.80
CA SER G 80 -21.90 -9.96 10.76
C SER G 80 -21.30 -11.29 11.23
N PRO G 81 -20.22 -11.74 10.57
CA PRO G 81 -19.46 -12.93 10.94
C PRO G 81 -19.08 -12.98 12.41
N ARG G 82 -18.51 -11.90 12.96
CA ARG G 82 -18.26 -11.85 14.39
C ARG G 82 -19.56 -12.20 15.11
N ALA G 83 -20.61 -11.42 14.83
CA ALA G 83 -21.92 -11.63 15.46
C ALA G 83 -22.42 -13.07 15.26
N ARG G 84 -21.98 -13.66 14.17
CA ARG G 84 -22.49 -14.97 13.79
C ARG G 84 -21.66 -16.13 14.37
N ILE G 85 -20.38 -15.88 14.64
CA ILE G 85 -19.56 -16.80 15.44
C ILE G 85 -19.92 -16.67 16.92
N ALA G 86 -20.25 -15.45 17.34
CA ALA G 86 -20.72 -15.18 18.70
C ALA G 86 -21.94 -16.01 19.12
N SER G 87 -22.75 -16.41 18.13
CA SER G 87 -23.92 -17.26 18.39
C SER G 87 -23.53 -18.65 18.85
N PHE G 88 -22.55 -19.26 18.18
CA PHE G 88 -22.02 -20.55 18.61
C PHE G 88 -21.57 -20.54 20.07
N ILE G 89 -20.91 -19.47 20.48
CA ILE G 89 -20.27 -19.40 21.80
C ILE G 89 -21.26 -19.26 22.97
N ASP G 90 -22.33 -18.50 22.73
CA ASP G 90 -23.27 -18.19 23.80
C ASP G 90 -24.39 -19.21 24.01
N LEU G 91 -24.53 -20.16 23.10
CA LEU G 91 -25.53 -21.22 23.25
C LEU G 91 -25.30 -21.96 24.57
N ILE G 93 -24.14 -20.55 27.39
CA ILE G 93 -24.67 -19.72 28.47
C ILE G 93 -26.18 -19.88 28.52
N ASN G 95 -28.03 -22.32 27.22
CA ASN G 95 -28.36 -23.72 27.55
C ASN G 95 -27.58 -24.25 28.73
N ARG G 96 -26.96 -23.35 29.49
CA ARG G 96 -26.03 -23.75 30.55
C ARG G 96 -26.62 -24.77 31.52
N ALA G 97 -27.86 -24.58 31.94
CA ALA G 97 -28.48 -25.53 32.86
C ALA G 97 -28.61 -26.94 32.23
N LYS G 98 -29.15 -27.02 31.02
CA LYS G 98 -29.28 -28.29 30.33
C LYS G 98 -27.90 -28.91 30.02
N ILE G 99 -26.99 -28.08 29.53
CA ILE G 99 -25.65 -28.59 29.21
C ILE G 99 -24.98 -29.05 30.51
N THR G 100 -25.20 -28.31 31.59
CA THR G 100 -24.57 -28.64 32.86
C THR G 100 -25.01 -30.03 33.38
N ARG G 101 -26.24 -30.44 33.05
CA ARG G 101 -26.80 -31.69 33.58
C ARG G 101 -26.70 -32.88 32.61
N TYR G 102 -26.98 -32.60 31.34
CA TYR G 102 -27.04 -33.65 30.33
C TYR G 102 -25.88 -33.59 29.34
N GLY G 103 -25.07 -32.54 29.44
CA GLY G 103 -23.98 -32.30 28.52
C GLY G 103 -24.36 -31.56 27.24
N CYS G 104 -23.36 -31.32 26.40
CA CYS G 104 -23.60 -30.82 25.06
C CYS G 104 -24.40 -31.92 24.39
N PRO G 105 -25.47 -31.56 23.67
CA PRO G 105 -26.31 -32.54 22.98
C PRO G 105 -25.59 -33.22 21.82
N VAL G 106 -24.70 -32.48 21.16
CA VAL G 106 -23.95 -33.04 20.03
C VAL G 106 -22.81 -33.98 20.48
N GLY G 107 -22.02 -33.54 21.44
CA GLY G 107 -20.91 -34.35 21.90
C GLY G 107 -21.32 -35.54 22.74
N SER G 108 -22.43 -35.43 23.46
CA SER G 108 -22.87 -36.54 24.27
C SER G 108 -23.30 -37.75 23.41
N LEU G 109 -24.03 -37.49 22.32
CA LEU G 109 -24.39 -38.58 21.40
C LEU G 109 -23.15 -39.16 20.76
N CYS G 110 -22.33 -38.28 20.18
CA CYS G 110 -21.11 -38.71 19.49
C CYS G 110 -20.15 -39.58 20.32
N THR G 111 -19.88 -39.23 21.58
CA THR G 111 -19.05 -40.09 22.43
C THR G 111 -19.71 -41.44 22.76
N GLU G 112 -20.99 -41.41 23.11
CA GLU G 112 -21.71 -42.66 23.38
C GLU G 112 -21.68 -43.56 22.15
N LEU G 113 -21.81 -42.98 20.95
CA LEU G 113 -21.84 -43.84 19.76
C LEU G 113 -20.45 -44.37 19.45
N SER G 114 -19.43 -43.60 19.80
CA SER G 114 -18.05 -44.06 19.66
C SER G 114 -17.72 -45.17 20.64
N LYS G 115 -18.08 -44.97 21.90
CA LYS G 115 -17.85 -46.01 22.89
C LYS G 115 -18.64 -47.27 22.50
N LEU G 116 -19.89 -47.08 22.05
CA LEU G 116 -20.72 -48.19 21.58
C LEU G 116 -20.15 -48.78 20.31
N ASP G 117 -19.11 -48.16 19.77
CA ASP G 117 -18.70 -48.39 18.39
C ASP G 117 -19.92 -48.57 17.53
N HIS G 118 -20.87 -47.65 17.68
CA HIS G 118 -22.15 -47.71 16.98
C HIS G 118 -22.11 -47.22 15.54
N ALA G 119 -23.02 -47.76 14.73
CA ALA G 119 -22.98 -47.54 13.28
C ALA G 119 -23.48 -46.17 12.82
N ALA G 120 -24.28 -45.51 13.65
CA ALA G 120 -24.70 -44.15 13.33
C ALA G 120 -23.58 -43.19 13.73
N GLN G 121 -22.40 -43.74 14.01
CA GLN G 121 -21.26 -42.98 14.57
C GLN G 121 -20.93 -41.72 13.75
N GLY G 122 -20.78 -41.90 12.43
CA GLY G 122 -20.36 -40.82 11.56
C GLY G 122 -21.49 -39.90 11.16
N GLN G 123 -22.70 -40.43 11.13
CA GLN G 123 -23.89 -39.67 10.79
C GLN G 123 -24.16 -38.58 11.85
N ALA G 124 -24.00 -38.98 13.11
CA ALA G 124 -24.19 -38.09 14.25
C ALA G 124 -23.02 -37.09 14.34
N ASN G 125 -21.85 -37.53 13.90
CA ASN G 125 -20.66 -36.67 13.82
C ASN G 125 -20.79 -35.62 12.72
N GLY G 126 -21.63 -35.89 11.72
CA GLY G 126 -21.99 -34.90 10.74
C GLY G 126 -22.58 -33.70 11.46
N LEU G 127 -23.35 -33.98 12.51
CA LEU G 127 -23.81 -32.91 13.40
C LEU G 127 -22.66 -31.98 13.78
N PHE G 128 -21.55 -32.55 14.24
CA PHE G 128 -20.34 -31.77 14.49
C PHE G 128 -19.89 -30.97 13.28
N THR G 129 -19.93 -31.62 12.12
CA THR G 129 -19.45 -30.97 10.90
C THR G 129 -20.35 -29.78 10.52
N LEU G 130 -21.64 -29.91 10.76
CA LEU G 130 -22.55 -28.78 10.61
C LEU G 130 -21.99 -27.54 11.31
N PHE G 131 -21.30 -27.73 12.43
CA PHE G 131 -20.70 -26.61 13.14
C PHE G 131 -19.33 -26.27 12.55
N ARG G 132 -18.51 -27.29 12.31
CA ARG G 132 -17.18 -27.10 11.76
C ARG G 132 -17.24 -26.21 10.53
N ASP G 133 -17.87 -26.72 9.47
CA ASP G 133 -17.93 -26.01 8.19
C ASP G 133 -18.47 -24.60 8.34
N TRP G 134 -19.55 -24.44 9.12
CA TRP G 134 -20.14 -23.12 9.31
C TRP G 134 -19.09 -22.18 9.87
N LEU G 135 -18.72 -22.40 11.12
CA LEU G 135 -17.65 -21.66 11.76
C LEU G 135 -16.49 -21.36 10.81
N GLN G 136 -16.17 -22.31 9.95
CA GLN G 136 -15.17 -22.07 8.92
C GLN G 136 -15.53 -20.83 8.09
N ARG G 137 -16.61 -20.94 7.30
CA ARG G 137 -17.08 -19.84 6.46
C ARG G 137 -17.41 -18.57 7.24
N GLN G 138 -17.40 -18.64 8.58
CA GLN G 138 -17.62 -17.48 9.41
C GLN G 138 -16.30 -16.85 9.81
N PHE G 139 -15.27 -17.69 9.97
CA PHE G 139 -13.93 -17.18 10.15
C PHE G 139 -13.49 -16.54 8.83
N ALA G 140 -13.85 -17.18 7.73
CA ALA G 140 -13.55 -16.68 6.39
C ALA G 140 -14.21 -15.32 6.10
N GLU G 141 -15.54 -15.31 6.07
CA GLU G 141 -16.30 -14.09 5.85
C GLU G 141 -15.74 -12.99 6.73
N ALA G 142 -15.42 -13.37 7.97
CA ALA G 142 -14.79 -12.45 8.91
C ALA G 142 -13.42 -11.93 8.43
N GLY G 143 -12.76 -12.70 7.56
CA GLY G 143 -11.45 -12.31 7.08
C GLY G 143 -10.35 -13.17 7.67
N CYS G 144 -10.72 -14.37 8.06
CA CYS G 144 -9.77 -15.37 8.52
C CYS G 144 -10.07 -16.59 7.66
N THR G 145 -10.39 -16.30 6.40
CA THR G 145 -10.66 -17.32 5.39
C THR G 145 -9.53 -18.32 5.28
N THR G 146 -8.34 -17.81 4.96
CA THR G 146 -7.14 -18.61 4.86
C THR G 146 -7.07 -19.68 5.93
N GLU G 147 -7.38 -19.30 7.17
CA GLU G 147 -7.28 -20.23 8.28
C GLU G 147 -8.62 -20.68 8.88
N ALA G 148 -9.69 -20.58 8.10
CA ALA G 148 -11.05 -20.85 8.59
C ALA G 148 -11.30 -22.25 9.15
N PRO G 149 -11.20 -23.30 8.30
CA PRO G 149 -11.47 -24.66 8.79
C PRO G 149 -10.68 -25.15 10.04
N ALA G 150 -9.55 -24.54 10.37
CA ALA G 150 -8.77 -24.96 11.55
C ALA G 150 -9.14 -24.22 12.85
N LEU G 151 -9.45 -22.94 12.73
CA LEU G 151 -9.97 -22.16 13.86
C LEU G 151 -11.33 -22.70 14.25
N ALA G 152 -12.04 -23.29 13.28
CA ALA G 152 -13.35 -23.91 13.53
C ALA G 152 -13.20 -25.10 14.47
N HIS G 154 -10.68 -25.90 16.55
CA HIS G 154 -10.30 -25.44 17.89
C HIS G 154 -11.44 -24.71 18.63
N LEU G 155 -12.24 -23.95 17.90
CA LEU G 155 -13.40 -23.33 18.52
C LEU G 155 -14.38 -24.42 18.94
N LEU G 156 -14.58 -25.40 18.06
CA LEU G 156 -15.43 -26.56 18.33
C LEU G 156 -14.93 -27.31 19.53
N ALA G 157 -13.61 -27.50 19.57
CA ALA G 157 -12.92 -28.16 20.67
C ALA G 157 -13.19 -27.45 22.01
N ARG G 158 -12.87 -26.16 22.07
CA ARG G 158 -13.04 -25.37 23.28
C ARG G 158 -14.41 -25.61 23.95
N SER G 159 -15.45 -25.74 23.13
CA SER G 159 -16.81 -25.87 23.63
C SER G 159 -17.04 -27.24 24.24
N GLN G 160 -16.42 -28.26 23.67
CA GLN G 160 -16.57 -29.63 24.14
C GLN G 160 -15.79 -29.84 25.44
N GLY G 161 -14.62 -29.21 25.54
CA GLY G 161 -13.84 -29.22 26.77
C GLY G 161 -14.65 -28.60 27.90
N ALA G 162 -15.12 -27.38 27.66
CA ALA G 162 -16.05 -26.74 28.60
C ALA G 162 -17.25 -27.63 28.97
N ALA G 163 -17.94 -28.20 27.98
CA ALA G 163 -19.17 -28.97 28.23
C ALA G 163 -18.93 -30.27 29.02
N THR G 164 -17.81 -30.92 28.77
CA THR G 164 -17.43 -32.12 29.49
C THR G 164 -17.11 -31.84 30.96
N LEU G 165 -16.37 -30.76 31.23
CA LEU G 165 -16.04 -30.41 32.61
C LEU G 165 -17.20 -29.77 33.38
N ALA G 166 -17.97 -28.93 32.72
CA ALA G 166 -19.11 -28.31 33.36
C ALA G 166 -20.05 -29.41 33.83
N GLN G 167 -20.19 -30.42 32.97
CA GLN G 167 -21.04 -31.59 33.19
C GLN G 167 -20.51 -32.47 34.34
N SER G 168 -19.25 -32.89 34.25
CA SER G 168 -18.64 -33.77 35.25
C SER G 168 -18.62 -33.15 36.64
N PHE G 169 -18.50 -31.83 36.67
CA PHE G 169 -18.44 -31.07 37.93
C PHE G 169 -19.80 -30.45 38.25
N HIS G 170 -20.75 -30.60 37.35
CA HIS G 170 -22.06 -29.98 37.51
C HIS G 170 -21.85 -28.51 37.86
N ASP G 171 -21.06 -27.83 37.03
CA ASP G 171 -20.62 -26.47 37.37
C ASP G 171 -20.87 -25.45 36.24
N GLU G 172 -21.91 -24.64 36.37
CA GLU G 172 -22.28 -23.71 35.32
C GLU G 172 -21.35 -22.50 35.30
N GLY G 173 -20.63 -22.31 36.40
CA GLY G 173 -19.71 -21.20 36.55
C GLY G 173 -18.43 -21.50 35.82
N PHE G 174 -18.17 -22.78 35.63
CA PHE G 174 -17.07 -23.15 34.76
C PHE G 174 -17.50 -23.00 33.31
N LEU G 175 -18.79 -23.23 33.05
CA LEU G 175 -19.30 -23.04 31.69
C LEU G 175 -19.34 -21.56 31.39
N ARG G 176 -19.68 -20.76 32.39
CA ARG G 176 -19.70 -19.32 32.23
C ARG G 176 -18.31 -18.76 31.95
N SER G 177 -17.33 -19.17 32.74
CA SER G 177 -15.99 -18.65 32.60
C SER G 177 -15.39 -18.99 31.23
N GLU G 178 -15.77 -20.16 30.70
CA GLU G 178 -15.29 -20.62 29.39
C GLU G 178 -15.94 -19.91 28.20
N VAL G 179 -17.25 -19.70 28.26
CA VAL G 179 -17.93 -19.00 27.17
C VAL G 179 -17.33 -17.62 26.95
N ALA G 180 -17.28 -16.83 28.03
CA ALA G 180 -16.73 -15.47 27.99
C ALA G 180 -15.25 -15.50 27.62
N ASP G 181 -14.53 -16.50 28.12
CA ASP G 181 -13.16 -16.72 27.68
C ASP G 181 -13.11 -16.97 26.18
N HIS G 183 -15.26 -15.72 23.96
CA HIS G 183 -15.50 -14.43 23.34
C HIS G 183 -14.22 -13.59 23.28
N ARG G 184 -13.40 -13.70 24.32
CA ARG G 184 -12.14 -12.95 24.37
C ARG G 184 -11.11 -13.53 23.40
N TRP G 185 -10.98 -14.87 23.41
CA TRP G 185 -10.23 -15.59 22.38
C TRP G 185 -10.58 -15.07 21.00
N LEU G 186 -11.88 -15.14 20.70
CA LEU G 186 -12.41 -14.81 19.39
C LEU G 186 -11.99 -13.41 19.00
N ASP G 187 -12.42 -12.42 19.79
CA ASP G 187 -12.12 -11.02 19.48
C ASP G 187 -10.63 -10.76 19.30
N ASN G 188 -9.80 -11.43 20.09
CA ASN G 188 -8.36 -11.32 19.92
C ASN G 188 -7.82 -12.08 18.70
N THR G 189 -8.70 -12.82 18.04
CA THR G 189 -8.32 -13.54 16.83
C THR G 189 -8.86 -12.84 15.59
N LEU G 190 -10.02 -12.21 15.73
CA LEU G 190 -10.69 -11.56 14.61
C LEU G 190 -10.08 -10.21 14.24
N PRO G 191 -9.30 -10.16 13.15
CA PRO G 191 -9.00 -8.85 12.59
C PRO G 191 -10.34 -8.15 12.34
N THR G 193 -13.32 -4.96 11.60
CA THR G 193 -13.72 -3.93 10.66
C THR G 193 -14.82 -3.14 11.36
N THR G 194 -14.54 -1.88 11.69
CA THR G 194 -15.47 -1.07 12.45
C THR G 194 -16.77 -0.85 11.68
N GLN H 6 -8.31 -67.71 45.13
CA GLN H 6 -9.45 -66.86 45.46
C GLN H 6 -9.16 -65.99 46.67
N ALA H 7 -7.98 -65.38 46.69
CA ALA H 7 -7.59 -64.45 47.75
C ALA H 7 -7.53 -63.01 47.24
N GLN H 8 -6.40 -62.65 46.65
CA GLN H 8 -6.21 -61.30 46.11
C GLN H 8 -6.73 -61.26 44.69
N THR H 9 -7.23 -62.40 44.21
CA THR H 9 -7.67 -62.54 42.82
C THR H 9 -8.88 -61.68 42.54
N ARG H 10 -9.47 -61.13 43.59
CA ARG H 10 -10.48 -60.10 43.45
C ARG H 10 -9.86 -58.93 42.68
N ASP H 11 -8.64 -58.58 43.07
CA ASP H 11 -7.94 -57.47 42.45
C ASP H 11 -7.65 -57.76 40.99
N GLN H 12 -7.68 -59.04 40.62
CA GLN H 12 -7.43 -59.46 39.24
C GLN H 12 -8.65 -59.22 38.37
N ILE H 13 -9.82 -59.52 38.91
CA ILE H 13 -11.08 -59.22 38.21
C ILE H 13 -11.33 -57.71 38.12
N VAL H 14 -10.78 -56.94 39.07
CA VAL H 14 -10.95 -55.49 39.05
C VAL H 14 -10.17 -54.87 37.90
N ALA H 15 -8.93 -55.30 37.72
CA ALA H 15 -8.08 -54.85 36.62
C ALA H 15 -8.70 -55.19 35.26
N ALA H 16 -9.49 -56.26 35.22
CA ALA H 16 -10.11 -56.74 33.98
C ALA H 16 -11.44 -56.02 33.67
N ALA H 17 -12.15 -55.63 34.72
CA ALA H 17 -13.31 -54.74 34.59
C ALA H 17 -12.84 -53.31 34.22
N ASP H 18 -11.65 -52.94 34.70
CA ASP H 18 -11.04 -51.67 34.32
C ASP H 18 -10.83 -51.57 32.81
N GLU H 19 -10.29 -52.63 32.22
CA GLU H 19 -9.98 -52.64 30.79
C GLU H 19 -11.28 -52.57 30.00
N LEU H 20 -12.19 -53.47 30.36
CA LEU H 20 -13.48 -53.62 29.69
C LEU H 20 -14.30 -52.33 29.80
N PHE H 21 -14.40 -51.78 31.02
CA PHE H 21 -15.11 -50.51 31.20
C PHE H 21 -14.54 -49.39 30.31
N TYR H 22 -13.22 -49.25 30.26
CA TYR H 22 -12.57 -48.22 29.43
C TYR H 22 -12.83 -48.45 27.94
N ARG H 23 -12.66 -49.69 27.49
CA ARG H 23 -12.77 -50.01 26.06
C ARG H 23 -14.22 -50.23 25.52
N GLN H 24 -15.16 -50.56 26.41
CA GLN H 24 -16.54 -50.87 26.02
C GLN H 24 -17.61 -49.89 26.55
N GLY H 25 -17.29 -49.18 27.63
CA GLY H 25 -18.29 -48.47 28.42
C GLY H 25 -18.69 -49.33 29.61
N PHE H 26 -19.26 -48.68 30.64
CA PHE H 26 -19.51 -49.35 31.91
C PHE H 26 -20.79 -50.17 31.87
N ALA H 27 -21.83 -49.56 31.32
CA ALA H 27 -23.18 -50.10 31.34
C ALA H 27 -23.36 -51.22 30.31
N GLN H 28 -22.66 -51.11 29.18
CA GLN H 28 -22.70 -52.15 28.16
C GLN H 28 -21.57 -53.16 28.32
N THR H 29 -20.93 -53.18 29.49
CA THR H 29 -20.03 -54.28 29.83
C THR H 29 -20.74 -55.20 30.82
N SER H 30 -20.55 -56.51 30.68
CA SER H 30 -21.25 -57.49 31.51
C SER H 30 -20.32 -58.36 32.33
N PHE H 31 -20.94 -59.18 33.17
CA PHE H 31 -20.23 -60.15 34.00
C PHE H 31 -19.56 -61.22 33.15
N VAL H 32 -20.30 -61.85 32.23
CA VAL H 32 -19.64 -62.80 31.35
C VAL H 32 -18.47 -62.10 30.68
N ASP H 33 -18.72 -60.94 30.07
CA ASP H 33 -17.64 -60.11 29.56
C ASP H 33 -16.46 -60.22 30.52
N ILE H 34 -16.67 -59.72 31.74
CA ILE H 34 -15.61 -59.68 32.73
C ILE H 34 -15.14 -61.08 33.14
N SER H 35 -16.09 -61.99 33.34
CA SER H 35 -15.79 -63.35 33.83
C SER H 35 -14.95 -64.18 32.83
N ALA H 36 -15.19 -63.96 31.55
CA ALA H 36 -14.44 -64.65 30.51
C ALA H 36 -12.99 -64.15 30.45
N ALA H 37 -12.82 -62.84 30.62
CA ALA H 37 -11.51 -62.20 30.49
C ALA H 37 -10.44 -62.85 31.37
N VAL H 38 -10.78 -63.03 32.64
CA VAL H 38 -9.88 -63.70 33.57
C VAL H 38 -10.00 -65.22 33.39
N GLY H 39 -11.22 -65.68 33.18
CA GLY H 39 -11.51 -67.09 33.07
C GLY H 39 -12.18 -67.61 34.32
N ILE H 40 -13.51 -67.57 34.34
CA ILE H 40 -14.28 -68.08 35.47
C ILE H 40 -15.71 -68.50 35.10
N SER H 41 -16.36 -69.18 36.04
CA SER H 41 -17.70 -69.68 35.84
C SER H 41 -18.70 -68.93 36.74
N ARG H 42 -19.99 -69.25 36.59
CA ARG H 42 -21.06 -68.60 37.36
C ARG H 42 -20.71 -68.48 38.84
N GLY H 43 -20.41 -69.62 39.47
CA GLY H 43 -20.04 -69.62 40.88
C GLY H 43 -18.68 -68.99 41.16
N ASN H 44 -17.75 -69.23 40.26
CA ASN H 44 -16.42 -68.67 40.41
C ASN H 44 -16.46 -67.13 40.41
N PHE H 45 -17.43 -66.57 39.70
CA PHE H 45 -17.55 -65.10 39.57
C PHE H 45 -18.25 -64.47 40.78
N TYR H 46 -19.48 -64.92 41.04
CA TYR H 46 -20.31 -64.34 42.10
C TYR H 46 -19.64 -64.36 43.49
N TYR H 47 -18.59 -65.16 43.63
CA TYR H 47 -17.80 -65.20 44.86
C TYR H 47 -17.41 -63.78 45.27
N HIS H 48 -16.57 -63.15 44.45
CA HIS H 48 -16.02 -61.84 44.78
C HIS H 48 -16.99 -60.69 44.51
N PHE H 49 -17.86 -60.86 43.52
CA PHE H 49 -18.78 -59.77 43.16
C PHE H 49 -20.22 -60.18 42.85
N LYS H 50 -21.16 -59.42 43.40
CA LYS H 50 -22.57 -59.68 43.20
C LYS H 50 -23.23 -58.67 42.25
N THR H 51 -22.72 -57.44 42.20
CA THR H 51 -23.32 -56.41 41.34
C THR H 51 -22.26 -55.66 40.53
N LYS H 52 -22.72 -54.99 39.48
CA LYS H 52 -21.85 -54.19 38.65
C LYS H 52 -21.34 -52.94 39.36
N ASP H 53 -22.18 -52.32 40.18
CA ASP H 53 -21.78 -51.09 40.88
C ASP H 53 -20.66 -51.42 41.85
N GLU H 54 -20.63 -52.67 42.29
CA GLU H 54 -19.57 -53.19 43.16
C GLU H 54 -18.20 -53.15 42.49
N ILE H 55 -18.14 -53.76 41.31
CA ILE H 55 -16.92 -53.79 40.52
C ILE H 55 -16.49 -52.36 40.16
N LEU H 56 -17.45 -51.51 39.79
CA LEU H 56 -17.16 -50.12 39.43
C LEU H 56 -16.49 -49.33 40.56
N ALA H 57 -16.99 -49.53 41.78
CA ALA H 57 -16.39 -48.89 42.93
C ALA H 57 -14.89 -49.19 42.98
N GLU H 58 -14.52 -50.47 42.84
CA GLU H 58 -13.11 -50.87 42.91
C GLU H 58 -12.27 -50.44 41.69
N VAL H 59 -12.87 -50.40 40.50
CA VAL H 59 -12.12 -49.91 39.34
C VAL H 59 -11.81 -48.42 39.55
N ILE H 60 -12.77 -47.67 40.06
CA ILE H 60 -12.56 -46.25 40.28
C ILE H 60 -11.45 -46.02 41.32
N ARG H 61 -11.52 -46.73 42.45
CA ARG H 61 -10.41 -46.75 43.40
C ARG H 61 -9.10 -47.02 42.67
N LEU H 62 -9.07 -48.14 41.98
CA LEU H 62 -7.90 -48.55 41.21
C LEU H 62 -7.34 -47.42 40.34
N ARG H 63 -8.23 -46.77 39.57
CA ARG H 63 -7.87 -45.75 38.59
C ARG H 63 -7.32 -44.46 39.23
N LEU H 64 -7.86 -44.12 40.39
CA LEU H 64 -7.40 -42.95 41.12
C LEU H 64 -5.95 -43.15 41.47
N ALA H 65 -5.64 -44.38 41.89
CA ALA H 65 -4.28 -44.84 42.16
C ALA H 65 -3.40 -44.79 40.91
N ARG H 66 -3.81 -45.49 39.86
CA ARG H 66 -3.13 -45.45 38.56
C ARG H 66 -2.82 -44.01 38.16
N THR H 67 -3.55 -43.07 38.75
CA THR H 67 -3.49 -41.68 38.33
C THR H 67 -2.68 -40.80 39.27
N ALA H 68 -2.54 -41.19 40.53
CA ALA H 68 -1.65 -40.48 41.43
C ALA H 68 -0.21 -41.04 41.30
N GLN H 69 -0.09 -42.36 41.37
CA GLN H 69 1.19 -43.03 41.10
C GLN H 69 1.77 -42.57 39.77
N LEU H 71 0.82 -39.77 38.31
CA LEU H 71 1.06 -38.33 38.50
C LEU H 71 2.31 -38.15 39.32
N ALA H 72 2.94 -39.27 39.70
CA ALA H 72 4.20 -39.23 40.43
C ALA H 72 5.37 -39.21 39.46
N ASP H 73 5.43 -40.23 38.61
CA ASP H 73 6.50 -40.32 37.63
C ASP H 73 6.61 -39.04 36.81
N TRP H 74 5.57 -38.21 36.88
CA TRP H 74 5.60 -36.89 36.24
C TRP H 74 6.31 -35.88 37.13
N GLN H 75 5.99 -35.90 38.42
CA GLN H 75 6.69 -35.07 39.40
C GLN H 75 8.13 -35.60 39.55
N GLY H 76 8.32 -36.87 39.20
CA GLY H 76 9.62 -37.49 39.27
C GLY H 76 10.46 -37.18 38.05
N THR H 77 10.38 -38.04 37.04
CA THR H 77 11.22 -37.96 35.85
C THR H 77 11.39 -36.54 35.33
N GLY H 78 10.30 -35.79 35.26
CA GLY H 78 10.38 -34.39 34.89
C GLY H 78 11.08 -33.61 35.98
N ASP H 79 12.07 -32.82 35.58
CA ASP H 79 12.90 -32.09 36.55
C ASP H 79 12.59 -30.59 36.56
N SER H 80 11.46 -30.22 35.97
CA SER H 80 11.03 -28.81 35.90
C SER H 80 9.57 -28.67 36.35
N PRO H 81 9.10 -27.42 36.46
CA PRO H 81 7.68 -27.19 36.74
C PRO H 81 6.91 -27.53 35.48
N ARG H 82 7.32 -26.91 34.39
CA ARG H 82 6.74 -27.14 33.07
C ARG H 82 7.05 -28.54 32.53
N ALA H 83 8.15 -29.14 32.98
CA ALA H 83 8.43 -30.53 32.61
C ALA H 83 7.33 -31.47 33.15
N ARG H 84 6.67 -31.01 34.20
CA ARG H 84 5.68 -31.83 34.86
C ARG H 84 4.30 -31.53 34.29
N ILE H 85 4.10 -30.31 33.80
CA ILE H 85 2.87 -29.96 33.10
C ILE H 85 2.89 -30.56 31.70
N ALA H 86 4.06 -30.60 31.08
CA ALA H 86 4.20 -31.16 29.74
C ALA H 86 4.01 -32.67 29.73
N SER H 87 4.23 -33.31 30.88
CA SER H 87 4.03 -34.74 31.00
C SER H 87 2.54 -35.05 30.88
N PHE H 88 1.71 -34.14 31.37
CA PHE H 88 0.27 -34.28 31.27
C PHE H 88 -0.20 -34.05 29.83
N ILE H 89 0.22 -32.92 29.27
CA ILE H 89 -0.20 -32.50 27.94
C ILE H 89 0.22 -33.52 26.88
N ASP H 90 1.39 -34.10 27.05
CA ASP H 90 1.91 -35.04 26.07
C ASP H 90 1.44 -36.47 26.30
N LEU H 91 0.75 -36.71 27.41
CA LEU H 91 0.17 -38.02 27.66
C LEU H 91 -0.81 -38.37 26.53
N ILE H 93 -0.30 -37.47 23.35
CA ILE H 93 0.54 -37.94 22.25
C ILE H 93 0.92 -39.39 22.56
N ASN H 95 -0.67 -41.59 24.45
CA ASN H 95 -1.85 -42.47 24.35
C ASN H 95 -2.82 -42.15 23.21
N ARG H 96 -2.28 -41.67 22.10
CA ARG H 96 -3.06 -41.09 21.00
C ARG H 96 -3.99 -42.08 20.26
N ALA H 97 -3.55 -43.33 20.14
CA ALA H 97 -4.37 -44.36 19.52
C ALA H 97 -5.54 -44.76 20.43
N LYS H 98 -5.25 -44.99 21.70
CA LYS H 98 -6.30 -45.34 22.65
C LYS H 98 -7.31 -44.20 22.78
N ILE H 99 -6.82 -42.96 22.80
CA ILE H 99 -7.70 -41.80 22.89
C ILE H 99 -8.61 -41.63 21.67
N THR H 100 -8.03 -41.82 20.49
CA THR H 100 -8.80 -41.62 19.26
C THR H 100 -9.90 -42.65 19.11
N ARG H 101 -9.66 -43.86 19.62
CA ARG H 101 -10.66 -44.91 19.54
C ARG H 101 -11.65 -44.90 20.71
N TYR H 102 -11.12 -44.72 21.92
CA TYR H 102 -11.91 -44.92 23.13
C TYR H 102 -12.20 -43.67 23.92
N GLY H 103 -11.63 -42.55 23.49
CA GLY H 103 -11.75 -41.30 24.22
C GLY H 103 -10.82 -41.27 25.44
N CYS H 104 -10.85 -40.17 26.18
CA CYS H 104 -10.10 -40.08 27.41
C CYS H 104 -10.63 -41.13 28.37
N PRO H 105 -9.74 -41.80 29.12
CA PRO H 105 -10.22 -42.74 30.14
C PRO H 105 -11.08 -42.07 31.19
N VAL H 106 -10.62 -40.95 31.73
CA VAL H 106 -11.35 -40.27 32.79
C VAL H 106 -12.65 -39.64 32.24
N GLY H 107 -12.51 -38.87 31.17
CA GLY H 107 -13.64 -38.15 30.63
C GLY H 107 -14.78 -39.01 30.17
N SER H 108 -14.50 -40.06 29.41
CA SER H 108 -15.57 -40.91 28.87
C SER H 108 -16.29 -41.66 29.99
N LEU H 109 -15.58 -41.96 31.07
CA LEU H 109 -16.22 -42.57 32.24
C LEU H 109 -17.13 -41.57 32.93
N CYS H 110 -16.58 -40.40 33.25
CA CYS H 110 -17.32 -39.37 33.97
C CYS H 110 -18.57 -38.90 33.22
N THR H 111 -18.48 -38.75 31.90
CA THR H 111 -19.65 -38.37 31.11
C THR H 111 -20.66 -39.51 31.01
N GLU H 112 -20.20 -40.73 30.84
CA GLU H 112 -21.14 -41.85 30.84
C GLU H 112 -21.88 -41.94 32.17
N LEU H 113 -21.15 -41.78 33.26
CA LEU H 113 -21.75 -41.85 34.60
C LEU H 113 -22.69 -40.70 34.83
N SER H 114 -22.37 -39.54 34.24
CA SER H 114 -23.18 -38.33 34.41
C SER H 114 -24.52 -38.47 33.68
N LYS H 115 -24.45 -38.95 32.43
CA LYS H 115 -25.66 -39.27 31.66
C LYS H 115 -26.54 -40.31 32.38
N LEU H 116 -25.94 -41.43 32.76
CA LEU H 116 -26.65 -42.47 33.49
C LEU H 116 -27.30 -41.89 34.74
N ASP H 117 -26.70 -40.81 35.25
CA ASP H 117 -27.09 -40.25 36.53
C ASP H 117 -26.68 -41.21 37.64
N HIS H 118 -25.50 -41.82 37.46
CA HIS H 118 -25.03 -42.85 38.37
C HIS H 118 -24.48 -42.29 39.69
N ALA H 119 -24.74 -43.04 40.77
CA ALA H 119 -24.37 -42.66 42.12
C ALA H 119 -22.88 -42.42 42.29
N ALA H 120 -22.08 -43.12 41.48
CA ALA H 120 -20.62 -43.01 41.59
C ALA H 120 -19.95 -41.91 40.76
N GLN H 121 -20.72 -41.07 40.06
CA GLN H 121 -20.13 -40.00 39.25
C GLN H 121 -19.22 -39.13 40.11
N GLY H 122 -19.56 -39.00 41.39
CA GLY H 122 -18.72 -38.27 42.32
C GLY H 122 -17.33 -38.86 42.40
N GLN H 123 -17.27 -40.18 42.60
CA GLN H 123 -16.00 -40.89 42.70
C GLN H 123 -15.19 -40.82 41.38
N ALA H 124 -15.87 -41.07 40.26
CA ALA H 124 -15.28 -40.96 38.93
C ALA H 124 -14.66 -39.59 38.70
N ASN H 125 -15.35 -38.55 39.18
CA ASN H 125 -14.94 -37.18 38.97
C ASN H 125 -13.68 -36.82 39.77
N GLY H 126 -13.32 -37.70 40.71
CA GLY H 126 -12.13 -37.54 41.53
C GLY H 126 -10.82 -37.76 40.80
N LEU H 127 -10.88 -38.53 39.72
CA LEU H 127 -9.79 -38.64 38.78
C LEU H 127 -9.50 -37.28 38.12
N PHE H 128 -10.56 -36.62 37.64
CA PHE H 128 -10.46 -35.23 37.18
C PHE H 128 -9.92 -34.36 38.31
N THR H 129 -10.56 -34.45 39.48
CA THR H 129 -10.14 -33.69 40.67
C THR H 129 -8.66 -33.90 40.96
N LEU H 130 -8.23 -35.15 40.95
CA LEU H 130 -6.82 -35.50 41.06
C LEU H 130 -6.04 -34.62 40.08
N PHE H 131 -6.04 -35.01 38.80
CA PHE H 131 -5.30 -34.26 37.79
C PHE H 131 -5.33 -32.77 38.07
N ARG H 132 -6.46 -32.27 38.58
CA ARG H 132 -6.66 -30.84 38.77
C ARG H 132 -5.75 -30.26 39.85
N ASP H 133 -5.76 -30.86 41.02
CA ASP H 133 -4.96 -30.39 42.14
C ASP H 133 -3.47 -30.52 41.85
N TRP H 134 -3.12 -31.46 40.98
CA TRP H 134 -1.73 -31.71 40.60
C TRP H 134 -1.18 -30.65 39.62
N LEU H 135 -1.95 -30.36 38.59
CA LEU H 135 -1.60 -29.31 37.64
C LEU H 135 -1.62 -27.98 38.36
N GLN H 136 -2.33 -27.92 39.48
CA GLN H 136 -2.45 -26.68 40.20
C GLN H 136 -1.17 -26.49 41.00
N ARG H 137 -0.58 -27.59 41.43
CA ARG H 137 0.73 -27.55 42.09
C ARG H 137 1.79 -27.05 41.10
N GLN H 138 1.76 -27.60 39.89
CA GLN H 138 2.69 -27.18 38.83
C GLN H 138 2.51 -25.71 38.45
N PHE H 139 1.26 -25.27 38.27
CA PHE H 139 1.00 -23.88 37.94
C PHE H 139 1.51 -22.94 39.00
N ALA H 140 1.19 -23.24 40.26
CA ALA H 140 1.74 -22.49 41.38
C ALA H 140 3.26 -22.43 41.24
N GLU H 141 3.89 -23.60 41.34
CA GLU H 141 5.33 -23.74 41.24
C GLU H 141 5.91 -23.12 39.97
N ALA H 142 5.52 -23.65 38.80
CA ALA H 142 5.93 -23.12 37.51
C ALA H 142 6.07 -21.58 37.47
N GLY H 143 5.22 -20.89 38.23
CA GLY H 143 5.38 -19.45 38.40
C GLY H 143 4.12 -18.61 38.46
N CYS H 144 2.99 -19.22 38.83
CA CYS H 144 1.80 -18.44 39.10
C CYS H 144 0.93 -19.10 40.18
N THR H 145 0.97 -18.53 41.38
CA THR H 145 0.21 -19.03 42.53
C THR H 145 -1.24 -18.54 42.54
N THR H 146 -1.49 -17.37 41.96
CA THR H 146 -2.79 -16.74 42.01
C THR H 146 -3.75 -17.30 40.99
N GLU H 147 -3.22 -17.75 39.85
CA GLU H 147 -4.08 -18.17 38.77
C GLU H 147 -4.14 -19.68 38.58
N ALA H 148 -3.36 -20.42 39.36
CA ALA H 148 -3.27 -21.87 39.15
C ALA H 148 -4.63 -22.60 38.97
N PRO H 149 -5.64 -22.29 39.83
CA PRO H 149 -6.96 -22.93 39.76
C PRO H 149 -7.67 -22.89 38.39
N ALA H 150 -7.94 -21.68 37.89
CA ALA H 150 -8.74 -21.52 36.68
C ALA H 150 -8.00 -21.98 35.43
N LEU H 151 -6.69 -21.73 35.42
CA LEU H 151 -5.84 -22.18 34.31
C LEU H 151 -5.79 -23.70 34.31
N ALA H 152 -5.91 -24.29 35.50
CA ALA H 152 -5.98 -25.74 35.63
C ALA H 152 -7.27 -26.22 35.01
N HIS H 154 -9.26 -24.68 32.95
CA HIS H 154 -9.21 -24.38 31.52
C HIS H 154 -8.43 -25.40 30.67
N LEU H 155 -7.20 -25.71 31.06
CA LEU H 155 -6.37 -26.62 30.29
C LEU H 155 -6.91 -28.03 30.39
N LEU H 156 -7.38 -28.41 31.57
CA LEU H 156 -8.11 -29.66 31.73
C LEU H 156 -9.26 -29.68 30.72
N ALA H 157 -9.93 -28.53 30.59
CA ALA H 157 -10.99 -28.38 29.61
C ALA H 157 -10.41 -28.54 28.22
N ARG H 158 -9.36 -27.80 27.90
CA ARG H 158 -8.73 -27.89 26.58
C ARG H 158 -8.58 -29.34 26.15
N SER H 159 -8.03 -30.13 27.06
CA SER H 159 -7.57 -31.46 26.73
C SER H 159 -8.74 -32.41 26.50
N GLN H 160 -9.86 -32.14 27.14
CA GLN H 160 -11.06 -32.95 26.97
C GLN H 160 -11.75 -32.61 25.63
N GLY H 161 -11.72 -31.34 25.26
CA GLY H 161 -12.28 -30.87 23.99
C GLY H 161 -11.55 -31.44 22.79
N ALA H 162 -10.23 -31.58 22.93
CA ALA H 162 -9.39 -32.20 21.92
C ALA H 162 -9.59 -33.73 21.84
N ALA H 163 -9.68 -34.40 22.99
CA ALA H 163 -9.94 -35.84 23.03
C ALA H 163 -11.34 -36.12 22.51
N THR H 164 -12.30 -35.32 22.96
CA THR H 164 -13.67 -35.50 22.50
C THR H 164 -13.77 -35.41 20.98
N LEU H 165 -13.29 -34.34 20.37
CA LEU H 165 -13.35 -34.22 18.91
C LEU H 165 -12.53 -35.33 18.24
N ALA H 166 -11.38 -35.63 18.82
CA ALA H 166 -10.48 -36.63 18.28
C ALA H 166 -11.14 -38.01 18.21
N GLN H 167 -11.81 -38.41 19.28
CA GLN H 167 -12.45 -39.72 19.36
C GLN H 167 -13.58 -39.88 18.35
N SER H 168 -14.28 -38.78 18.13
CA SER H 168 -15.50 -38.76 17.32
C SER H 168 -15.20 -38.71 15.81
N PHE H 169 -14.14 -37.99 15.44
CA PHE H 169 -13.67 -37.94 14.05
C PHE H 169 -12.64 -39.02 13.75
N HIS H 170 -12.40 -39.92 14.71
CA HIS H 170 -11.28 -40.83 14.61
C HIS H 170 -10.09 -40.08 14.03
N ASP H 171 -9.78 -38.94 14.63
CA ASP H 171 -8.84 -37.99 14.02
C ASP H 171 -7.61 -37.81 14.91
N GLU H 172 -6.60 -38.64 14.66
CA GLU H 172 -5.41 -38.62 15.49
C GLU H 172 -4.64 -37.33 15.21
N GLY H 173 -4.88 -36.78 14.02
CA GLY H 173 -4.21 -35.58 13.56
C GLY H 173 -4.56 -34.41 14.44
N PHE H 174 -5.85 -34.24 14.68
CA PHE H 174 -6.34 -33.16 15.51
C PHE H 174 -5.70 -33.19 16.89
N LEU H 175 -5.57 -34.38 17.48
CA LEU H 175 -5.01 -34.48 18.82
C LEU H 175 -3.61 -33.83 18.81
N ARG H 176 -2.94 -33.92 17.67
CA ARG H 176 -1.62 -33.29 17.50
C ARG H 176 -1.72 -31.78 17.29
N SER H 177 -2.66 -31.38 16.44
CA SER H 177 -2.94 -29.97 16.21
C SER H 177 -3.21 -29.32 17.55
N GLU H 178 -4.03 -30.01 18.34
CA GLU H 178 -4.43 -29.52 19.66
C GLU H 178 -3.33 -29.46 20.70
N VAL H 179 -2.59 -30.55 20.90
CA VAL H 179 -1.54 -30.56 21.89
C VAL H 179 -0.51 -29.48 21.54
N ALA H 180 -0.37 -29.21 20.24
CA ALA H 180 0.52 -28.15 19.78
C ALA H 180 -0.01 -26.75 20.13
N ASP H 181 -1.33 -26.62 20.13
CA ASP H 181 -1.99 -25.37 20.51
C ASP H 181 -1.93 -25.21 22.03
N HIS H 183 0.49 -26.18 23.73
CA HIS H 183 1.88 -25.82 23.99
C HIS H 183 2.16 -24.35 23.71
N ARG H 184 1.71 -23.86 22.56
CA ARG H 184 1.84 -22.45 22.23
C ARG H 184 1.17 -21.63 23.31
N TRP H 185 -0.06 -22.01 23.64
CA TRP H 185 -0.80 -21.33 24.70
C TRP H 185 -0.04 -21.34 26.02
N LEU H 186 0.49 -22.52 26.38
CA LEU H 186 1.26 -22.66 27.62
C LEU H 186 2.43 -21.68 27.64
N ASP H 187 3.11 -21.53 26.51
CA ASP H 187 4.21 -20.60 26.38
C ASP H 187 3.78 -19.20 26.75
N ASN H 188 2.73 -18.74 26.09
CA ASN H 188 2.24 -17.38 26.28
C ASN H 188 1.56 -17.21 27.63
N THR H 189 1.94 -18.07 28.57
CA THR H 189 1.35 -18.05 29.90
C THR H 189 2.43 -18.12 30.99
N LEU H 190 3.23 -19.18 30.96
CA LEU H 190 4.30 -19.41 31.95
C LEU H 190 5.37 -18.34 31.91
N PRO H 191 6.16 -18.24 33.00
CA PRO H 191 7.32 -17.37 33.09
C PRO H 191 8.61 -18.14 32.87
N THR H 193 12.14 -19.68 33.76
CA THR H 193 12.95 -20.03 34.91
C THR H 193 14.26 -20.64 34.44
#